data_8FLY
#
_entry.id   8FLY
#
_cell.length_a   71.790
_cell.length_b   120.780
_cell.length_c   194.900
_cell.angle_alpha   90.000
_cell.angle_beta   90.000
_cell.angle_gamma   90.000
#
_symmetry.space_group_name_H-M   'P 21 21 21'
#
loop_
_entity.id
_entity.type
_entity.pdbx_description
1 polymer 'Envelope glycoprotein gp120'
2 non-polymer 2-acetamido-2-deoxy-beta-D-glucopyranose
3 non-polymer "~{N}'-[(1~{R},2~{R})-2-(carbamimidamidomethyl)-5-(methylaminomethyl)-2,3-dihydro-1~{H}-inden-1-yl]-~{N}-(4-chloranyl-3-fluoranyl-phenyl)ethanediamide"
4 water water
#
_entity_poly.entity_id   1
_entity_poly.type   'polypeptide(L)'
_entity_poly.pdbx_seq_one_letter_code
;VWKEAKTTLFCASDAKAYEKEVHNVWATHACVPTDPNPQEMVLANVTENFNMWKNDMVEQMHEDIISLWDESLKPCVKLT
GGSAITQACPKVSFDPIPLHYCAPAGFAILKCNNKTFNGTGPCRNVSTVQCTHGIKPVVSTQLLLNGSLAEEEIIIRSEN
LTNNAKTIIVHLNESVNIVCTRPNNGGSGSGGNIRQAHCNINESKWNNTLQKVGEELAKHFPSKTIKFEPSSGGDLEITT
HSFNCRGEFFYCNTSDLFNGTYRNGTYNHTGRSSNGTITLQCKIKQIINMWQEVGRAIYAPPIEGEITCNSNITGLLLLR
DGGQSNETNDTETFRPGGGDMRDNWRSELYKYKVVEIK
;
_entity_poly.pdbx_strand_id   A,B,C,D
#
# COMPACT_ATOMS: atom_id res chain seq x y z
N LYS A 6 49.18 20.17 -22.15
CA LYS A 6 49.96 20.86 -23.18
C LYS A 6 51.43 21.12 -22.74
N THR A 7 51.66 21.06 -21.42
CA THR A 7 52.94 21.34 -20.77
C THR A 7 52.98 20.49 -19.49
N THR A 8 54.10 20.50 -18.76
CA THR A 8 54.16 19.75 -17.52
C THR A 8 53.82 20.66 -16.33
N LEU A 9 52.86 20.23 -15.50
CA LEU A 9 52.42 20.99 -14.35
C LEU A 9 53.22 20.65 -13.11
N PHE A 10 53.11 21.50 -12.10
CA PHE A 10 53.70 21.20 -10.81
C PHE A 10 52.58 21.14 -9.76
N CYS A 11 52.86 20.46 -8.65
CA CYS A 11 51.90 20.37 -7.58
C CYS A 11 52.27 21.30 -6.45
N ALA A 12 51.25 21.85 -5.81
CA ALA A 12 51.37 22.59 -4.56
C ALA A 12 50.62 21.80 -3.50
N SER A 13 51.16 21.78 -2.29
CA SER A 13 50.52 21.06 -1.22
C SER A 13 50.75 21.83 0.05
N ASP A 14 50.08 21.41 1.11
CA ASP A 14 50.18 22.09 2.39
C ASP A 14 50.86 21.17 3.39
N ALA A 15 51.78 20.34 2.91
CA ALA A 15 52.41 19.32 3.74
C ALA A 15 53.52 19.89 4.63
N LYS A 16 53.82 19.18 5.72
CA LYS A 16 54.92 19.55 6.61
C LYS A 16 56.08 18.59 6.39
N ALA A 17 57.29 19.12 6.50
CA ALA A 17 58.45 18.24 6.53
C ALA A 17 58.58 17.41 7.80
N TYR A 18 57.60 17.46 8.72
CA TYR A 18 57.74 16.81 10.03
C TYR A 18 56.68 15.76 10.30
N GLU A 19 55.64 15.68 9.46
CA GLU A 19 54.84 14.48 9.43
C GLU A 19 55.72 13.36 8.91
N LYS A 20 55.64 12.20 9.55
CA LYS A 20 56.06 11.00 8.86
C LYS A 20 54.94 10.37 8.05
N GLU A 21 53.77 10.99 8.01
CA GLU A 21 52.74 10.49 7.12
C GLU A 21 53.28 10.58 5.70
N VAL A 22 53.09 9.50 4.94
CA VAL A 22 53.87 9.36 3.71
C VAL A 22 53.40 10.31 2.61
N HIS A 23 52.12 10.68 2.56
CA HIS A 23 51.74 11.72 1.60
C HIS A 23 52.47 13.01 1.89
N ASN A 24 52.58 13.38 3.17
CA ASN A 24 53.31 14.59 3.54
C ASN A 24 54.77 14.51 3.10
N VAL A 25 55.44 13.39 3.37
CA VAL A 25 56.85 13.24 2.98
C VAL A 25 56.99 13.39 1.48
N TRP A 26 56.17 12.66 0.73
CA TRP A 26 56.30 12.73 -0.72
C TRP A 26 56.09 14.14 -1.19
N ALA A 27 55.07 14.82 -0.66
CA ALA A 27 54.71 16.15 -1.14
C ALA A 27 55.78 17.17 -0.79
N THR A 28 56.41 17.05 0.38
CA THR A 28 57.48 18.00 0.69
C THR A 28 58.67 17.79 -0.24
N HIS A 29 58.90 16.57 -0.72
CA HIS A 29 59.95 16.44 -1.74
C HIS A 29 59.50 16.88 -3.12
N ALA A 30 58.20 16.76 -3.44
CA ALA A 30 57.77 16.84 -4.82
C ALA A 30 56.96 18.08 -5.16
N CYS A 31 56.43 18.78 -4.16
CA CYS A 31 55.52 19.88 -4.39
C CYS A 31 56.05 21.15 -3.74
N VAL A 32 55.53 22.28 -4.19
CA VAL A 32 55.91 23.58 -3.64
C VAL A 32 54.78 23.98 -2.71
N PRO A 33 54.97 24.95 -1.81
CA PRO A 33 53.86 25.32 -0.94
C PRO A 33 52.79 26.08 -1.71
N THR A 34 51.60 26.11 -1.12
CA THR A 34 50.44 26.69 -1.76
C THR A 34 50.41 28.21 -1.58
N ASP A 35 49.86 28.90 -2.57
CA ASP A 35 49.61 30.33 -2.46
C ASP A 35 48.55 30.62 -1.40
N PRO A 36 48.84 31.49 -0.45
CA PRO A 36 47.84 31.81 0.59
C PRO A 36 46.65 32.55 0.01
N ASN A 37 46.80 33.35 -1.05
CA ASN A 37 45.64 33.78 -1.82
C ASN A 37 45.90 33.45 -3.29
N PRO A 38 45.22 32.44 -3.84
CA PRO A 38 45.25 32.24 -5.29
C PRO A 38 44.54 33.39 -5.97
N GLN A 39 44.99 33.68 -7.20
CA GLN A 39 44.30 34.57 -8.12
C GLN A 39 43.21 33.79 -8.87
N GLU A 40 42.10 34.47 -9.19
CA GLU A 40 41.09 33.91 -10.07
C GLU A 40 40.44 35.00 -10.92
N MET A 41 40.24 34.70 -12.20
CA MET A 41 39.75 35.65 -13.21
C MET A 41 38.54 35.06 -13.92
N VAL A 42 37.34 35.30 -13.38
CA VAL A 42 36.08 35.22 -14.14
C VAL A 42 36.19 35.74 -15.56
N LEU A 43 35.33 35.18 -16.43
CA LEU A 43 35.16 35.51 -17.83
C LEU A 43 33.84 34.89 -18.35
N ALA A 44 32.66 35.41 -17.94
CA ALA A 44 31.35 34.78 -18.25
C ALA A 44 30.90 34.93 -19.72
N ASN A 45 31.62 35.69 -20.54
CA ASN A 45 31.32 35.78 -21.96
C ASN A 45 31.95 34.62 -22.76
N VAL A 46 33.07 34.06 -22.26
CA VAL A 46 34.07 33.43 -23.12
C VAL A 46 33.53 32.19 -23.83
N THR A 47 33.00 31.24 -23.05
CA THR A 47 32.61 29.92 -23.54
C THR A 47 33.78 29.15 -24.17
N GLU A 48 34.18 28.06 -23.49
CA GLU A 48 35.17 27.14 -24.03
C GLU A 48 34.75 25.69 -23.84
N ASN A 49 35.49 24.83 -24.53
CA ASN A 49 35.21 23.41 -24.64
C ASN A 49 36.12 22.62 -23.71
N PHE A 50 35.54 21.70 -22.95
CA PHE A 50 36.31 20.80 -22.12
C PHE A 50 35.99 19.37 -22.52
N ASN A 51 36.91 18.45 -22.22
CA ASN A 51 36.62 17.03 -22.36
C ASN A 51 37.37 16.29 -21.26
N MET A 52 36.65 15.94 -20.19
CA MET A 52 37.29 15.34 -19.03
C MET A 52 37.87 13.97 -19.37
N TRP A 53 37.44 13.37 -20.48
CA TRP A 53 37.87 12.04 -20.83
C TRP A 53 39.16 12.03 -21.62
N LYS A 54 39.60 13.18 -22.10
CA LYS A 54 40.89 13.34 -22.78
C LYS A 54 41.48 14.61 -22.19
N ASN A 55 42.16 14.46 -21.07
CA ASN A 55 42.62 15.59 -20.27
C ASN A 55 43.98 15.18 -19.76
N ASP A 56 45.01 15.88 -20.20
CA ASP A 56 46.35 15.42 -19.87
C ASP A 56 46.69 15.68 -18.42
N MET A 57 45.95 16.56 -17.76
CA MET A 57 46.11 16.71 -16.32
C MET A 57 45.89 15.36 -15.62
N VAL A 58 44.96 14.56 -16.12
CA VAL A 58 44.68 13.26 -15.51
C VAL A 58 45.91 12.37 -15.60
N GLU A 59 46.61 12.42 -16.73
CA GLU A 59 47.81 11.59 -16.92
C GLU A 59 48.95 12.03 -16.03
N GLN A 60 49.24 13.35 -15.97
CA GLN A 60 50.19 13.76 -14.93
C GLN A 60 49.80 13.39 -13.52
N MET A 61 48.56 13.64 -13.10
CA MET A 61 48.26 13.25 -11.72
C MET A 61 48.46 11.76 -11.51
N HIS A 62 48.06 10.95 -12.49
CA HIS A 62 48.23 9.50 -12.40
C HIS A 62 49.68 9.14 -12.18
N GLU A 63 50.57 9.76 -12.97
CA GLU A 63 51.99 9.45 -12.84
C GLU A 63 52.50 9.84 -11.47
N ASP A 64 52.07 11.01 -10.98
CA ASP A 64 52.46 11.45 -9.64
C ASP A 64 52.05 10.44 -8.59
N ILE A 65 50.78 10.01 -8.62
CA ILE A 65 50.28 9.14 -7.55
C ILE A 65 50.93 7.77 -7.64
N ILE A 66 51.20 7.28 -8.86
CA ILE A 66 52.00 6.06 -8.96
C ILE A 66 53.32 6.24 -8.26
N SER A 67 53.96 7.40 -8.47
CA SER A 67 55.26 7.63 -7.84
C SER A 67 55.13 7.69 -6.32
N LEU A 68 54.11 8.40 -5.84
CA LEU A 68 53.82 8.49 -4.41
C LEU A 68 53.68 7.12 -3.79
N TRP A 69 52.86 6.26 -4.42
CA TRP A 69 52.64 4.93 -3.85
C TRP A 69 53.89 4.08 -3.93
N ASP A 70 54.72 4.29 -4.96
CA ASP A 70 55.95 3.51 -5.09
C ASP A 70 56.94 3.87 -4.00
N GLU A 71 56.99 5.13 -3.60
CA GLU A 71 57.89 5.52 -2.53
C GLU A 71 57.31 5.32 -1.14
N SER A 72 55.99 5.23 -1.01
CA SER A 72 55.34 5.25 0.30
C SER A 72 54.81 3.90 0.74
N LEU A 73 54.16 3.15 -0.15
CA LEU A 73 53.58 1.86 0.18
C LEU A 73 54.38 0.77 -0.52
N LYS A 74 55.61 0.60 -0.10
CA LYS A 74 56.45 -0.43 -0.69
C LYS A 74 55.96 -1.81 -0.29
N PRO A 75 55.78 -2.72 -1.22
CA PRO A 75 55.38 -4.08 -0.88
C PRO A 75 56.59 -4.92 -0.50
N CYS A 76 56.32 -5.95 0.31
CA CYS A 76 57.39 -6.89 0.60
C CYS A 76 57.83 -7.58 -0.67
N VAL A 77 56.89 -7.90 -1.56
CA VAL A 77 57.19 -8.55 -2.83
C VAL A 77 56.37 -7.87 -3.90
N LYS A 78 56.97 -7.56 -5.03
CA LYS A 78 56.24 -7.11 -6.20
C LYS A 78 56.48 -8.13 -7.30
N LEU A 79 55.41 -8.69 -7.85
CA LEU A 79 55.50 -9.57 -9.01
C LEU A 79 54.97 -8.86 -10.23
N THR A 80 55.84 -8.53 -11.17
CA THR A 80 55.42 -8.01 -12.47
C THR A 80 56.03 -8.87 -13.55
N GLY A 81 55.18 -9.52 -14.33
CA GLY A 81 55.70 -10.35 -15.39
C GLY A 81 56.48 -11.49 -14.80
N GLY A 82 57.74 -11.61 -15.23
CA GLY A 82 58.59 -12.67 -14.72
C GLY A 82 59.27 -12.32 -13.41
N SER A 83 59.64 -11.05 -13.25
CA SER A 83 60.42 -10.60 -12.12
C SER A 83 59.61 -10.66 -10.82
N ALA A 84 60.34 -10.76 -9.71
CA ALA A 84 59.80 -10.55 -8.37
C ALA A 84 60.77 -9.64 -7.61
N ILE A 85 60.32 -8.45 -7.19
CA ILE A 85 61.22 -7.51 -6.52
C ILE A 85 60.88 -7.63 -5.06
N THR A 86 61.89 -7.58 -4.19
CA THR A 86 61.67 -7.73 -2.76
C THR A 86 62.22 -6.48 -2.09
N GLN A 87 61.56 -6.00 -1.05
CA GLN A 87 62.11 -4.86 -0.32
C GLN A 87 61.48 -4.78 1.05
N ALA A 88 62.11 -3.98 1.90
CA ALA A 88 61.55 -3.68 3.22
C ALA A 88 60.15 -3.11 3.06
N CYS A 89 59.19 -3.67 3.78
CA CYS A 89 57.80 -3.21 3.75
C CYS A 89 57.31 -2.80 5.14
N PRO A 90 57.90 -1.76 5.73
CA PRO A 90 57.45 -1.31 7.05
C PRO A 90 56.01 -0.86 7.00
N LYS A 91 55.32 -1.00 8.12
CA LYS A 91 54.05 -0.35 8.33
C LYS A 91 54.27 1.16 8.45
N VAL A 92 53.40 1.96 7.84
CA VAL A 92 53.66 3.40 7.78
C VAL A 92 52.40 4.12 8.21
N SER A 93 52.51 5.42 8.43
CA SER A 93 51.27 6.16 8.65
C SER A 93 50.85 6.74 7.31
N PHE A 94 49.59 6.54 6.98
CA PHE A 94 49.08 6.73 5.63
C PHE A 94 47.73 7.41 5.72
N ASP A 95 47.64 8.67 5.32
CA ASP A 95 46.37 9.38 5.28
C ASP A 95 46.42 10.45 4.20
N PRO A 96 45.68 10.30 3.10
CA PRO A 96 45.88 11.17 1.93
C PRO A 96 45.68 12.64 2.27
N ILE A 97 46.49 13.48 1.65
CA ILE A 97 46.40 14.93 1.82
C ILE A 97 46.05 15.54 0.50
N PRO A 98 45.50 16.75 0.46
CA PRO A 98 45.15 17.36 -0.82
C PRO A 98 46.36 17.83 -1.58
N LEU A 99 46.27 17.75 -2.91
CA LEU A 99 47.32 18.19 -3.81
C LEU A 99 46.70 19.15 -4.80
N HIS A 100 47.39 20.25 -5.10
CA HIS A 100 46.94 21.19 -6.12
C HIS A 100 47.81 21.03 -7.33
N TYR A 101 47.22 21.07 -8.52
CA TYR A 101 47.98 21.01 -9.75
C TYR A 101 48.02 22.40 -10.34
N CYS A 102 49.22 22.86 -10.67
CA CYS A 102 49.46 24.26 -11.01
C CYS A 102 50.07 24.37 -12.40
N ALA A 103 49.64 25.41 -13.13
CA ALA A 103 50.20 25.71 -14.45
C ALA A 103 51.50 26.48 -14.29
N PRO A 104 52.56 26.11 -15.00
CA PRO A 104 53.82 26.86 -14.90
C PRO A 104 53.71 28.18 -15.65
N ALA A 105 54.76 29.00 -15.50
CA ALA A 105 54.80 30.34 -16.08
C ALA A 105 54.51 30.32 -17.57
N GLY A 106 53.61 31.19 -18.00
CA GLY A 106 53.21 31.25 -19.39
C GLY A 106 51.99 30.42 -19.72
N PHE A 107 51.49 29.63 -18.75
CA PHE A 107 50.32 28.80 -18.96
C PHE A 107 49.30 29.15 -17.89
N ALA A 108 48.06 28.83 -18.18
CA ALA A 108 46.99 29.01 -17.21
C ALA A 108 46.17 27.74 -17.14
N ILE A 109 45.38 27.64 -16.09
CA ILE A 109 44.41 26.58 -15.95
C ILE A 109 43.04 27.23 -16.06
N LEU A 110 42.22 26.75 -16.99
CA LEU A 110 40.87 27.25 -17.17
C LEU A 110 39.91 26.39 -16.38
N LYS A 111 38.95 27.00 -15.73
CA LYS A 111 38.06 26.27 -14.85
C LYS A 111 36.65 26.54 -15.29
N CYS A 112 35.88 25.48 -15.50
CA CYS A 112 34.50 25.63 -15.92
C CYS A 112 33.66 25.87 -14.68
N ASN A 113 32.92 26.99 -14.65
CA ASN A 113 32.17 27.42 -13.48
C ASN A 113 30.71 26.99 -13.49
N ASN A 114 30.21 26.39 -14.58
CA ASN A 114 28.82 25.94 -14.65
C ASN A 114 28.61 24.77 -13.66
N LYS A 115 27.73 24.98 -12.66
CA LYS A 115 27.47 23.97 -11.63
C LYS A 115 27.08 22.61 -12.19
N THR A 116 26.45 22.58 -13.36
CA THR A 116 25.87 21.36 -13.90
C THR A 116 26.63 20.82 -15.09
N PHE A 117 27.81 21.39 -15.37
CA PHE A 117 28.66 20.90 -16.45
C PHE A 117 28.91 19.41 -16.31
N ASN A 118 28.66 18.65 -17.38
CA ASN A 118 28.79 17.21 -17.28
C ASN A 118 30.18 16.71 -17.61
N GLY A 119 31.12 17.62 -17.86
CA GLY A 119 32.52 17.27 -18.10
C GLY A 119 32.93 17.33 -19.55
N THR A 120 31.98 17.53 -20.45
CA THR A 120 32.15 17.42 -21.90
C THR A 120 31.39 18.54 -22.60
N GLY A 121 32.02 19.13 -23.61
CA GLY A 121 31.35 20.06 -24.48
C GLY A 121 31.63 21.50 -24.10
N PRO A 122 30.74 22.41 -24.52
CA PRO A 122 30.97 23.83 -24.27
C PRO A 122 30.51 24.25 -22.89
N CYS A 123 31.31 25.12 -22.26
CA CYS A 123 31.02 25.66 -20.93
C CYS A 123 31.05 27.19 -21.02
N ARG A 124 29.97 27.85 -20.59
CA ARG A 124 29.84 29.28 -20.89
C ARG A 124 30.58 30.15 -19.87
N ASN A 125 30.38 29.91 -18.57
CA ASN A 125 31.03 30.73 -17.54
C ASN A 125 32.36 30.07 -17.13
N VAL A 126 33.48 30.73 -17.42
CA VAL A 126 34.82 30.15 -17.33
C VAL A 126 35.73 31.10 -16.55
N SER A 127 36.61 30.55 -15.72
CA SER A 127 37.63 31.35 -15.05
C SER A 127 39.02 30.86 -15.44
N THR A 128 40.00 31.68 -15.13
CA THR A 128 41.38 31.26 -15.25
C THR A 128 42.04 31.35 -13.89
N VAL A 129 42.84 30.32 -13.54
CA VAL A 129 43.45 30.18 -12.22
C VAL A 129 44.88 29.66 -12.38
N GLN A 130 45.69 29.81 -11.32
CA GLN A 130 47.02 29.18 -11.25
C GLN A 130 46.94 27.67 -11.04
N CYS A 131 46.09 27.25 -10.09
CA CYS A 131 46.11 25.89 -9.62
C CYS A 131 44.69 25.39 -9.44
N THR A 132 44.54 24.07 -9.52
CA THR A 132 43.28 23.46 -9.19
C THR A 132 43.03 23.57 -7.69
N HIS A 133 41.82 23.22 -7.28
CA HIS A 133 41.57 23.07 -5.87
C HIS A 133 42.37 21.89 -5.33
N GLY A 134 42.27 21.66 -4.03
CA GLY A 134 43.06 20.61 -3.41
C GLY A 134 42.35 19.29 -3.61
N ILE A 135 43.06 18.32 -4.18
CA ILE A 135 42.47 17.04 -4.51
C ILE A 135 43.17 15.96 -3.70
N LYS A 136 42.41 15.24 -2.87
CA LYS A 136 43.00 14.10 -2.17
C LYS A 136 43.12 12.91 -3.11
N PRO A 137 44.30 12.35 -3.30
CA PRO A 137 44.40 11.22 -4.26
C PRO A 137 43.97 9.88 -3.67
N VAL A 138 42.66 9.67 -3.56
CA VAL A 138 42.12 8.51 -2.86
C VAL A 138 41.91 7.36 -3.86
N VAL A 139 42.63 6.27 -3.65
CA VAL A 139 42.56 5.10 -4.51
C VAL A 139 41.45 4.19 -4.02
N SER A 140 40.48 3.88 -4.88
CA SER A 140 39.41 2.99 -4.51
C SER A 140 38.66 2.55 -5.75
N THR A 141 37.85 1.50 -5.61
CA THR A 141 36.92 1.07 -6.63
C THR A 141 35.48 1.22 -6.13
N GLN A 142 34.53 1.17 -7.07
CA GLN A 142 33.09 1.21 -6.84
C GLN A 142 32.61 2.52 -6.24
N LEU A 143 33.23 2.98 -5.17
CA LEU A 143 32.78 4.21 -4.52
C LEU A 143 33.94 5.18 -4.52
N LEU A 144 33.66 6.44 -4.87
CA LEU A 144 34.63 7.51 -4.79
C LEU A 144 34.52 8.16 -3.41
N LEU A 145 35.64 8.25 -2.70
CA LEU A 145 35.64 8.64 -1.28
C LEU A 145 36.33 9.99 -1.13
N ASN A 146 35.75 10.86 -0.30
CA ASN A 146 36.45 12.05 0.15
C ASN A 146 36.73 13.02 -1.00
N GLY A 147 35.91 13.01 -2.04
CA GLY A 147 36.00 14.02 -3.08
C GLY A 147 35.18 15.25 -2.71
N SER A 148 34.93 16.08 -3.72
CA SER A 148 34.11 17.26 -3.50
C SER A 148 32.76 17.09 -4.17
N LEU A 149 31.71 17.56 -3.50
CA LEU A 149 30.40 17.23 -4.01
C LEU A 149 29.99 18.20 -5.12
N ALA A 150 29.04 17.74 -5.94
CA ALA A 150 28.42 18.61 -6.93
C ALA A 150 27.63 19.69 -6.22
N GLU A 151 27.75 20.91 -6.74
CA GLU A 151 27.21 22.08 -6.08
C GLU A 151 25.70 22.10 -6.12
N GLU A 152 25.11 21.39 -7.06
CA GLU A 152 23.70 21.64 -7.13
C GLU A 152 23.01 20.30 -7.27
N GLU A 153 22.95 19.73 -8.45
CA GLU A 153 22.33 18.44 -8.71
C GLU A 153 23.32 17.37 -9.12
N ILE A 154 22.93 16.12 -8.84
CA ILE A 154 23.72 14.94 -9.16
C ILE A 154 24.02 14.92 -10.65
N ILE A 155 25.31 14.95 -11.02
CA ILE A 155 25.74 14.96 -12.41
C ILE A 155 26.15 13.56 -12.81
N ILE A 156 25.90 13.22 -14.05
CA ILE A 156 26.17 11.89 -14.54
C ILE A 156 27.13 12.08 -15.71
N ARG A 157 28.36 11.60 -15.56
CA ARG A 157 29.44 11.82 -16.52
C ARG A 157 29.80 10.51 -17.20
N SER A 158 30.04 10.59 -18.50
CA SER A 158 30.47 9.41 -19.21
C SER A 158 31.07 9.86 -20.52
N GLU A 159 32.05 9.09 -20.99
CA GLU A 159 32.61 9.43 -22.29
C GLU A 159 31.57 9.21 -23.37
N ASN A 160 30.59 8.34 -23.10
CA ASN A 160 29.60 7.93 -24.09
C ASN A 160 28.59 7.00 -23.46
N LEU A 161 27.43 7.54 -23.03
CA LEU A 161 26.45 6.75 -22.31
C LEU A 161 25.88 5.61 -23.14
N THR A 162 25.97 5.68 -24.47
CA THR A 162 25.43 4.60 -25.30
C THR A 162 26.36 3.41 -25.33
N ASN A 163 27.65 3.65 -25.13
CA ASN A 163 28.66 2.60 -25.02
C ASN A 163 28.62 2.01 -23.62
N ASN A 164 28.07 0.80 -23.45
CA ASN A 164 28.05 0.22 -22.10
C ASN A 164 29.45 -0.07 -21.57
N ALA A 165 30.46 -0.13 -22.42
CA ALA A 165 31.82 -0.37 -21.97
C ALA A 165 32.47 0.84 -21.32
N LYS A 166 31.91 2.04 -21.45
CA LYS A 166 32.52 3.22 -20.84
C LYS A 166 32.04 3.41 -19.41
N THR A 167 32.96 3.68 -18.52
CA THR A 167 32.64 3.87 -17.11
C THR A 167 31.74 5.08 -16.93
N ILE A 168 30.72 4.97 -16.08
CA ILE A 168 29.87 6.09 -15.70
C ILE A 168 30.33 6.62 -14.35
N ILE A 169 30.61 7.91 -14.26
CA ILE A 169 30.94 8.55 -13.00
C ILE A 169 29.70 9.31 -12.55
N VAL A 170 29.19 8.96 -11.36
CA VAL A 170 28.08 9.67 -10.73
C VAL A 170 28.67 10.61 -9.69
N HIS A 171 28.35 11.89 -9.78
CA HIS A 171 28.86 12.91 -8.86
C HIS A 171 27.72 13.30 -7.92
N LEU A 172 27.83 12.95 -6.65
CA LEU A 172 26.75 13.22 -5.71
C LEU A 172 26.77 14.67 -5.26
N ASN A 173 25.60 15.18 -4.87
CA ASN A 173 25.52 16.50 -4.23
C ASN A 173 25.40 16.42 -2.71
N GLU A 174 25.07 15.27 -2.15
CA GLU A 174 25.14 15.01 -0.72
C GLU A 174 26.03 13.82 -0.48
N SER A 175 26.94 13.94 0.49
CA SER A 175 27.80 12.81 0.77
C SER A 175 27.06 11.80 1.63
N VAL A 176 27.46 10.54 1.51
CA VAL A 176 26.95 9.45 2.32
C VAL A 176 28.11 8.91 3.12
N ASN A 177 27.97 8.92 4.43
CA ASN A 177 29.00 8.45 5.33
C ASN A 177 29.21 6.95 5.17
N ILE A 178 30.45 6.50 5.19
CA ILE A 178 30.73 5.08 5.29
C ILE A 178 31.84 4.90 6.31
N VAL A 179 31.61 4.05 7.30
CA VAL A 179 32.55 3.83 8.40
C VAL A 179 33.02 2.39 8.32
N CYS A 180 34.32 2.20 8.11
CA CYS A 180 34.89 0.87 8.00
C CYS A 180 35.88 0.67 9.12
N THR A 181 35.79 -0.47 9.79
CA THR A 181 36.63 -0.70 10.95
C THR A 181 37.03 -2.16 11.02
N ARG A 182 38.31 -2.39 11.36
CA ARG A 182 38.77 -3.67 11.86
C ARG A 182 38.90 -3.52 13.37
N PRO A 183 38.07 -4.18 14.17
CA PRO A 183 38.07 -3.92 15.61
C PRO A 183 39.26 -4.60 16.28
N ASN A 184 39.54 -4.18 17.53
CA ASN A 184 40.63 -4.74 18.33
C ASN A 184 40.42 -6.17 18.87
N ASN A 193 38.49 -12.83 13.23
CA ASN A 193 39.69 -12.82 12.40
C ASN A 193 40.45 -11.52 12.60
N ILE A 194 41.75 -11.65 12.36
CA ILE A 194 42.67 -10.52 12.32
C ILE A 194 42.41 -9.72 11.04
N ARG A 195 42.05 -10.43 9.97
CA ARG A 195 41.66 -9.99 8.63
C ARG A 195 40.22 -9.48 8.51
N GLN A 196 39.35 -9.67 9.50
CA GLN A 196 37.93 -9.46 9.24
C GLN A 196 37.51 -8.06 9.69
N ALA A 197 36.69 -7.41 8.88
CA ALA A 197 36.24 -6.06 9.19
C ALA A 197 34.86 -5.82 8.59
N HIS A 198 34.30 -4.65 8.86
CA HIS A 198 32.97 -4.35 8.36
C HIS A 198 32.82 -2.86 8.13
N CYS A 199 31.93 -2.48 7.22
CA CYS A 199 31.58 -1.08 7.01
C CYS A 199 30.10 -0.87 7.32
N ASN A 200 29.77 0.29 7.89
CA ASN A 200 28.39 0.62 8.21
C ASN A 200 27.96 1.81 7.37
N ILE A 201 26.82 1.67 6.70
CA ILE A 201 26.19 2.75 5.97
C ILE A 201 24.75 2.87 6.43
N ASN A 202 24.32 4.09 6.72
CA ASN A 202 22.95 4.34 7.13
C ASN A 202 22.02 4.07 5.94
N GLU A 203 21.27 2.96 5.98
CA GLU A 203 20.37 2.60 4.89
C GLU A 203 19.45 3.73 4.46
N SER A 204 19.16 4.68 5.32
CA SER A 204 18.24 5.75 4.93
C SER A 204 18.85 6.77 3.98
N LYS A 205 20.01 7.31 4.35
CA LYS A 205 20.81 8.15 3.45
C LYS A 205 21.08 7.44 2.12
N TRP A 206 21.54 6.18 2.18
CA TRP A 206 21.84 5.45 0.95
C TRP A 206 20.61 5.31 0.09
N ASN A 207 19.52 4.92 0.72
CA ASN A 207 18.20 4.85 0.13
C ASN A 207 17.84 6.12 -0.62
N ASN A 208 18.05 7.27 0.02
CA ASN A 208 17.60 8.47 -0.63
C ASN A 208 18.44 8.69 -1.88
N THR A 209 19.76 8.57 -1.71
CA THR A 209 20.68 8.91 -2.78
C THR A 209 20.48 8.00 -3.98
N LEU A 210 20.25 6.70 -3.75
CA LEU A 210 20.00 5.87 -4.93
C LEU A 210 18.65 6.24 -5.56
N GLN A 211 17.72 6.76 -4.78
CA GLN A 211 16.49 7.28 -5.37
C GLN A 211 16.78 8.43 -6.35
N LYS A 212 17.61 9.38 -5.93
CA LYS A 212 17.99 10.50 -6.82
C LYS A 212 18.92 10.10 -7.97
N VAL A 213 19.84 9.16 -7.73
CA VAL A 213 20.67 8.68 -8.83
C VAL A 213 19.79 7.99 -9.87
N GLY A 214 18.81 7.20 -9.41
CA GLY A 214 17.87 6.61 -10.35
C GLY A 214 17.10 7.64 -11.15
N GLU A 215 16.65 8.73 -10.50
CA GLU A 215 16.01 9.81 -11.27
C GLU A 215 16.89 10.29 -12.42
N GLU A 216 18.16 10.63 -12.11
CA GLU A 216 19.07 11.16 -13.13
C GLU A 216 19.35 10.13 -14.24
N LEU A 217 19.61 8.89 -13.85
CA LEU A 217 19.82 7.86 -14.85
C LEU A 217 18.58 7.70 -15.70
N ALA A 218 17.40 7.98 -15.13
CA ALA A 218 16.16 7.80 -15.88
C ALA A 218 16.01 8.89 -16.94
N LYS A 219 16.32 10.12 -16.57
CA LYS A 219 16.44 11.18 -17.57
C LYS A 219 17.26 10.69 -18.76
N HIS A 220 18.38 9.99 -18.50
CA HIS A 220 19.18 9.59 -19.67
C HIS A 220 18.72 8.29 -20.33
N PHE A 221 17.96 7.42 -19.66
CA PHE A 221 17.37 6.22 -20.26
C PHE A 221 15.90 6.21 -19.87
N PRO A 222 15.03 6.82 -20.67
CA PRO A 222 13.69 7.17 -20.15
C PRO A 222 12.61 6.10 -20.23
N SER A 223 12.70 5.17 -21.18
CA SER A 223 11.65 4.15 -21.20
C SER A 223 11.85 3.10 -20.12
N LYS A 224 13.04 3.01 -19.55
CA LYS A 224 13.49 1.77 -18.93
C LYS A 224 13.40 1.81 -17.40
N THR A 225 13.22 0.63 -16.82
CA THR A 225 13.42 0.42 -15.38
C THR A 225 14.92 0.43 -15.07
N ILE A 226 15.29 1.08 -13.97
CA ILE A 226 16.68 1.28 -13.56
C ILE A 226 17.00 0.34 -12.39
N LYS A 227 17.82 -0.68 -12.64
CA LYS A 227 18.21 -1.65 -11.62
C LYS A 227 19.67 -1.49 -11.22
N PHE A 228 19.94 -1.57 -9.91
CA PHE A 228 21.28 -1.63 -9.36
C PHE A 228 21.54 -3.06 -8.86
N GLU A 229 22.64 -3.67 -9.31
CA GLU A 229 22.98 -5.04 -8.93
C GLU A 229 24.46 -5.08 -8.58
N PRO A 230 24.91 -6.11 -7.85
CA PRO A 230 26.33 -6.18 -7.50
C PRO A 230 27.17 -6.43 -8.73
N SER A 231 28.47 -6.18 -8.58
CA SER A 231 29.40 -6.43 -9.66
C SER A 231 29.43 -7.89 -10.03
N SER A 232 29.36 -8.16 -11.33
CA SER A 232 29.41 -9.52 -11.85
C SER A 232 30.77 -10.18 -11.61
N GLY A 233 31.77 -9.87 -12.43
CA GLY A 233 33.03 -10.58 -12.35
C GLY A 233 34.25 -9.67 -12.40
N GLY A 234 35.39 -10.27 -12.12
CA GLY A 234 36.66 -9.57 -12.13
C GLY A 234 37.46 -10.02 -10.95
N ASP A 235 38.61 -9.37 -10.74
CA ASP A 235 39.37 -9.64 -9.54
C ASP A 235 38.66 -9.00 -8.36
N LEU A 236 38.99 -9.48 -7.16
CA LEU A 236 38.36 -8.97 -5.95
C LEU A 236 38.46 -7.45 -5.88
N GLU A 237 39.49 -6.87 -6.45
CA GLU A 237 39.65 -5.42 -6.29
C GLU A 237 38.50 -4.64 -6.89
N ILE A 238 37.84 -5.18 -7.92
CA ILE A 238 36.76 -4.46 -8.58
C ILE A 238 35.40 -5.07 -8.29
N THR A 239 35.32 -6.36 -7.92
CA THR A 239 34.04 -6.92 -7.52
C THR A 239 33.66 -6.56 -6.09
N THR A 240 34.58 -5.99 -5.33
CA THR A 240 34.28 -5.44 -4.02
C THR A 240 34.67 -3.97 -4.03
N HIS A 241 34.26 -3.26 -3.00
CA HIS A 241 34.73 -1.90 -2.82
C HIS A 241 36.06 -2.01 -2.09
N SER A 242 37.16 -1.80 -2.82
CA SER A 242 38.49 -1.91 -2.24
C SER A 242 39.11 -0.53 -2.10
N PHE A 243 39.86 -0.38 -1.03
CA PHE A 243 40.44 0.91 -0.71
C PHE A 243 41.53 0.66 0.32
N ASN A 244 42.38 1.67 0.53
CA ASN A 244 43.42 1.58 1.52
C ASN A 244 43.06 2.46 2.71
N CYS A 245 43.19 1.88 3.90
CA CYS A 245 42.84 2.54 5.15
C CYS A 245 43.98 2.29 6.14
N ARG A 246 44.69 3.38 6.44
CA ARG A 246 45.81 3.48 7.39
C ARG A 246 46.85 2.43 7.05
N GLY A 247 46.97 2.23 5.76
CA GLY A 247 48.00 1.42 5.17
C GLY A 247 47.53 0.03 4.81
N GLU A 248 46.39 -0.37 5.35
CA GLU A 248 45.85 -1.71 5.16
C GLU A 248 44.86 -1.70 4.00
N PHE A 249 44.83 -2.79 3.23
CA PHE A 249 43.98 -2.87 2.03
C PHE A 249 42.69 -3.57 2.41
N PHE A 250 41.57 -2.83 2.41
CA PHE A 250 40.26 -3.39 2.69
C PHE A 250 39.54 -3.81 1.41
N TYR A 251 38.83 -4.93 1.47
CA TYR A 251 37.99 -5.41 0.39
C TYR A 251 36.61 -5.64 0.99
N CYS A 252 35.64 -4.79 0.64
CA CYS A 252 34.33 -4.76 1.28
C CYS A 252 33.22 -5.18 0.31
N ASN A 253 32.48 -6.22 0.69
CA ASN A 253 31.42 -6.77 -0.17
C ASN A 253 30.27 -5.77 -0.28
N THR A 254 29.82 -5.49 -1.50
CA THR A 254 28.80 -4.46 -1.69
C THR A 254 27.48 -5.03 -2.23
N SER A 255 27.31 -6.34 -2.21
CA SER A 255 26.08 -6.91 -2.77
C SER A 255 24.84 -6.50 -1.98
N ASP A 256 24.97 -6.05 -0.74
CA ASP A 256 23.81 -5.47 -0.06
C ASP A 256 23.67 -3.98 -0.34
N LEU A 257 24.60 -3.40 -1.08
CA LEU A 257 24.59 -1.97 -1.34
C LEU A 257 24.06 -1.65 -2.73
N PHE A 258 24.62 -2.29 -3.77
CA PHE A 258 24.15 -2.13 -5.14
C PHE A 258 23.17 -3.25 -5.40
N ASN A 259 21.94 -3.02 -4.97
CA ASN A 259 20.90 -4.04 -4.86
C ASN A 259 19.57 -3.34 -4.61
N GLY A 260 18.88 -2.98 -5.70
CA GLY A 260 17.71 -2.13 -5.59
C GLY A 260 17.13 -1.86 -6.96
N THR A 261 15.84 -1.51 -6.97
CA THR A 261 15.11 -1.18 -8.21
C THR A 261 14.46 0.20 -8.12
N TYR A 262 14.63 0.98 -9.19
CA TYR A 262 13.95 2.27 -9.41
C TYR A 262 12.92 2.06 -10.52
N ARG A 263 11.63 1.97 -10.15
CA ARG A 263 10.55 1.56 -11.06
C ARG A 263 9.71 2.72 -11.57
N ASN A 264 8.87 3.27 -10.69
CA ASN A 264 7.86 4.21 -11.17
C ASN A 264 8.10 5.56 -10.51
N GLY A 265 9.25 6.16 -10.78
CA GLY A 265 9.65 7.29 -9.97
C GLY A 265 9.94 6.94 -8.52
N THR A 266 10.01 5.65 -8.18
CA THR A 266 10.25 5.20 -6.81
C THR A 266 11.41 4.22 -6.75
N TYR A 267 12.27 4.37 -5.73
CA TYR A 267 13.38 3.45 -5.50
C TYR A 267 13.05 2.43 -4.41
N ASN A 268 13.14 1.12 -4.74
CA ASN A 268 13.06 0.02 -3.78
C ASN A 268 14.43 -0.53 -3.46
N HIS A 269 14.83 -0.55 -2.19
CA HIS A 269 16.07 -1.22 -1.82
C HIS A 269 15.85 -2.69 -1.51
N THR A 270 16.67 -3.54 -2.13
CA THR A 270 16.59 -4.99 -2.13
C THR A 270 17.68 -5.66 -1.30
N GLY A 271 18.73 -4.94 -0.92
CA GLY A 271 19.75 -5.54 -0.10
C GLY A 271 19.34 -5.57 1.36
N ARG A 272 20.00 -6.43 2.14
CA ARG A 272 19.61 -6.59 3.53
C ARG A 272 20.20 -5.47 4.40
N SER A 273 19.38 -4.89 5.25
CA SER A 273 19.81 -4.00 6.32
C SER A 273 19.35 -4.56 7.65
N SER A 274 19.78 -3.93 8.74
CA SER A 274 19.37 -4.31 10.09
C SER A 274 19.47 -3.10 10.98
N ASN A 275 18.38 -2.77 11.65
CA ASN A 275 18.33 -1.55 12.46
C ASN A 275 18.62 -0.32 11.61
N GLY A 276 18.20 -0.35 10.34
CA GLY A 276 18.39 0.81 9.47
C GLY A 276 19.83 1.05 9.09
N THR A 277 20.64 -0.01 9.03
CA THR A 277 22.07 0.05 8.73
C THR A 277 22.41 -1.08 7.77
N ILE A 278 23.01 -0.72 6.62
CA ILE A 278 23.66 -1.71 5.77
C ILE A 278 25.05 -1.92 6.33
N THR A 279 25.43 -3.18 6.51
CA THR A 279 26.77 -3.50 6.99
C THR A 279 27.45 -4.32 5.93
N LEU A 280 28.56 -3.80 5.39
CA LEU A 280 29.36 -4.56 4.44
C LEU A 280 30.39 -5.39 5.19
N GLN A 281 30.50 -6.66 4.80
CA GLN A 281 31.52 -7.55 5.34
C GLN A 281 32.82 -7.34 4.54
N CYS A 282 33.92 -7.07 5.25
CA CYS A 282 35.21 -6.78 4.62
C CYS A 282 36.28 -7.78 5.03
N LYS A 283 37.33 -7.83 4.20
CA LYS A 283 38.55 -8.56 4.51
C LYS A 283 39.74 -7.63 4.25
N ILE A 284 40.76 -7.73 5.10
CA ILE A 284 42.05 -7.09 4.85
C ILE A 284 42.96 -8.11 4.19
N LYS A 285 43.52 -7.76 3.05
CA LYS A 285 44.25 -8.73 2.25
C LYS A 285 45.71 -8.33 2.16
N GLN A 286 46.57 -9.32 1.91
CA GLN A 286 48.00 -9.12 1.77
C GLN A 286 48.46 -9.17 0.33
N ILE A 287 47.77 -9.97 -0.50
CA ILE A 287 48.10 -10.12 -1.92
C ILE A 287 47.17 -9.20 -2.71
N ILE A 288 47.74 -8.21 -3.39
CA ILE A 288 47.00 -7.14 -4.03
C ILE A 288 47.26 -7.19 -5.54
N ASN A 289 46.21 -7.12 -6.34
CA ASN A 289 46.35 -6.83 -7.76
C ASN A 289 46.53 -5.34 -7.93
N MET A 290 47.67 -4.92 -8.49
CA MET A 290 48.03 -3.52 -8.44
C MET A 290 47.18 -2.72 -9.42
N TRP A 291 46.84 -1.50 -9.01
CA TRP A 291 46.17 -0.59 -9.93
C TRP A 291 47.15 0.10 -10.84
N GLN A 292 48.43 0.16 -10.45
CA GLN A 292 49.44 0.92 -11.18
C GLN A 292 49.82 0.26 -12.50
N GLU A 293 49.86 -1.06 -12.50
CA GLU A 293 50.29 -1.83 -13.67
C GLU A 293 49.75 -3.23 -13.44
N VAL A 294 49.86 -4.05 -14.49
CA VAL A 294 49.51 -5.46 -14.35
C VAL A 294 50.57 -6.14 -13.49
N GLY A 295 50.20 -6.55 -12.29
CA GLY A 295 51.16 -7.18 -11.40
C GLY A 295 50.47 -7.41 -10.08
N ARG A 296 51.12 -8.19 -9.22
CA ARG A 296 50.66 -8.39 -7.86
C ARG A 296 51.69 -7.86 -6.87
N ALA A 297 51.19 -7.41 -5.71
CA ALA A 297 52.03 -6.90 -4.63
C ALA A 297 51.67 -7.57 -3.32
N ILE A 298 52.66 -7.92 -2.50
CA ILE A 298 52.42 -8.63 -1.26
C ILE A 298 52.88 -7.79 -0.09
N TYR A 299 52.01 -7.63 0.91
CA TYR A 299 52.24 -6.76 2.06
C TYR A 299 52.24 -7.59 3.34
N ALA A 300 52.70 -6.97 4.42
CA ALA A 300 52.78 -7.67 5.70
C ALA A 300 51.41 -7.75 6.35
N PRO A 301 51.23 -8.66 7.31
CA PRO A 301 49.93 -8.81 8.00
C PRO A 301 49.51 -7.52 8.69
N PRO A 302 48.24 -7.41 9.09
CA PRO A 302 47.72 -6.11 9.52
C PRO A 302 48.36 -5.67 10.84
N ILE A 303 48.52 -4.36 11.02
CA ILE A 303 49.00 -3.87 12.30
C ILE A 303 47.92 -4.14 13.35
N GLU A 304 48.31 -4.19 14.63
CA GLU A 304 47.27 -4.40 15.64
C GLU A 304 46.61 -3.12 16.07
N GLY A 305 45.60 -3.30 16.90
CA GLY A 305 44.70 -2.26 17.27
C GLY A 305 43.48 -2.23 16.37
N GLU A 306 42.78 -1.11 16.47
CA GLU A 306 41.55 -0.92 15.72
C GLU A 306 41.85 -0.07 14.51
N ILE A 307 41.49 -0.55 13.33
CA ILE A 307 41.76 0.16 12.10
C ILE A 307 40.44 0.70 11.59
N THR A 308 40.27 2.02 11.63
CA THR A 308 38.99 2.62 11.28
C THR A 308 39.19 3.79 10.34
N CYS A 309 38.39 3.84 9.28
CA CYS A 309 38.32 5.00 8.39
C CYS A 309 36.88 5.45 8.34
N ASN A 310 36.67 6.74 8.53
CA ASN A 310 35.36 7.37 8.49
C ASN A 310 35.36 8.26 7.26
N SER A 311 34.69 7.82 6.18
CA SER A 311 34.87 8.49 4.91
C SER A 311 33.52 9.01 4.43
N ASN A 312 33.56 9.97 3.52
CA ASN A 312 32.37 10.41 2.79
C ASN A 312 32.35 9.73 1.43
N ILE A 313 31.26 9.04 1.11
CA ILE A 313 31.04 8.67 -0.29
C ILE A 313 30.58 9.91 -1.03
N THR A 314 31.34 10.34 -2.03
CA THR A 314 30.96 11.51 -2.80
C THR A 314 30.68 11.20 -4.28
N GLY A 315 30.80 9.94 -4.70
CA GLY A 315 30.52 9.62 -6.08
C GLY A 315 30.51 8.11 -6.24
N LEU A 316 30.03 7.66 -7.38
CA LEU A 316 30.00 6.24 -7.70
C LEU A 316 30.64 6.03 -9.06
N LEU A 317 31.18 4.83 -9.27
CA LEU A 317 31.64 4.39 -10.57
C LEU A 317 30.76 3.21 -10.98
N LEU A 318 30.05 3.35 -12.11
CA LEU A 318 29.08 2.34 -12.51
C LEU A 318 29.37 1.87 -13.92
N LEU A 319 28.85 0.69 -14.22
CA LEU A 319 28.94 0.09 -15.54
C LEU A 319 27.56 -0.44 -15.90
N ARG A 320 27.06 -0.04 -17.07
CA ARG A 320 25.78 -0.51 -17.58
C ARG A 320 25.93 -1.82 -18.33
N ASP A 321 24.96 -2.71 -18.16
CA ASP A 321 24.94 -3.92 -18.99
C ASP A 321 24.48 -3.61 -20.42
N ASP A 330 11.45 -2.63 -20.62
CA ASP A 330 12.77 -3.14 -20.77
C ASP A 330 13.65 -2.38 -19.79
N THR A 331 14.78 -2.98 -19.43
CA THR A 331 15.48 -2.61 -18.20
C THR A 331 16.92 -2.25 -18.49
N GLU A 332 17.41 -1.23 -17.79
CA GLU A 332 18.84 -0.95 -17.73
C GLU A 332 19.36 -1.31 -16.35
N THR A 333 20.51 -1.98 -16.32
CA THR A 333 21.09 -2.51 -15.09
C THR A 333 22.49 -1.93 -14.91
N PHE A 334 22.74 -1.36 -13.74
CA PHE A 334 24.02 -0.74 -13.39
C PHE A 334 24.69 -1.50 -12.26
N ARG A 335 25.95 -1.87 -12.47
CA ARG A 335 26.73 -2.49 -11.43
C ARG A 335 27.95 -1.63 -11.10
N PRO A 336 28.48 -1.75 -9.89
CA PRO A 336 29.65 -0.94 -9.53
C PRO A 336 30.85 -1.34 -10.36
N GLY A 337 31.68 -0.36 -10.67
CA GLY A 337 32.86 -0.59 -11.48
C GLY A 337 34.11 -0.02 -10.84
N GLY A 338 35.09 0.29 -11.66
CA GLY A 338 36.35 0.81 -11.17
C GLY A 338 37.50 -0.04 -11.66
N GLY A 339 38.71 0.35 -11.24
CA GLY A 339 39.93 -0.37 -11.55
C GLY A 339 40.95 0.50 -12.26
N ASP A 340 40.50 1.51 -12.96
CA ASP A 340 41.39 2.45 -13.64
C ASP A 340 41.39 3.71 -12.80
N MET A 341 42.45 3.91 -12.01
CA MET A 341 42.42 5.06 -11.10
C MET A 341 42.38 6.41 -11.83
N ARG A 342 42.59 6.41 -13.14
CA ARG A 342 42.44 7.67 -13.84
C ARG A 342 41.01 8.18 -13.76
N ASP A 343 40.02 7.30 -13.67
CA ASP A 343 38.65 7.77 -13.51
C ASP A 343 38.46 8.47 -12.17
N ASN A 344 39.12 7.98 -11.12
CA ASN A 344 39.12 8.70 -9.83
C ASN A 344 39.69 10.10 -9.98
N TRP A 345 40.86 10.25 -10.63
CA TRP A 345 41.39 11.61 -10.80
C TRP A 345 40.47 12.46 -11.65
N ARG A 346 40.10 11.95 -12.82
CA ARG A 346 39.08 12.49 -13.71
C ARG A 346 37.84 13.05 -13.00
N SER A 347 37.38 12.39 -11.95
CA SER A 347 36.15 12.84 -11.29
C SER A 347 36.33 14.17 -10.60
N GLU A 348 37.57 14.55 -10.32
CA GLU A 348 37.94 15.79 -9.66
C GLU A 348 38.49 16.83 -10.65
N LEU A 349 39.20 16.37 -11.67
CA LEU A 349 39.82 17.27 -12.64
C LEU A 349 38.90 17.64 -13.79
N TYR A 350 37.65 17.19 -13.79
CA TYR A 350 36.80 17.31 -14.98
C TYR A 350 36.60 18.77 -15.39
N LYS A 351 36.68 19.70 -14.47
CA LYS A 351 36.32 21.08 -14.77
C LYS A 351 37.52 21.92 -15.18
N TYR A 352 38.66 21.31 -15.47
CA TYR A 352 39.91 22.02 -15.63
C TYR A 352 40.53 21.68 -16.97
N LYS A 353 41.13 22.69 -17.60
CA LYS A 353 41.91 22.57 -18.83
C LYS A 353 43.16 23.44 -18.68
N VAL A 354 44.28 23.03 -19.29
CA VAL A 354 45.48 23.85 -19.37
C VAL A 354 45.51 24.55 -20.72
N VAL A 355 45.86 25.85 -20.76
CA VAL A 355 45.80 26.51 -22.06
C VAL A 355 47.11 27.27 -22.24
N GLU A 356 47.38 27.66 -23.49
CA GLU A 356 48.29 28.74 -23.88
C GLU A 356 49.75 28.37 -23.62
N LYS B 6 -27.04 16.18 -42.01
CA LYS B 6 -27.87 17.35 -42.32
C LYS B 6 -29.38 17.06 -42.11
N THR B 7 -29.73 15.76 -42.08
CA THR B 7 -31.10 15.25 -41.96
C THR B 7 -31.01 13.91 -41.25
N THR B 8 -32.15 13.28 -40.94
CA THR B 8 -32.10 11.96 -40.30
C THR B 8 -32.22 10.86 -41.35
N LEU B 9 -31.28 9.92 -41.34
CA LEU B 9 -31.24 8.82 -42.29
C LEU B 9 -32.03 7.63 -41.79
N PHE B 10 -32.31 6.71 -42.70
CA PHE B 10 -32.91 5.44 -42.31
C PHE B 10 -31.98 4.31 -42.71
N CYS B 11 -32.14 3.16 -42.07
CA CYS B 11 -31.32 2.00 -42.37
C CYS B 11 -32.11 1.01 -43.22
N ALA B 12 -31.40 0.35 -44.13
CA ALA B 12 -31.89 -0.79 -44.86
C ALA B 12 -31.07 -1.99 -44.45
N SER B 13 -31.70 -3.14 -44.34
CA SER B 13 -30.99 -4.35 -43.96
C SER B 13 -31.61 -5.50 -44.71
N ASP B 14 -30.97 -6.65 -44.60
CA ASP B 14 -31.42 -7.82 -45.30
C ASP B 14 -31.89 -8.86 -44.29
N ALA B 15 -32.43 -8.41 -43.18
CA ALA B 15 -32.78 -9.28 -42.05
C ALA B 15 -34.12 -10.00 -42.29
N LYS B 16 -34.28 -11.14 -41.61
CA LYS B 16 -35.54 -11.90 -41.65
C LYS B 16 -36.29 -11.67 -40.36
N ALA B 17 -37.62 -11.63 -40.45
CA ALA B 17 -38.43 -11.64 -39.24
C ALA B 17 -38.41 -12.99 -38.52
N TYR B 18 -37.63 -13.98 -38.95
CA TYR B 18 -37.70 -15.33 -38.40
C TYR B 18 -36.40 -15.81 -37.78
N GLU B 19 -35.30 -15.07 -37.98
CA GLU B 19 -34.16 -15.24 -37.13
C GLU B 19 -34.55 -14.77 -35.74
N LYS B 20 -34.17 -15.54 -34.73
CA LYS B 20 -34.10 -14.95 -33.40
C LYS B 20 -32.76 -14.30 -33.13
N GLU B 21 -31.85 -14.29 -34.09
CA GLU B 21 -30.62 -13.55 -33.90
C GLU B 21 -30.99 -12.09 -33.71
N VAL B 22 -30.38 -11.46 -32.69
CA VAL B 22 -30.92 -10.20 -32.21
C VAL B 22 -30.66 -9.05 -33.18
N HIS B 23 -29.57 -9.08 -33.95
CA HIS B 23 -29.44 -8.04 -34.98
C HIS B 23 -30.59 -8.12 -35.97
N ASN B 24 -30.95 -9.35 -36.37
CA ASN B 24 -32.07 -9.53 -37.29
C ASN B 24 -33.36 -8.97 -36.72
N VAL B 25 -33.66 -9.31 -35.45
CA VAL B 25 -34.89 -8.82 -34.82
C VAL B 25 -34.91 -7.29 -34.79
N TRP B 26 -33.81 -6.70 -34.33
CA TRP B 26 -33.78 -5.25 -34.23
C TRP B 26 -33.99 -4.64 -35.60
N ALA B 27 -33.31 -5.19 -36.61
CA ALA B 27 -33.35 -4.60 -37.95
C ALA B 27 -34.73 -4.74 -38.58
N THR B 28 -35.42 -5.86 -38.34
CA THR B 28 -36.76 -5.97 -38.90
C THR B 28 -37.71 -4.98 -38.24
N HIS B 29 -37.47 -4.61 -36.99
CA HIS B 29 -38.30 -3.53 -36.44
C HIS B 29 -37.85 -2.15 -36.89
N ALA B 30 -36.56 -1.96 -37.19
CA ALA B 30 -36.02 -0.62 -37.31
C ALA B 30 -35.63 -0.22 -38.71
N CYS B 31 -35.47 -1.18 -39.62
CA CYS B 31 -34.94 -0.90 -40.94
C CYS B 31 -35.93 -1.37 -42.01
N VAL B 32 -35.74 -0.84 -43.21
CA VAL B 32 -36.58 -1.22 -44.35
C VAL B 32 -35.77 -2.19 -45.18
N PRO B 33 -36.36 -2.95 -46.08
CA PRO B 33 -35.54 -3.87 -46.87
C PRO B 33 -34.69 -3.12 -47.89
N THR B 34 -33.66 -3.80 -48.36
CA THR B 34 -32.68 -3.20 -49.24
C THR B 34 -33.16 -3.22 -50.68
N ASP B 35 -32.75 -2.21 -51.44
CA ASP B 35 -33.00 -2.19 -52.88
C ASP B 35 -32.21 -3.29 -53.58
N PRO B 36 -32.88 -4.12 -54.38
CA PRO B 36 -32.17 -5.19 -55.08
C PRO B 36 -31.22 -4.65 -56.14
N ASN B 37 -31.50 -3.50 -56.75
CA ASN B 37 -30.44 -2.79 -57.49
C ASN B 37 -30.43 -1.35 -56.99
N PRO B 38 -29.39 -0.97 -56.22
CA PRO B 38 -29.19 0.46 -55.92
C PRO B 38 -28.82 1.20 -57.19
N GLN B 39 -29.19 2.48 -57.22
CA GLN B 39 -28.73 3.44 -58.22
C GLN B 39 -27.36 4.00 -57.79
N GLU B 40 -26.51 4.29 -58.77
CA GLU B 40 -25.26 5.02 -58.53
C GLU B 40 -24.92 5.93 -59.70
N MET B 41 -24.49 7.15 -59.39
CA MET B 41 -24.22 8.21 -60.36
C MET B 41 -22.81 8.75 -60.16
N VAL B 42 -21.81 8.13 -60.84
CA VAL B 42 -20.53 8.77 -61.11
C VAL B 42 -20.64 10.25 -61.46
N LEU B 43 -19.54 10.97 -61.15
CA LEU B 43 -19.32 12.38 -61.43
C LEU B 43 -17.83 12.71 -61.23
N ALA B 44 -16.93 12.27 -62.15
CA ALA B 44 -15.47 12.40 -61.97
C ALA B 44 -14.92 13.82 -62.14
N ASN B 45 -15.75 14.78 -62.57
CA ASN B 45 -15.33 16.19 -62.64
C ASN B 45 -15.45 16.89 -61.29
N VAL B 46 -16.38 16.44 -60.43
CA VAL B 46 -17.03 17.31 -59.44
C VAL B 46 -16.02 17.82 -58.41
N THR B 47 -15.32 16.91 -57.74
CA THR B 47 -14.46 17.22 -56.59
C THR B 47 -15.24 17.85 -55.43
N GLU B 48 -15.36 17.10 -54.32
CA GLU B 48 -15.91 17.62 -53.08
C GLU B 48 -15.07 17.23 -51.88
N ASN B 49 -15.41 17.88 -50.77
CA ASN B 49 -14.67 17.82 -49.52
C ASN B 49 -15.38 16.89 -48.54
N PHE B 50 -14.62 15.98 -47.93
CA PHE B 50 -15.15 15.13 -46.88
C PHE B 50 -14.34 15.35 -45.62
N ASN B 51 -14.94 15.03 -44.48
CA ASN B 51 -14.19 14.99 -43.23
C ASN B 51 -14.79 13.89 -42.37
N MET B 52 -14.12 12.73 -42.35
CA MET B 52 -14.66 11.57 -41.65
C MET B 52 -14.72 11.80 -40.16
N TRP B 53 -14.00 12.80 -39.65
CA TRP B 53 -13.92 13.04 -38.22
C TRP B 53 -15.04 13.93 -37.74
N LYS B 54 -15.77 14.57 -38.64
CA LYS B 54 -16.96 15.37 -38.30
C LYS B 54 -17.99 14.97 -39.35
N ASN B 55 -18.71 13.90 -39.06
CA ASN B 55 -19.60 13.28 -40.02
C ASN B 55 -20.81 12.83 -39.23
N ASP B 56 -21.96 13.43 -39.51
CA ASP B 56 -23.10 13.18 -38.66
C ASP B 56 -23.67 11.79 -38.89
N MET B 57 -23.34 11.17 -40.03
CA MET B 57 -23.71 9.77 -40.20
C MET B 57 -23.14 8.92 -39.07
N VAL B 58 -21.95 9.24 -38.58
CA VAL B 58 -21.33 8.48 -37.51
C VAL B 58 -22.19 8.57 -36.24
N GLU B 59 -22.75 9.77 -35.98
CA GLU B 59 -23.56 9.96 -34.79
C GLU B 59 -24.89 9.22 -34.89
N GLN B 60 -25.60 9.33 -36.04
CA GLN B 60 -26.75 8.42 -36.18
C GLN B 60 -26.41 6.95 -36.08
N MET B 61 -25.37 6.46 -36.76
CA MET B 61 -25.13 5.02 -36.59
C MET B 61 -24.86 4.67 -35.13
N HIS B 62 -24.11 5.53 -34.43
CA HIS B 62 -23.81 5.29 -33.03
C HIS B 62 -25.09 5.15 -32.23
N GLU B 63 -26.03 6.08 -32.45
CA GLU B 63 -27.28 6.03 -31.69
C GLU B 63 -28.04 4.78 -31.99
N ASP B 64 -28.07 4.38 -33.26
CA ASP B 64 -28.73 3.13 -33.64
C ASP B 64 -28.13 1.94 -32.91
N ILE B 65 -26.81 1.82 -32.93
CA ILE B 65 -26.18 0.63 -32.36
C ILE B 65 -26.34 0.62 -30.85
N ILE B 66 -26.30 1.79 -30.20
CA ILE B 66 -26.64 1.83 -28.78
C ILE B 66 -28.02 1.26 -28.57
N SER B 67 -28.97 1.65 -29.43
CA SER B 67 -30.34 1.17 -29.26
C SER B 67 -30.41 -0.34 -29.48
N LEU B 68 -29.73 -0.83 -30.51
CA LEU B 68 -29.67 -2.26 -30.81
C LEU B 68 -29.15 -3.04 -29.60
N TRP B 69 -28.02 -2.58 -29.03
CA TRP B 69 -27.46 -3.30 -27.90
C TRP B 69 -28.36 -3.20 -26.68
N ASP B 70 -29.07 -2.10 -26.52
CA ASP B 70 -29.96 -1.94 -25.37
C ASP B 70 -31.14 -2.90 -25.45
N GLU B 71 -31.63 -3.16 -26.65
CA GLU B 71 -32.74 -4.10 -26.80
C GLU B 71 -32.29 -5.55 -26.90
N SER B 72 -31.04 -5.80 -27.27
CA SER B 72 -30.58 -7.15 -27.60
C SER B 72 -29.69 -7.78 -26.54
N LEU B 73 -28.75 -7.03 -25.98
CA LEU B 73 -27.82 -7.55 -25.00
C LEU B 73 -28.14 -6.90 -23.65
N LYS B 74 -29.28 -7.23 -23.11
CA LYS B 74 -29.67 -6.68 -21.82
C LYS B 74 -28.81 -7.28 -20.71
N PRO B 75 -28.23 -6.46 -19.85
CA PRO B 75 -27.47 -6.99 -18.73
C PRO B 75 -28.36 -7.36 -17.57
N CYS B 76 -27.88 -8.29 -16.74
CA CYS B 76 -28.61 -8.59 -15.52
C CYS B 76 -28.66 -7.37 -14.63
N VAL B 77 -27.58 -6.60 -14.59
CA VAL B 77 -27.50 -5.39 -13.78
C VAL B 77 -26.81 -4.33 -14.61
N LYS B 78 -27.36 -3.13 -14.62
CA LYS B 78 -26.68 -1.98 -15.20
C LYS B 78 -26.45 -0.98 -14.08
N LEU B 79 -25.19 -0.57 -13.87
CA LEU B 79 -24.87 0.48 -12.92
C LEU B 79 -24.45 1.73 -13.68
N THR B 80 -25.27 2.76 -13.63
CA THR B 80 -24.88 4.07 -14.16
C THR B 80 -25.06 5.10 -13.07
N GLY B 81 -23.96 5.73 -12.68
CA GLY B 81 -24.05 6.73 -11.65
C GLY B 81 -24.50 6.09 -10.36
N GLY B 82 -25.59 6.61 -9.81
CA GLY B 82 -26.11 6.06 -8.56
C GLY B 82 -27.01 4.87 -8.75
N SER B 83 -27.79 4.87 -9.84
CA SER B 83 -28.79 3.86 -10.10
C SER B 83 -28.16 2.50 -10.39
N ALA B 84 -28.94 1.46 -10.14
CA ALA B 84 -28.66 0.10 -10.62
C ALA B 84 -29.95 -0.46 -11.21
N ILE B 85 -29.96 -0.79 -12.51
CA ILE B 85 -31.19 -1.27 -13.15
C ILE B 85 -31.00 -2.77 -13.24
N THR B 86 -32.06 -3.54 -13.03
CA THR B 86 -31.98 -4.99 -13.07
C THR B 86 -32.97 -5.47 -14.11
N GLN B 87 -32.62 -6.50 -14.86
CA GLN B 87 -33.60 -7.06 -15.79
C GLN B 87 -33.20 -8.46 -16.18
N ALA B 88 -34.14 -9.16 -16.80
CA ALA B 88 -33.87 -10.48 -17.36
C ALA B 88 -32.72 -10.37 -18.35
N CYS B 89 -31.72 -11.25 -18.19
CA CYS B 89 -30.55 -11.27 -19.09
C CYS B 89 -30.39 -12.65 -19.74
N PRO B 90 -31.35 -13.06 -20.57
CA PRO B 90 -31.23 -14.36 -21.23
C PRO B 90 -30.01 -14.38 -22.14
N LYS B 91 -29.44 -15.58 -22.32
CA LYS B 91 -28.48 -15.83 -23.37
C LYS B 91 -29.19 -15.76 -24.72
N VAL B 92 -28.57 -15.13 -25.72
CA VAL B 92 -29.26 -14.89 -26.97
C VAL B 92 -28.36 -15.36 -28.10
N SER B 93 -28.91 -15.42 -29.31
CA SER B 93 -28.02 -15.67 -30.43
C SER B 93 -27.66 -14.32 -31.02
N PHE B 94 -26.37 -14.10 -31.23
CA PHE B 94 -25.79 -12.79 -31.47
C PHE B 94 -24.76 -12.94 -32.58
N ASP B 95 -25.04 -12.40 -33.75
CA ASP B 95 -24.07 -12.40 -34.84
C ASP B 95 -24.34 -11.21 -35.75
N PRO B 96 -23.46 -10.19 -35.76
CA PRO B 96 -23.80 -8.92 -36.44
C PRO B 96 -24.13 -9.12 -37.90
N ILE B 97 -25.09 -8.34 -38.39
CA ILE B 97 -25.50 -8.36 -39.79
C ILE B 97 -25.21 -7.02 -40.38
N PRO B 98 -25.08 -6.89 -41.70
CA PRO B 98 -24.79 -5.59 -42.30
C PRO B 98 -26.00 -4.68 -42.28
N LEU B 99 -25.73 -3.39 -42.14
CA LEU B 99 -26.77 -2.36 -42.14
C LEU B 99 -26.37 -1.32 -43.16
N HIS B 100 -27.34 -0.85 -43.94
CA HIS B 100 -27.10 0.22 -44.90
C HIS B 100 -27.74 1.48 -44.37
N TYR B 101 -27.05 2.61 -44.52
CA TYR B 101 -27.61 3.89 -44.11
C TYR B 101 -28.02 4.63 -45.37
N CYS B 102 -29.26 5.11 -45.37
CA CYS B 102 -29.90 5.62 -46.59
C CYS B 102 -30.35 7.06 -46.39
N ALA B 103 -30.20 7.86 -47.45
CA ALA B 103 -30.66 9.24 -47.45
C ALA B 103 -32.16 9.28 -47.75
N PRO B 104 -32.96 10.03 -46.99
CA PRO B 104 -34.39 10.13 -47.29
C PRO B 104 -34.62 10.99 -48.52
N ALA B 105 -35.90 11.02 -48.94
CA ALA B 105 -36.30 11.74 -50.14
C ALA B 105 -35.85 13.20 -50.12
N GLY B 106 -35.23 13.64 -51.21
CA GLY B 106 -34.72 14.98 -51.29
C GLY B 106 -33.27 15.12 -50.89
N PHE B 107 -32.65 14.04 -50.38
CA PHE B 107 -31.26 14.05 -49.98
C PHE B 107 -30.54 12.95 -50.72
N ALA B 108 -29.23 13.10 -50.82
CA ALA B 108 -28.40 12.07 -51.42
C ALA B 108 -27.23 11.78 -50.49
N ILE B 109 -26.57 10.66 -50.75
CA ILE B 109 -25.33 10.34 -50.09
C ILE B 109 -24.25 10.40 -51.14
N LEU B 110 -23.22 11.20 -50.90
CA LEU B 110 -22.08 11.32 -51.80
C LEU B 110 -21.01 10.36 -51.37
N LYS B 111 -20.37 9.70 -52.31
CA LYS B 111 -19.40 8.67 -51.98
C LYS B 111 -18.11 9.02 -52.68
N CYS B 112 -17.02 9.04 -51.93
CA CYS B 112 -15.73 9.36 -52.50
C CYS B 112 -15.16 8.09 -53.10
N ASN B 113 -14.84 8.12 -54.39
CA ASN B 113 -14.40 6.94 -55.12
C ASN B 113 -12.88 6.79 -55.21
N ASN B 114 -12.11 7.75 -54.73
CA ASN B 114 -10.64 7.65 -54.77
C ASN B 114 -10.18 6.54 -53.81
N LYS B 115 -9.54 5.50 -54.37
CA LYS B 115 -9.09 4.33 -53.58
C LYS B 115 -8.21 4.71 -52.40
N THR B 116 -7.48 5.81 -52.50
CA THR B 116 -6.48 6.16 -51.50
C THR B 116 -6.89 7.35 -50.65
N PHE B 117 -8.13 7.80 -50.78
CA PHE B 117 -8.65 8.88 -49.95
C PHE B 117 -8.42 8.60 -48.48
N ASN B 118 -7.83 9.55 -47.77
CA ASN B 118 -7.48 9.32 -46.38
C ASN B 118 -8.60 9.71 -45.42
N GLY B 119 -9.75 10.13 -45.94
CA GLY B 119 -10.91 10.45 -45.14
C GLY B 119 -11.15 11.93 -44.95
N THR B 120 -10.23 12.76 -45.38
CA THR B 120 -10.17 14.20 -45.11
C THR B 120 -9.75 14.95 -46.37
N GLY B 121 -10.41 16.07 -46.63
CA GLY B 121 -9.98 16.97 -47.67
C GLY B 121 -10.74 16.78 -48.96
N PRO B 122 -10.16 17.22 -50.07
CA PRO B 122 -10.87 17.14 -51.36
C PRO B 122 -10.73 15.77 -52.01
N CYS B 123 -11.84 15.32 -52.60
CA CYS B 123 -11.90 14.04 -53.31
C CYS B 123 -12.41 14.29 -54.72
N ARG B 124 -11.65 13.84 -55.75
CA ARG B 124 -11.96 14.28 -57.11
C ARG B 124 -13.05 13.44 -57.76
N ASN B 125 -12.94 12.10 -57.69
CA ASN B 125 -13.94 11.23 -58.31
C ASN B 125 -15.01 10.87 -57.29
N VAL B 126 -16.25 11.33 -57.51
CA VAL B 126 -17.32 11.27 -56.53
C VAL B 126 -18.58 10.69 -57.18
N SER B 127 -19.32 9.87 -56.43
CA SER B 127 -20.61 9.38 -56.89
C SER B 127 -21.72 9.83 -55.95
N THR B 128 -22.95 9.69 -56.41
CA THR B 128 -24.09 9.89 -55.54
C THR B 128 -24.89 8.59 -55.51
N VAL B 129 -25.36 8.22 -54.31
CA VAL B 129 -26.03 6.94 -54.06
C VAL B 129 -27.19 7.17 -53.09
N GLN B 130 -28.13 6.20 -53.04
CA GLN B 130 -29.18 6.18 -52.01
C GLN B 130 -28.64 5.80 -50.64
N CYS B 131 -27.81 4.75 -50.59
CA CYS B 131 -27.45 4.12 -49.34
C CYS B 131 -25.98 3.78 -49.35
N THR B 132 -25.40 3.71 -48.16
CA THR B 132 -24.04 3.20 -48.03
C THR B 132 -24.02 1.72 -48.33
N HIS B 133 -22.82 1.17 -48.44
CA HIS B 133 -22.70 -0.28 -48.47
C HIS B 133 -23.14 -0.87 -47.14
N GLY B 134 -23.11 -2.20 -47.06
CA GLY B 134 -23.59 -2.85 -45.85
C GLY B 134 -22.48 -2.86 -44.83
N ILE B 135 -22.76 -2.34 -43.64
CA ILE B 135 -21.75 -2.20 -42.60
C ILE B 135 -22.15 -3.06 -41.43
N LYS B 136 -21.31 -4.02 -41.06
CA LYS B 136 -21.58 -4.79 -39.84
C LYS B 136 -21.20 -3.97 -38.62
N PRO B 137 -22.09 -3.74 -37.68
CA PRO B 137 -21.72 -2.91 -36.52
C PRO B 137 -20.94 -3.67 -35.44
N VAL B 138 -19.66 -3.92 -35.69
CA VAL B 138 -18.85 -4.78 -34.83
C VAL B 138 -18.16 -3.95 -33.75
N VAL B 139 -18.52 -4.20 -32.50
CA VAL B 139 -17.98 -3.48 -31.36
C VAL B 139 -16.70 -4.17 -30.90
N SER B 140 -15.59 -3.43 -30.88
CA SER B 140 -14.33 -3.99 -30.42
C SER B 140 -13.35 -2.86 -30.16
N THR B 141 -12.27 -3.18 -29.46
CA THR B 141 -11.12 -2.29 -29.29
C THR B 141 -9.88 -2.89 -29.95
N GLN B 142 -8.86 -2.04 -30.15
CA GLN B 142 -7.55 -2.40 -30.67
C GLN B 142 -7.59 -2.88 -32.11
N LEU B 143 -8.45 -3.85 -32.43
CA LEU B 143 -8.50 -4.39 -33.77
C LEU B 143 -9.90 -4.18 -34.30
N LEU B 144 -10.01 -3.74 -35.55
CA LEU B 144 -11.29 -3.63 -36.24
C LEU B 144 -11.54 -4.92 -37.00
N LEU B 145 -12.70 -5.52 -36.76
CA LEU B 145 -12.99 -6.87 -37.23
C LEU B 145 -14.09 -6.83 -38.28
N ASN B 146 -13.93 -7.59 -39.35
CA ASN B 146 -15.02 -7.85 -40.27
C ASN B 146 -15.47 -6.59 -41.01
N GLY B 147 -14.57 -5.63 -41.20
CA GLY B 147 -14.86 -4.48 -42.04
C GLY B 147 -14.54 -4.78 -43.49
N SER B 148 -14.45 -3.72 -44.28
CA SER B 148 -14.09 -3.88 -45.68
C SER B 148 -12.69 -3.35 -45.92
N LEU B 149 -11.93 -4.05 -46.76
CA LEU B 149 -10.53 -3.70 -46.86
C LEU B 149 -10.33 -2.53 -47.80
N ALA B 150 -9.20 -1.84 -47.64
CA ALA B 150 -8.79 -0.82 -48.59
C ALA B 150 -8.47 -1.47 -49.92
N GLU B 151 -8.92 -0.81 -50.99
CA GLU B 151 -8.87 -1.39 -52.32
C GLU B 151 -7.45 -1.47 -52.83
N GLU B 152 -6.56 -0.66 -52.29
CA GLU B 152 -5.31 -0.69 -52.99
C GLU B 152 -4.20 -0.76 -51.95
N GLU B 153 -3.84 0.35 -51.35
CA GLU B 153 -2.80 0.41 -50.32
C GLU B 153 -3.34 0.79 -48.95
N ILE B 154 -2.61 0.34 -47.92
CA ILE B 154 -2.92 0.59 -46.54
C ILE B 154 -3.04 2.09 -46.31
N ILE B 155 -4.22 2.57 -45.88
CA ILE B 155 -4.46 3.99 -45.65
C ILE B 155 -4.34 4.27 -44.16
N ILE B 156 -3.85 5.44 -43.83
CA ILE B 156 -3.62 5.80 -42.45
C ILE B 156 -4.45 7.06 -42.23
N ARG B 157 -5.48 6.97 -41.37
CA ARG B 157 -6.44 8.04 -41.15
C ARG B 157 -6.28 8.59 -39.75
N SER B 158 -6.37 9.91 -39.64
CA SER B 158 -6.31 10.53 -38.34
C SER B 158 -6.87 11.92 -38.47
N GLU B 159 -7.49 12.39 -37.39
CA GLU B 159 -7.98 13.76 -37.43
C GLU B 159 -6.81 14.71 -37.48
N ASN B 160 -5.63 14.27 -37.02
CA ASN B 160 -4.46 15.12 -36.87
C ASN B 160 -3.27 14.31 -36.39
N LEU B 161 -2.42 13.85 -37.31
CA LEU B 161 -1.33 12.97 -36.94
C LEU B 161 -0.32 13.61 -36.00
N THR B 162 -0.28 14.95 -35.95
CA THR B 162 0.68 15.60 -35.05
C THR B 162 0.19 15.59 -33.61
N ASN B 163 -1.12 15.53 -33.42
CA ASN B 163 -1.74 15.38 -32.11
C ASN B 163 -1.67 13.93 -31.67
N ASN B 164 -0.78 13.59 -30.73
CA ASN B 164 -0.74 12.19 -30.30
C ASN B 164 -2.02 11.75 -29.60
N ALA B 165 -2.85 12.67 -29.14
CA ALA B 165 -4.10 12.31 -28.50
C ALA B 165 -5.18 11.84 -29.46
N LYS B 166 -5.03 12.06 -30.77
CA LYS B 166 -6.06 11.65 -31.73
C LYS B 166 -5.82 10.21 -32.17
N THR B 167 -6.89 9.42 -32.17
CA THR B 167 -6.80 8.03 -32.57
C THR B 167 -6.37 7.90 -34.02
N ILE B 168 -5.48 6.96 -34.32
CA ILE B 168 -5.08 6.64 -35.69
C ILE B 168 -5.85 5.39 -36.12
N ILE B 169 -6.54 5.47 -37.26
CA ILE B 169 -7.19 4.31 -37.84
C ILE B 169 -6.34 3.85 -38.99
N VAL B 170 -5.88 2.60 -38.93
CA VAL B 170 -5.14 1.95 -40.01
C VAL B 170 -6.12 1.08 -40.77
N HIS B 171 -6.22 1.28 -42.07
CA HIS B 171 -7.12 0.52 -42.94
C HIS B 171 -6.30 -0.47 -43.76
N LEU B 172 -6.44 -1.76 -43.48
CA LEU B 172 -5.61 -2.75 -44.15
C LEU B 172 -6.16 -3.03 -45.56
N ASN B 173 -5.27 -3.47 -46.46
CA ASN B 173 -5.70 -3.97 -47.77
C ASN B 173 -5.73 -5.49 -47.85
N GLU B 174 -5.12 -6.19 -46.92
CA GLU B 174 -5.26 -7.63 -46.76
C GLU B 174 -5.73 -7.93 -45.36
N SER B 175 -6.74 -8.80 -45.23
CA SER B 175 -7.22 -9.12 -43.91
C SER B 175 -6.29 -10.15 -43.28
N VAL B 176 -6.25 -10.13 -41.95
CA VAL B 176 -5.51 -11.09 -41.15
C VAL B 176 -6.52 -11.85 -40.31
N ASN B 177 -6.54 -13.15 -40.47
CA ASN B 177 -7.46 -14.00 -39.75
C ASN B 177 -7.15 -14.00 -38.27
N ILE B 178 -8.18 -13.96 -37.43
CA ILE B 178 -7.98 -14.19 -36.00
C ILE B 178 -9.09 -15.12 -35.55
N VAL B 179 -8.72 -16.22 -34.89
CA VAL B 179 -9.65 -17.26 -34.46
C VAL B 179 -9.62 -17.29 -32.95
N CYS B 180 -10.76 -16.99 -32.31
CA CYS B 180 -10.84 -16.98 -30.86
C CYS B 180 -11.85 -18.02 -30.43
N THR B 181 -11.47 -18.83 -29.44
CA THR B 181 -12.32 -19.93 -29.03
C THR B 181 -12.23 -20.12 -27.52
N ARG B 182 -13.39 -20.37 -26.91
CA ARG B 182 -13.46 -20.97 -25.59
C ARG B 182 -13.81 -22.43 -25.80
N PRO B 183 -12.91 -23.37 -25.52
CA PRO B 183 -13.17 -24.77 -25.86
C PRO B 183 -14.14 -25.41 -24.88
N ASN B 184 -14.67 -26.58 -25.27
CA ASN B 184 -15.62 -27.33 -24.45
C ASN B 184 -15.01 -28.03 -23.21
N ASN B 193 -10.41 -23.33 -17.18
CA ASN B 193 -11.44 -22.41 -16.73
C ASN B 193 -12.59 -22.41 -17.71
N ILE B 194 -13.75 -22.08 -17.13
CA ILE B 194 -14.97 -21.83 -17.89
C ILE B 194 -14.83 -20.50 -18.64
N ARG B 195 -14.14 -19.55 -18.01
CA ARG B 195 -13.77 -18.21 -18.46
C ARG B 195 -12.56 -18.16 -19.40
N GLN B 196 -11.80 -19.24 -19.59
CA GLN B 196 -10.50 -19.07 -20.23
C GLN B 196 -10.61 -19.40 -21.71
N ALA B 197 -9.95 -18.60 -22.55
CA ALA B 197 -10.02 -18.79 -24.00
C ALA B 197 -8.72 -18.29 -24.63
N HIS B 198 -8.61 -18.48 -25.94
CA HIS B 198 -7.39 -18.06 -26.62
C HIS B 198 -7.71 -17.69 -28.06
N CYS B 199 -6.89 -16.82 -28.64
CA CYS B 199 -6.99 -16.49 -30.05
C CYS B 199 -5.71 -16.90 -30.78
N ASN B 200 -5.84 -17.36 -32.01
CA ASN B 200 -4.70 -17.76 -32.81
C ASN B 200 -4.56 -16.84 -34.01
N ILE B 201 -3.36 -16.29 -34.20
CA ILE B 201 -3.05 -15.50 -35.38
C ILE B 201 -1.78 -16.07 -36.00
N ASN B 202 -1.81 -16.26 -37.31
CA ASN B 202 -0.65 -16.76 -38.04
C ASN B 202 0.44 -15.68 -38.01
N GLU B 203 1.51 -15.91 -37.21
CA GLU B 203 2.59 -14.93 -37.09
C GLU B 203 3.14 -14.46 -38.43
N SER B 204 3.00 -15.24 -39.49
CA SER B 204 3.57 -14.82 -40.77
C SER B 204 2.77 -13.71 -41.46
N LYS B 205 1.47 -13.92 -41.61
CA LYS B 205 0.55 -12.87 -42.06
C LYS B 205 0.66 -11.61 -41.20
N TRP B 206 0.64 -11.77 -39.87
CA TRP B 206 0.73 -10.61 -39.00
C TRP B 206 2.04 -9.87 -39.20
N ASN B 207 3.12 -10.64 -39.25
CA ASN B 207 4.45 -10.16 -39.58
C ASN B 207 4.46 -9.32 -40.84
N ASN B 208 3.81 -9.81 -41.90
CA ASN B 208 3.93 -9.07 -43.12
C ASN B 208 3.21 -7.73 -42.97
N THR B 209 1.99 -7.80 -42.42
CA THR B 209 1.14 -6.63 -42.36
C THR B 209 1.76 -5.56 -41.47
N LEU B 210 2.37 -5.94 -40.34
CA LEU B 210 3.01 -4.89 -39.57
C LEU B 210 4.23 -4.33 -40.31
N GLN B 211 4.85 -5.13 -41.17
CA GLN B 211 5.91 -4.59 -42.03
C GLN B 211 5.36 -3.48 -42.93
N LYS B 212 4.23 -3.72 -43.58
CA LYS B 212 3.62 -2.69 -44.44
C LYS B 212 3.00 -1.51 -43.68
N VAL B 213 2.43 -1.77 -42.50
CA VAL B 213 1.93 -0.66 -41.69
C VAL B 213 3.10 0.21 -41.26
N GLY B 214 4.22 -0.40 -40.88
CA GLY B 214 5.40 0.38 -40.56
C GLY B 214 5.88 1.22 -41.73
N GLU B 215 5.88 0.66 -42.95
CA GLU B 215 6.23 1.48 -44.12
C GLU B 215 5.36 2.74 -44.19
N GLU B 216 4.03 2.59 -44.12
CA GLU B 216 3.12 3.73 -44.23
C GLU B 216 3.33 4.74 -43.10
N LEU B 217 3.42 4.23 -41.86
CA LEU B 217 3.68 5.14 -40.75
C LEU B 217 5.00 5.86 -40.96
N ALA B 218 5.95 5.23 -41.65
CA ALA B 218 7.26 5.85 -41.84
C ALA B 218 7.17 6.99 -42.83
N LYS B 219 6.43 6.79 -43.93
CA LYS B 219 6.10 7.91 -44.80
C LYS B 219 5.63 9.09 -43.98
N HIS B 220 4.77 8.86 -42.97
CA HIS B 220 4.29 10.04 -42.24
C HIS B 220 5.21 10.53 -41.12
N PHE B 221 6.12 9.70 -40.60
CA PHE B 221 7.13 10.12 -39.62
C PHE B 221 8.47 9.59 -40.13
N PRO B 222 9.20 10.38 -40.94
CA PRO B 222 10.27 9.80 -41.76
C PRO B 222 11.64 9.67 -41.10
N SER B 223 11.97 10.51 -40.12
CA SER B 223 13.29 10.34 -39.52
C SER B 223 13.32 9.18 -38.54
N LYS B 224 12.16 8.70 -38.09
CA LYS B 224 12.07 7.98 -36.83
C LYS B 224 11.97 6.46 -37.02
N THR B 225 12.45 5.75 -36.01
CA THR B 225 12.16 4.32 -35.85
C THR B 225 10.72 4.14 -35.38
N ILE B 226 10.02 3.14 -35.96
CA ILE B 226 8.61 2.89 -35.71
C ILE B 226 8.49 1.66 -34.81
N LYS B 227 8.07 1.86 -33.55
CA LYS B 227 7.90 0.78 -32.59
C LYS B 227 6.42 0.52 -32.28
N PHE B 228 6.05 -0.77 -32.23
CA PHE B 228 4.74 -1.20 -31.75
C PHE B 228 4.90 -1.83 -30.37
N GLU B 229 4.12 -1.36 -29.39
CA GLU B 229 4.20 -1.86 -28.02
C GLU B 229 2.79 -2.08 -27.51
N PRO B 230 2.62 -2.88 -26.45
CA PRO B 230 1.26 -3.11 -25.95
C PRO B 230 0.70 -1.85 -25.33
N SER B 231 -0.61 -1.86 -25.15
CA SER B 231 -1.30 -0.74 -24.52
C SER B 231 -0.80 -0.53 -23.11
N SER B 232 -0.50 0.72 -22.78
CA SER B 232 -0.04 1.09 -21.45
C SER B 232 -1.13 0.91 -20.39
N GLY B 233 -2.10 1.83 -20.29
CA GLY B 233 -3.05 1.78 -19.20
C GLY B 233 -4.48 2.03 -19.65
N GLY B 234 -5.39 1.79 -18.73
CA GLY B 234 -6.80 1.98 -18.97
C GLY B 234 -7.56 0.83 -18.36
N ASP B 235 -8.87 0.79 -18.60
CA ASP B 235 -9.63 -0.37 -18.20
C ASP B 235 -9.31 -1.53 -19.12
N LEU B 236 -9.60 -2.74 -18.64
CA LEU B 236 -9.31 -3.93 -19.42
C LEU B 236 -9.89 -3.83 -20.82
N GLU B 237 -11.00 -3.12 -20.99
CA GLU B 237 -11.64 -3.11 -22.31
C GLU B 237 -10.73 -2.53 -23.37
N ILE B 238 -9.82 -1.61 -23.02
CA ILE B 238 -8.97 -0.97 -24.00
C ILE B 238 -7.52 -1.45 -23.90
N THR B 239 -7.08 -1.96 -22.75
CA THR B 239 -5.74 -2.52 -22.68
C THR B 239 -5.67 -3.93 -23.24
N THR B 240 -6.81 -4.55 -23.52
CA THR B 240 -6.85 -5.80 -24.25
C THR B 240 -7.68 -5.60 -25.49
N HIS B 241 -7.65 -6.59 -26.37
CA HIS B 241 -8.56 -6.58 -27.51
C HIS B 241 -9.84 -7.19 -27.02
N SER B 242 -10.87 -6.36 -26.80
CA SER B 242 -12.14 -6.84 -26.29
C SER B 242 -13.18 -6.78 -27.39
N PHE B 243 -14.07 -7.76 -27.37
CA PHE B 243 -15.06 -7.88 -28.41
C PHE B 243 -16.13 -8.84 -27.89
N ASN B 244 -17.27 -8.86 -28.57
CA ASN B 244 -18.34 -9.77 -28.21
C ASN B 244 -18.42 -10.88 -29.24
N CYS B 245 -18.50 -12.11 -28.74
CA CYS B 245 -18.53 -13.31 -29.57
C CYS B 245 -19.63 -14.21 -29.04
N ARG B 246 -20.69 -14.34 -29.85
CA ARG B 246 -21.88 -15.17 -29.64
C ARG B 246 -22.48 -14.86 -28.28
N GLY B 247 -22.38 -13.58 -27.95
CA GLY B 247 -23.01 -13.01 -26.81
C GLY B 247 -22.08 -12.85 -25.63
N GLU B 248 -20.94 -13.52 -25.68
CA GLU B 248 -19.98 -13.52 -24.59
C GLU B 248 -18.92 -12.45 -24.84
N PHE B 249 -18.45 -11.80 -23.76
CA PHE B 249 -17.48 -10.71 -23.88
C PHE B 249 -16.09 -11.27 -23.67
N PHE B 250 -15.28 -11.27 -24.74
CA PHE B 250 -13.89 -11.73 -24.68
C PHE B 250 -12.94 -10.57 -24.43
N TYR B 251 -11.92 -10.81 -23.63
CA TYR B 251 -10.84 -9.86 -23.36
C TYR B 251 -9.55 -10.59 -23.65
N CYS B 252 -8.88 -10.23 -24.75
CA CYS B 252 -7.72 -10.98 -25.26
C CYS B 252 -6.44 -10.17 -25.17
N ASN B 253 -5.44 -10.70 -24.46
CA ASN B 253 -4.18 -10.01 -24.23
C ASN B 253 -3.41 -9.89 -25.55
N THR B 254 -2.93 -8.69 -25.87
CA THR B 254 -2.28 -8.47 -27.16
C THR B 254 -0.80 -8.10 -27.03
N SER B 255 -0.21 -8.28 -25.85
CA SER B 255 1.18 -7.90 -25.69
C SER B 255 2.13 -8.75 -26.54
N ASP B 256 1.72 -9.91 -27.01
CA ASP B 256 2.53 -10.61 -27.99
C ASP B 256 2.23 -10.19 -29.42
N LEU B 257 1.24 -9.32 -29.61
CA LEU B 257 0.82 -8.90 -30.93
C LEU B 257 1.37 -7.53 -31.30
N PHE B 258 1.17 -6.53 -30.44
CA PHE B 258 1.72 -5.20 -30.65
C PHE B 258 3.04 -5.14 -29.90
N ASN B 259 4.07 -5.65 -30.56
CA ASN B 259 5.36 -5.96 -29.96
C ASN B 259 6.37 -6.23 -31.07
N GLY B 260 7.02 -5.18 -31.56
CA GLY B 260 7.83 -5.30 -32.75
C GLY B 260 8.44 -3.96 -33.10
N THR B 261 9.55 -4.01 -33.86
CA THR B 261 10.26 -2.82 -34.32
C THR B 261 10.42 -2.81 -35.84
N TYR B 262 10.13 -1.65 -36.44
CA TYR B 262 10.38 -1.35 -37.86
C TYR B 262 11.55 -0.36 -37.93
N ARG B 263 12.73 -0.85 -38.30
CA ARG B 263 13.99 -0.08 -38.20
C ARG B 263 14.46 0.47 -39.53
N ASN B 264 14.97 -0.40 -40.40
CA ASN B 264 15.67 0.08 -41.59
C ASN B 264 14.93 -0.40 -42.82
N GLY B 265 13.69 0.03 -42.98
CA GLY B 265 12.85 -0.61 -43.97
C GLY B 265 12.53 -2.06 -43.64
N THR B 266 12.84 -2.54 -42.44
CA THR B 266 12.60 -3.93 -42.05
C THR B 266 11.82 -4.00 -40.74
N TYR B 267 10.84 -4.91 -40.66
CA TYR B 267 10.08 -5.14 -39.44
C TYR B 267 10.60 -6.36 -38.67
N ASN B 268 10.98 -6.17 -37.40
CA ASN B 268 11.30 -7.25 -36.46
C ASN B 268 10.14 -7.51 -35.51
N HIS B 269 9.63 -8.74 -35.45
CA HIS B 269 8.64 -9.06 -34.44
C HIS B 269 9.28 -9.56 -33.15
N THR B 270 8.86 -8.96 -32.04
CA THR B 270 9.40 -9.12 -30.70
C THR B 270 8.50 -9.93 -29.76
N GLY B 271 7.24 -10.14 -30.12
CA GLY B 271 6.38 -10.93 -29.28
C GLY B 271 6.60 -12.40 -29.50
N ARG B 272 6.18 -13.22 -28.53
CA ARG B 272 6.43 -14.65 -28.61
C ARG B 272 5.42 -15.33 -29.52
N SER B 273 5.90 -16.18 -30.41
CA SER B 273 5.08 -17.11 -31.18
C SER B 273 5.55 -18.53 -30.91
N SER B 274 4.81 -19.50 -31.45
CA SER B 274 5.16 -20.92 -31.31
C SER B 274 4.58 -21.66 -32.49
N ASN B 275 5.42 -22.39 -33.21
CA ASN B 275 4.97 -23.06 -34.44
C ASN B 275 4.40 -22.06 -35.44
N GLY B 276 4.94 -20.85 -35.45
CA GLY B 276 4.50 -19.84 -36.41
C GLY B 276 3.11 -19.31 -36.12
N THR B 277 2.70 -19.30 -34.86
CA THR B 277 1.38 -18.87 -34.42
C THR B 277 1.53 -18.02 -33.17
N ILE B 278 1.00 -16.79 -33.22
CA ILE B 278 0.79 -16.01 -32.02
C ILE B 278 -0.52 -16.46 -31.39
N THR B 279 -0.49 -16.74 -30.10
CA THR B 279 -1.69 -17.14 -29.39
C THR B 279 -1.94 -16.12 -28.30
N LEU B 280 -3.08 -15.44 -28.39
CA LEU B 280 -3.49 -14.51 -27.34
C LEU B 280 -4.27 -15.26 -26.26
N GLN B 281 -3.92 -15.00 -25.01
CA GLN B 281 -4.66 -15.53 -23.87
C GLN B 281 -5.84 -14.62 -23.59
N CYS B 282 -7.05 -15.20 -23.53
CA CYS B 282 -8.27 -14.43 -23.32
C CYS B 282 -9.01 -14.85 -22.04
N LYS B 283 -9.88 -13.96 -21.60
CA LYS B 283 -10.83 -14.23 -20.53
C LYS B 283 -12.22 -13.77 -20.98
N ILE B 284 -13.25 -14.54 -20.61
CA ILE B 284 -14.63 -14.11 -20.77
C ILE B 284 -15.07 -13.50 -19.45
N LYS B 285 -15.60 -12.28 -19.51
CA LYS B 285 -15.87 -11.54 -18.30
C LYS B 285 -17.36 -11.27 -18.19
N GLN B 286 -17.81 -11.06 -16.95
CA GLN B 286 -19.21 -10.79 -16.65
C GLN B 286 -19.45 -9.32 -16.33
N ILE B 287 -18.46 -8.64 -15.75
CA ILE B 287 -18.55 -7.22 -15.41
C ILE B 287 -17.88 -6.42 -16.52
N ILE B 288 -18.66 -5.60 -17.21
CA ILE B 288 -18.24 -4.90 -18.42
C ILE B 288 -18.29 -3.40 -18.16
N ASN B 289 -17.23 -2.69 -18.52
CA ASN B 289 -17.30 -1.24 -18.64
C ASN B 289 -17.94 -0.89 -19.97
N MET B 290 -19.07 -0.19 -19.93
CA MET B 290 -19.87 -0.05 -21.14
C MET B 290 -19.22 0.92 -22.09
N TRP B 291 -19.34 0.62 -23.40
CA TRP B 291 -18.90 1.57 -24.40
C TRP B 291 -19.94 2.63 -24.66
N GLN B 292 -21.20 2.37 -24.32
CA GLN B 292 -22.31 3.26 -24.65
C GLN B 292 -22.30 4.52 -23.80
N GLU B 293 -21.92 4.39 -22.54
CA GLU B 293 -21.93 5.48 -21.59
C GLU B 293 -21.01 5.08 -20.47
N VAL B 294 -20.72 6.02 -19.58
CA VAL B 294 -19.95 5.71 -18.38
C VAL B 294 -20.83 4.87 -17.46
N GLY B 295 -20.49 3.61 -17.29
CA GLY B 295 -21.28 2.74 -16.44
C GLY B 295 -20.71 1.35 -16.55
N ARG B 296 -21.17 0.47 -15.65
CA ARG B 296 -20.84 -0.94 -15.72
C ARG B 296 -22.07 -1.78 -15.96
N ALA B 297 -21.90 -2.91 -16.63
CA ALA B 297 -22.98 -3.86 -16.92
C ALA B 297 -22.56 -5.26 -16.51
N ILE B 298 -23.48 -6.03 -15.91
CA ILE B 298 -23.15 -7.36 -15.41
C ILE B 298 -24.01 -8.39 -16.13
N TYR B 299 -23.36 -9.44 -16.65
CA TYR B 299 -23.98 -10.45 -17.47
C TYR B 299 -23.87 -11.81 -16.79
N ALA B 300 -24.62 -12.78 -17.29
CA ALA B 300 -24.62 -14.11 -16.71
C ALA B 300 -23.38 -14.89 -17.14
N PRO B 301 -23.02 -15.95 -16.42
CA PRO B 301 -21.84 -16.75 -16.76
C PRO B 301 -21.94 -17.33 -18.17
N PRO B 302 -20.83 -17.82 -18.72
CA PRO B 302 -20.82 -18.16 -20.14
C PRO B 302 -21.71 -19.36 -20.44
N ILE B 303 -22.31 -19.38 -21.64
CA ILE B 303 -23.07 -20.56 -22.03
C ILE B 303 -22.08 -21.72 -22.21
N GLU B 304 -22.57 -22.95 -22.14
CA GLU B 304 -21.65 -24.06 -22.35
C GLU B 304 -21.49 -24.40 -23.82
N GLY B 305 -20.59 -25.34 -24.04
CA GLY B 305 -20.12 -25.67 -25.35
C GLY B 305 -18.88 -24.89 -25.72
N GLU B 306 -18.59 -24.91 -27.01
CA GLU B 306 -17.42 -24.26 -27.54
C GLU B 306 -17.85 -22.94 -28.15
N ILE B 307 -17.20 -21.86 -27.73
CA ILE B 307 -17.55 -20.53 -28.21
C ILE B 307 -16.42 -20.09 -29.12
N THR B 308 -16.69 -19.99 -30.43
CA THR B 308 -15.65 -19.70 -31.39
C THR B 308 -16.11 -18.62 -32.36
N CYS B 309 -15.25 -17.62 -32.58
CA CYS B 309 -15.46 -16.63 -33.64
C CYS B 309 -14.24 -16.65 -34.53
N ASN B 310 -14.48 -16.72 -35.84
CA ASN B 310 -13.44 -16.72 -36.85
C ASN B 310 -13.59 -15.41 -37.60
N SER B 311 -12.71 -14.45 -37.34
CA SER B 311 -12.94 -13.10 -37.82
C SER B 311 -11.78 -12.67 -38.72
N ASN B 312 -12.02 -11.66 -39.54
CA ASN B 312 -10.97 -11.00 -40.29
C ASN B 312 -10.57 -9.73 -39.55
N ILE B 313 -9.28 -9.58 -39.23
CA ILE B 313 -8.79 -8.25 -38.86
C ILE B 313 -8.68 -7.42 -40.13
N THR B 314 -9.42 -6.31 -40.20
CA THR B 314 -9.35 -5.46 -41.37
C THR B 314 -8.83 -4.06 -41.07
N GLY B 315 -8.48 -3.76 -39.81
CA GLY B 315 -7.95 -2.45 -39.50
C GLY B 315 -7.44 -2.47 -38.08
N LEU B 316 -6.71 -1.42 -37.73
CA LEU B 316 -6.19 -1.26 -36.37
C LEU B 316 -6.56 0.12 -35.86
N LEU B 317 -6.65 0.23 -34.54
CA LEU B 317 -6.78 1.53 -33.87
C LEU B 317 -5.54 1.73 -33.03
N LEU B 318 -4.79 2.80 -33.31
CA LEU B 318 -3.50 3.01 -32.66
C LEU B 318 -3.45 4.38 -32.02
N LEU B 319 -2.55 4.50 -31.05
CA LEU B 319 -2.29 5.75 -30.37
C LEU B 319 -0.78 5.94 -30.30
N ARG B 320 -0.31 7.10 -30.76
CA ARG B 320 1.11 7.44 -30.70
C ARG B 320 1.47 8.04 -29.35
N ASP B 321 2.66 7.71 -28.86
CA ASP B 321 3.17 8.40 -27.68
C ASP B 321 3.65 9.80 -28.02
N ASP B 330 15.61 9.01 -33.25
CA ASP B 330 14.55 9.21 -32.33
C ASP B 330 13.36 8.40 -32.82
N THR B 331 12.45 8.07 -31.90
CA THR B 331 11.54 6.95 -32.10
C THR B 331 10.10 7.39 -31.95
N GLU B 332 9.23 6.86 -32.79
CA GLU B 332 7.79 6.96 -32.59
C GLU B 332 7.25 5.59 -32.17
N THR B 333 6.40 5.59 -31.16
CA THR B 333 5.87 4.36 -30.57
C THR B 333 4.35 4.36 -30.66
N PHE B 334 3.79 3.29 -31.19
CA PHE B 334 2.36 3.11 -31.38
C PHE B 334 1.84 1.97 -30.53
N ARG B 335 0.81 2.24 -29.74
CA ARG B 335 0.14 1.22 -28.97
C ARG B 335 -1.31 1.08 -29.40
N PRO B 336 -1.92 -0.09 -29.21
CA PRO B 336 -3.32 -0.25 -29.61
C PRO B 336 -4.21 0.63 -28.77
N GLY B 337 -5.28 1.11 -29.40
CA GLY B 337 -6.22 1.98 -28.74
C GLY B 337 -7.64 1.52 -28.89
N GLY B 338 -8.59 2.44 -28.80
CA GLY B 338 -9.99 2.13 -28.90
C GLY B 338 -10.73 2.61 -27.68
N GLY B 339 -12.04 2.35 -27.68
CA GLY B 339 -12.92 2.67 -26.57
C GLY B 339 -14.08 3.55 -26.99
N ASP B 340 -13.90 4.32 -28.04
CA ASP B 340 -14.95 5.18 -28.58
C ASP B 340 -15.47 4.49 -29.83
N MET B 341 -16.63 3.81 -29.72
CA MET B 341 -17.08 3.03 -30.88
C MET B 341 -17.38 3.89 -32.10
N ARG B 342 -17.43 5.21 -31.93
CA ARG B 342 -17.62 6.03 -33.12
C ARG B 342 -16.46 5.89 -34.09
N ASP B 343 -15.25 5.62 -33.59
CA ASP B 343 -14.12 5.40 -34.50
C ASP B 343 -14.33 4.12 -35.32
N ASN B 344 -14.92 3.09 -34.73
CA ASN B 344 -15.30 1.89 -35.49
C ASN B 344 -16.26 2.24 -36.61
N TRP B 345 -17.33 2.98 -36.32
CA TRP B 345 -18.25 3.35 -37.40
C TRP B 345 -17.56 4.22 -38.45
N ARG B 346 -16.93 5.28 -38.00
CA ARG B 346 -16.03 6.13 -38.78
C ARG B 346 -15.14 5.40 -39.78
N SER B 347 -14.60 4.24 -39.37
CA SER B 347 -13.68 3.53 -40.26
C SER B 347 -14.36 3.01 -41.51
N GLU B 348 -15.68 2.88 -41.47
CA GLU B 348 -16.51 2.39 -42.56
C GLU B 348 -17.23 3.53 -43.29
N LEU B 349 -17.64 4.55 -42.55
CA LEU B 349 -18.40 5.65 -43.12
C LEU B 349 -17.52 6.76 -43.68
N TYR B 350 -16.19 6.60 -43.66
CA TYR B 350 -15.31 7.72 -43.98
C TYR B 350 -15.55 8.28 -45.38
N LYS B 351 -16.02 7.46 -46.30
CA LYS B 351 -16.10 7.88 -47.69
C LYS B 351 -17.45 8.49 -48.06
N TYR B 352 -18.29 8.80 -47.08
CA TYR B 352 -19.68 9.15 -47.32
C TYR B 352 -20.00 10.49 -46.69
N LYS B 353 -20.81 11.27 -47.40
CA LYS B 353 -21.37 12.54 -46.93
C LYS B 353 -22.84 12.58 -47.34
N VAL B 354 -23.68 13.24 -46.53
CA VAL B 354 -25.07 13.52 -46.91
C VAL B 354 -25.17 14.94 -47.45
N VAL B 355 -25.90 15.14 -48.55
CA VAL B 355 -25.91 16.50 -49.09
C VAL B 355 -27.37 16.87 -49.36
N GLU B 356 -27.61 18.17 -49.55
CA GLU B 356 -28.77 18.75 -50.23
C GLU B 356 -30.05 18.57 -49.42
N LYS C 6 -21.34 -33.59 16.36
CA LYS C 6 -22.13 -34.78 16.69
C LYS C 6 -23.61 -34.42 17.03
N THR C 7 -23.85 -33.14 17.35
CA THR C 7 -25.13 -32.59 17.77
C THR C 7 -25.16 -31.13 17.33
N THR C 8 -26.28 -30.43 17.52
CA THR C 8 -26.32 -29.01 17.16
C THR C 8 -26.01 -28.15 18.39
N LEU C 9 -25.05 -27.24 18.25
CA LEU C 9 -24.63 -26.35 19.33
C LEU C 9 -25.43 -25.07 19.34
N PHE C 10 -25.35 -24.35 20.45
CA PHE C 10 -25.92 -23.02 20.51
C PHE C 10 -24.82 -22.02 20.80
N CYS C 11 -25.09 -20.76 20.47
CA CYS C 11 -24.12 -19.70 20.72
C CYS C 11 -24.53 -18.89 21.94
N ALA C 12 -23.52 -18.44 22.68
CA ALA C 12 -23.67 -17.46 23.73
C ALA C 12 -22.91 -16.22 23.32
N SER C 13 -23.45 -15.06 23.64
CA SER C 13 -22.79 -13.82 23.29
C SER C 13 -23.06 -12.83 24.39
N ASP C 14 -22.37 -11.70 24.30
CA ASP C 14 -22.50 -10.68 25.32
C ASP C 14 -23.16 -9.45 24.73
N ALA C 15 -24.06 -9.65 23.77
CA ALA C 15 -24.66 -8.57 23.01
C ALA C 15 -25.78 -7.89 23.78
N LYS C 16 -26.06 -6.63 23.42
CA LYS C 16 -27.18 -5.87 23.99
C LYS C 16 -28.31 -5.81 22.97
N ALA C 17 -29.53 -5.84 23.47
CA ALA C 17 -30.67 -5.56 22.61
C ALA C 17 -30.78 -4.10 22.18
N TYR C 18 -29.81 -3.24 22.53
CA TYR C 18 -29.93 -1.79 22.28
C TYR C 18 -28.84 -1.24 21.40
N GLU C 19 -27.80 -2.02 21.10
CA GLU C 19 -26.96 -1.70 19.97
C GLU C 19 -27.80 -1.86 18.71
N LYS C 20 -27.69 -0.91 17.81
CA LYS C 20 -28.07 -1.22 16.44
C LYS C 20 -26.93 -1.83 15.64
N GLU C 21 -25.78 -2.05 16.25
CA GLU C 21 -24.73 -2.76 15.54
C GLU C 21 -25.26 -4.14 15.20
N VAL C 22 -25.05 -4.55 13.96
CA VAL C 22 -25.81 -5.68 13.44
C VAL C 22 -25.36 -7.02 14.04
N HIS C 23 -24.09 -7.17 14.42
CA HIS C 23 -23.74 -8.40 15.13
C HIS C 23 -24.52 -8.50 16.43
N ASN C 24 -24.64 -7.38 17.15
CA ASN C 24 -25.41 -7.37 18.39
C ASN C 24 -26.86 -7.77 18.16
N VAL C 25 -27.50 -7.17 17.14
CA VAL C 25 -28.89 -7.50 16.85
C VAL C 25 -29.05 -8.98 16.55
N TRP C 26 -28.20 -9.49 15.65
CA TRP C 26 -28.31 -10.89 15.29
C TRP C 26 -28.16 -11.76 16.50
N ALA C 27 -27.15 -11.45 17.34
CA ALA C 27 -26.83 -12.30 18.48
C ALA C 27 -27.94 -12.26 19.53
N THR C 28 -28.57 -11.10 19.73
CA THR C 28 -29.67 -11.07 20.70
C THR C 28 -30.85 -11.89 20.20
N HIS C 29 -31.03 -12.01 18.88
CA HIS C 29 -32.07 -12.93 18.43
C HIS C 29 -31.63 -14.38 18.45
N ALA C 30 -30.33 -14.66 18.29
CA ALA C 30 -29.89 -16.01 17.97
C ALA C 30 -29.13 -16.69 19.08
N CYS C 31 -28.63 -15.95 20.06
CA CYS C 31 -27.74 -16.50 21.07
C CYS C 31 -28.31 -16.23 22.46
N VAL C 32 -27.82 -17.01 23.42
CA VAL C 32 -28.24 -16.85 24.82
C VAL C 32 -27.13 -16.08 25.51
N PRO C 33 -27.35 -15.52 26.68
CA PRO C 33 -26.26 -14.79 27.34
C PRO C 33 -25.21 -15.76 27.87
N THR C 34 -24.03 -15.19 28.11
CA THR C 34 -22.88 -15.98 28.51
C THR C 34 -22.90 -16.25 30.01
N ASP C 35 -22.36 -17.41 30.40
CA ASP C 35 -22.16 -17.72 31.80
C ASP C 35 -21.11 -16.79 32.42
N PRO C 36 -21.43 -16.14 33.54
CA PRO C 36 -20.45 -15.25 34.16
C PRO C 36 -19.27 -16.02 34.75
N ASN C 37 -19.45 -17.26 35.19
CA ASN C 37 -18.29 -18.13 35.41
C ASN C 37 -18.54 -19.44 34.67
N PRO C 38 -17.83 -19.68 33.55
CA PRO C 38 -17.85 -21.01 32.94
C PRO C 38 -17.16 -22.01 33.86
N GLN C 39 -17.62 -23.25 33.77
CA GLN C 39 -16.95 -24.41 34.36
C GLN C 39 -15.84 -24.90 33.44
N GLU C 40 -14.75 -25.40 34.02
CA GLU C 40 -13.71 -26.09 33.27
C GLU C 40 -13.10 -27.22 34.08
N MET C 41 -12.88 -28.36 33.43
CA MET C 41 -12.42 -29.60 34.06
C MET C 41 -11.18 -30.12 33.31
N VAL C 42 -9.99 -29.67 33.74
CA VAL C 42 -8.73 -30.39 33.47
C VAL C 42 -8.85 -31.90 33.55
N LEU C 43 -7.97 -32.56 32.80
CA LEU C 43 -7.80 -34.00 32.71
C LEU C 43 -6.46 -34.32 32.00
N ALA C 44 -5.30 -34.09 32.65
CA ALA C 44 -3.98 -34.21 32.00
C ALA C 44 -3.53 -35.65 31.73
N ASN C 45 -4.25 -36.66 32.20
CA ASN C 45 -3.96 -38.05 31.86
C ASN C 45 -4.54 -38.47 30.51
N VAL C 46 -5.65 -37.83 30.09
CA VAL C 46 -6.64 -38.47 29.21
C VAL C 46 -6.04 -38.78 27.84
N THR C 47 -5.49 -37.76 27.17
CA THR C 47 -5.06 -37.84 25.78
C THR C 47 -6.20 -38.21 24.82
N GLU C 48 -6.58 -37.25 23.96
CA GLU C 48 -7.53 -37.49 22.89
C GLU C 48 -7.07 -36.88 21.58
N ASN C 49 -7.79 -37.29 20.54
CA ASN C 49 -7.45 -36.98 19.15
C ASN C 49 -8.35 -35.86 18.63
N PHE C 50 -7.75 -34.86 18.00
CA PHE C 50 -8.49 -33.81 17.35
C PHE C 50 -8.13 -33.77 15.88
N ASN C 51 -9.02 -33.21 15.07
CA ASN C 51 -8.68 -32.94 13.68
C ASN C 51 -9.41 -31.67 13.28
N MET C 52 -8.70 -30.54 13.26
CA MET C 52 -9.32 -29.25 13.01
C MET C 52 -9.86 -29.18 11.59
N TRP C 53 -9.40 -30.07 10.71
CA TRP C 53 -9.79 -30.01 9.30
C TRP C 53 -11.08 -30.76 9.03
N LYS C 54 -11.55 -31.55 9.98
CA LYS C 54 -12.83 -32.24 9.90
C LYS C 54 -13.47 -32.05 11.26
N ASN C 55 -14.15 -30.93 11.44
CA ASN C 55 -14.65 -30.49 12.72
C ASN C 55 -16.00 -29.87 12.45
N ASP C 56 -17.05 -30.49 12.95
CA ASP C 56 -18.38 -30.04 12.57
C ASP C 56 -18.73 -28.72 13.23
N MET C 57 -18.02 -28.35 14.30
CA MET C 57 -18.20 -27.02 14.84
C MET C 57 -17.94 -25.96 13.77
N VAL C 58 -16.97 -26.21 12.88
CA VAL C 58 -16.66 -25.25 11.83
C VAL C 58 -17.86 -25.07 10.90
N GLU C 59 -18.57 -26.16 10.62
CA GLU C 59 -19.72 -26.09 9.72
C GLU C 59 -20.88 -25.37 10.37
N GLN C 60 -21.22 -25.69 11.64
CA GLN C 60 -22.19 -24.81 12.31
C GLN C 60 -21.79 -23.36 12.38
N MET C 61 -20.56 -23.03 12.78
CA MET C 61 -20.25 -21.60 12.82
C MET C 61 -20.41 -20.97 11.45
N HIS C 62 -19.97 -21.67 10.40
CA HIS C 62 -20.10 -21.16 9.04
C HIS C 62 -21.54 -20.84 8.72
N GLU C 63 -22.45 -21.77 9.05
CA GLU C 63 -23.86 -21.55 8.74
C GLU C 63 -24.39 -20.35 9.50
N ASP C 64 -24.00 -20.23 10.77
CA ASP C 64 -24.41 -19.07 11.57
C ASP C 64 -23.96 -17.77 10.93
N ILE C 65 -22.68 -17.68 10.55
CA ILE C 65 -22.16 -16.41 10.03
C ILE C 65 -22.77 -16.09 8.69
N ILE C 66 -23.03 -17.10 7.86
CA ILE C 66 -23.79 -16.85 6.64
C ILE C 66 -25.13 -16.22 6.98
N SER C 67 -25.79 -16.75 8.00
CA SER C 67 -27.10 -16.22 8.36
C SER C 67 -26.98 -14.78 8.87
N LEU C 68 -25.98 -14.53 9.72
CA LEU C 68 -25.70 -13.19 10.24
C LEU C 68 -25.52 -12.21 9.10
N TRP C 69 -24.67 -12.54 8.12
CA TRP C 69 -24.41 -11.63 7.03
C TRP C 69 -25.64 -11.45 6.17
N ASP C 70 -26.47 -12.49 6.02
CA ASP C 70 -27.67 -12.38 5.21
C ASP C 70 -28.68 -11.44 5.84
N GLU C 71 -28.76 -11.42 7.16
CA GLU C 71 -29.69 -10.52 7.82
C GLU C 71 -29.10 -9.12 8.05
N SER C 72 -27.78 -8.98 8.05
CA SER C 72 -27.14 -7.74 8.46
C SER C 72 -26.57 -6.92 7.31
N LEU C 73 -25.90 -7.57 6.35
CA LEU C 73 -25.28 -6.88 5.24
C LEU C 73 -26.05 -7.21 3.97
N LYS C 74 -27.28 -6.77 3.89
CA LYS C 74 -28.07 -7.02 2.71
C LYS C 74 -27.54 -6.24 1.52
N PRO C 75 -27.34 -6.87 0.38
CA PRO C 75 -26.89 -6.13 -0.80
C PRO C 75 -28.07 -5.52 -1.53
N CYS C 76 -27.78 -4.46 -2.27
CA CYS C 76 -28.83 -3.90 -3.12
C CYS C 76 -29.25 -4.91 -4.16
N VAL C 77 -28.29 -5.67 -4.70
CA VAL C 77 -28.57 -6.70 -5.70
C VAL C 77 -27.75 -7.91 -5.34
N LYS C 78 -28.37 -9.08 -5.39
CA LYS C 78 -27.64 -10.34 -5.28
C LYS C 78 -27.85 -11.09 -6.58
N LEU C 79 -26.76 -11.47 -7.25
CA LEU C 79 -26.82 -12.32 -8.43
C LEU C 79 -26.30 -13.69 -8.09
N THR C 80 -27.18 -14.69 -8.06
CA THR C 80 -26.76 -16.08 -7.94
C THR C 80 -27.35 -16.86 -9.10
N GLY C 81 -26.48 -17.41 -9.92
CA GLY C 81 -26.96 -18.19 -11.05
C GLY C 81 -27.72 -17.29 -11.99
N GLY C 82 -28.97 -17.66 -12.26
CA GLY C 82 -29.79 -16.86 -13.14
C GLY C 82 -30.49 -15.71 -12.45
N SER C 83 -30.90 -15.92 -11.20
CA SER C 83 -31.69 -14.96 -10.46
C SER C 83 -30.89 -13.71 -10.12
N ALA C 84 -31.62 -12.61 -9.91
CA ALA C 84 -31.09 -11.40 -9.30
C ALA C 84 -32.08 -10.94 -8.24
N ILE C 85 -31.68 -10.88 -6.97
CA ILE C 85 -32.61 -10.52 -5.90
C ILE C 85 -32.27 -9.07 -5.58
N THR C 86 -33.28 -8.26 -5.31
CA THR C 86 -33.07 -6.85 -5.03
C THR C 86 -33.66 -6.56 -3.65
N GLN C 87 -33.01 -5.72 -2.87
CA GLN C 87 -33.61 -5.35 -1.59
C GLN C 87 -32.98 -4.06 -1.09
N ALA C 88 -33.63 -3.48 -0.09
CA ALA C 88 -33.09 -2.32 0.59
C ALA C 88 -31.72 -2.64 1.13
N CYS C 89 -30.73 -1.79 0.84
CA CYS C 89 -29.36 -1.96 1.32
C CYS C 89 -28.89 -0.75 2.12
N PRO C 90 -29.52 -0.49 3.27
CA PRO C 90 -29.09 0.64 4.10
C PRO C 90 -27.66 0.45 4.55
N LYS C 91 -26.97 1.57 4.77
CA LYS C 91 -25.71 1.58 5.50
C LYS C 91 -25.99 1.25 6.96
N VAL C 92 -25.14 0.42 7.58
CA VAL C 92 -25.44 -0.05 8.92
C VAL C 92 -24.20 0.15 9.77
N SER C 93 -24.35 -0.02 11.08
CA SER C 93 -23.14 -0.04 11.89
C SER C 93 -22.74 -1.48 12.07
N PHE C 94 -21.46 -1.75 11.82
CA PHE C 94 -20.95 -3.10 11.62
C PHE C 94 -19.62 -3.22 12.34
N ASP C 95 -19.58 -3.97 13.43
CA ASP C 95 -18.33 -4.21 14.14
C ASP C 95 -18.40 -5.56 14.84
N PRO C 96 -17.65 -6.58 14.39
CA PRO C 96 -17.87 -7.95 14.89
C PRO C 96 -17.72 -8.05 16.39
N ILE C 97 -18.55 -8.90 17.00
CA ILE C 97 -18.51 -9.15 18.44
C ILE C 97 -18.18 -10.59 18.64
N PRO C 98 -17.66 -11.00 19.80
CA PRO C 98 -17.31 -12.39 20.02
C PRO C 98 -18.54 -13.25 20.21
N LEU C 99 -18.44 -14.50 19.75
CA LEU C 99 -19.50 -15.48 19.88
C LEU C 99 -18.90 -16.72 20.52
N HIS C 100 -19.63 -17.32 21.46
CA HIS C 100 -19.19 -18.56 22.08
C HIS C 100 -20.06 -19.67 21.54
N TYR C 101 -19.46 -20.83 21.25
CA TYR C 101 -20.22 -21.98 20.82
C TYR C 101 -20.29 -22.96 21.97
N CYS C 102 -21.51 -23.40 22.28
CA CYS C 102 -21.78 -24.14 23.51
C CYS C 102 -22.40 -25.49 23.20
N ALA C 103 -21.99 -26.50 23.98
CA ALA C 103 -22.56 -27.83 23.87
C ALA C 103 -23.88 -27.90 24.62
N PRO C 104 -24.93 -28.47 24.02
CA PRO C 104 -26.20 -28.59 24.72
C PRO C 104 -26.13 -29.69 25.78
N ALA C 105 -27.21 -29.78 26.57
CA ALA C 105 -27.29 -30.72 27.68
C ALA C 105 -26.99 -32.15 27.24
N GLY C 106 -26.11 -32.82 27.98
CA GLY C 106 -25.71 -34.17 27.64
C GLY C 106 -24.47 -34.25 26.79
N PHE C 107 -23.95 -33.10 26.33
CA PHE C 107 -22.75 -33.06 25.51
C PHE C 107 -21.75 -32.14 26.18
N ALA C 108 -20.48 -32.33 25.84
CA ALA C 108 -19.43 -31.46 26.32
C ALA C 108 -18.57 -31.02 25.14
N ILE C 109 -17.79 -30.00 25.39
CA ILE C 109 -16.78 -29.56 24.44
C ILE C 109 -15.44 -29.86 25.08
N LEU C 110 -14.60 -30.62 24.37
CA LEU C 110 -13.26 -30.94 24.83
C LEU C 110 -12.28 -29.94 24.27
N LYS C 111 -11.34 -29.50 25.08
CA LYS C 111 -10.44 -28.44 24.65
C LYS C 111 -9.04 -28.94 24.83
N CYS C 112 -8.23 -28.85 23.78
CA CYS C 112 -6.85 -29.29 23.84
C CYS C 112 -6.03 -28.19 24.46
N ASN C 113 -5.33 -28.49 25.56
CA ASN C 113 -4.59 -27.49 26.33
C ASN C 113 -3.12 -27.39 25.95
N ASN C 114 -2.60 -28.26 25.08
CA ASN C 114 -1.19 -28.19 24.68
C ASN C 114 -0.96 -26.92 23.86
N LYS C 115 -0.08 -26.02 24.37
CA LYS C 115 0.20 -24.73 23.71
C LYS C 115 0.64 -24.88 22.26
N THR C 116 1.28 -26.00 21.92
CA THR C 116 1.89 -26.15 20.60
C THR C 116 1.15 -27.14 19.72
N PHE C 117 -0.04 -27.57 20.14
CA PHE C 117 -0.87 -28.44 19.33
C PHE C 117 -1.08 -27.88 17.95
N ASN C 118 -0.80 -28.68 16.92
CA ASN C 118 -0.88 -28.16 15.56
C ASN C 118 -2.26 -28.33 14.95
N GLY C 119 -3.24 -28.83 15.72
CA GLY C 119 -4.61 -28.95 15.28
C GLY C 119 -5.03 -30.35 14.89
N THR C 120 -4.07 -31.28 14.85
CA THR C 120 -4.22 -32.63 14.32
C THR C 120 -3.50 -33.63 15.21
N GLY C 121 -4.15 -34.76 15.45
CA GLY C 121 -3.51 -35.87 16.11
C GLY C 121 -3.82 -35.93 17.59
N PRO C 122 -2.96 -36.60 18.36
CA PRO C 122 -3.23 -36.78 19.79
C PRO C 122 -2.80 -35.57 20.61
N CYS C 123 -3.63 -35.23 21.60
CA CYS C 123 -3.36 -34.12 22.51
C CYS C 123 -3.43 -34.65 23.94
N ARG C 124 -2.37 -34.42 24.74
CA ARG C 124 -2.29 -35.13 26.01
C ARG C 124 -3.06 -34.41 27.13
N ASN C 125 -2.86 -33.10 27.28
CA ASN C 125 -3.54 -32.35 28.34
C ASN C 125 -4.84 -31.75 27.79
N VAL C 126 -5.98 -32.23 28.31
CA VAL C 126 -7.30 -31.95 27.74
C VAL C 126 -8.24 -31.49 28.85
N SER C 127 -9.11 -30.53 28.54
CA SER C 127 -10.15 -30.11 29.47
C SER C 127 -11.53 -30.34 28.85
N THR C 128 -12.54 -30.28 29.69
CA THR C 128 -13.91 -30.27 29.20
C THR C 128 -14.57 -28.98 29.67
N VAL C 129 -15.35 -28.36 28.78
CA VAL C 129 -15.95 -27.03 29.00
C VAL C 129 -17.36 -27.04 28.41
N GLN C 130 -18.19 -26.06 28.84
CA GLN C 130 -19.49 -25.80 28.22
C GLN C 130 -19.37 -25.16 26.85
N CYS C 131 -18.52 -24.15 26.74
CA CYS C 131 -18.50 -23.29 25.58
C CYS C 131 -17.07 -22.98 25.19
N THR C 132 -16.87 -22.67 23.91
CA THR C 132 -15.59 -22.18 23.46
C THR C 132 -15.36 -20.80 24.01
N HIS C 133 -14.13 -20.30 23.84
CA HIS C 133 -13.89 -18.89 24.12
C HIS C 133 -14.66 -18.04 23.13
N GLY C 134 -14.56 -16.73 23.28
CA GLY C 134 -15.32 -15.82 22.43
C GLY C 134 -14.57 -15.62 21.14
N ILE C 135 -15.24 -15.89 20.02
CA ILE C 135 -14.61 -15.84 18.71
C ILE C 135 -15.28 -14.75 17.91
N LYS C 136 -14.51 -13.75 17.48
CA LYS C 136 -15.07 -12.74 16.58
C LYS C 136 -15.15 -13.30 15.16
N PRO C 137 -16.31 -13.30 14.53
CA PRO C 137 -16.37 -13.90 13.17
C PRO C 137 -15.90 -12.94 12.07
N VAL C 138 -14.59 -12.78 11.95
CA VAL C 138 -14.01 -11.78 11.05
C VAL C 138 -13.76 -12.38 9.67
N VAL C 139 -14.45 -11.87 8.67
CA VAL C 139 -14.35 -12.35 7.30
C VAL C 139 -13.21 -11.62 6.60
N SER C 140 -12.24 -12.36 6.10
CA SER C 140 -11.12 -11.74 5.38
C SER C 140 -10.36 -12.81 4.61
N THR C 141 -9.52 -12.37 3.68
CA THR C 141 -8.57 -13.23 3.00
C THR C 141 -7.14 -12.80 3.34
N GLN C 142 -6.19 -13.70 3.04
CA GLN C 142 -4.75 -13.48 3.18
C GLN C 142 -4.32 -13.31 4.62
N LEU C 143 -4.94 -12.41 5.36
CA LEU C 143 -4.55 -12.15 6.74
C LEU C 143 -5.73 -12.43 7.63
N LEU C 144 -5.48 -13.13 8.74
CA LEU C 144 -6.49 -13.35 9.76
C LEU C 144 -6.40 -12.23 10.79
N LEU C 145 -7.53 -11.57 11.06
CA LEU C 145 -7.55 -10.34 11.83
C LEU C 145 -8.28 -10.58 13.14
N ASN C 146 -7.73 -10.04 14.23
CA ASN C 146 -8.46 -9.95 15.49
C ASN C 146 -8.77 -11.33 16.07
N GLY C 147 -7.94 -12.34 15.78
CA GLY C 147 -8.06 -13.62 16.45
C GLY C 147 -7.28 -13.63 17.75
N SER C 148 -7.05 -14.83 18.26
CA SER C 148 -6.27 -14.98 19.48
C SER C 148 -4.90 -15.57 19.16
N LEU C 149 -3.87 -15.07 19.83
CA LEU C 149 -2.55 -15.47 19.42
C LEU C 149 -2.16 -16.81 20.03
N ALA C 150 -1.20 -17.47 19.38
CA ALA C 150 -0.60 -18.67 19.94
C ALA C 150 0.16 -18.32 21.21
N GLU C 151 -0.01 -19.17 22.21
CA GLU C 151 0.49 -18.88 23.54
C GLU C 151 2.00 -18.93 23.59
N GLU C 152 2.62 -19.63 22.65
CA GLU C 152 4.03 -19.77 22.91
C GLU C 152 4.76 -19.51 21.61
N GLU C 153 4.83 -20.49 20.73
CA GLU C 153 5.50 -20.35 19.43
C GLU C 153 4.54 -20.44 18.26
N ILE C 154 4.96 -19.80 17.17
CA ILE C 154 4.22 -19.75 15.91
C ILE C 154 3.92 -21.18 15.46
N ILE C 155 2.63 -21.53 15.34
CA ILE C 155 2.21 -22.86 14.94
C ILE C 155 1.83 -22.83 13.46
N ILE C 156 2.11 -23.92 12.78
CA ILE C 156 1.87 -24.00 11.36
C ILE C 156 0.92 -25.18 11.17
N ARG C 157 -0.31 -24.88 10.71
CA ARG C 157 -1.38 -25.86 10.62
C ARG C 157 -1.69 -26.13 9.15
N SER C 158 -1.94 -27.39 8.84
CA SER C 158 -2.32 -27.73 7.49
C SER C 158 -2.93 -29.11 7.53
N GLU C 159 -3.88 -29.33 6.63
CA GLU C 159 -4.45 -30.67 6.55
C GLU C 159 -3.40 -31.64 6.05
N ASN C 160 -2.39 -31.14 5.34
CA ASN C 160 -1.38 -31.96 4.68
C ASN C 160 -0.35 -31.09 4.01
N LEU C 161 0.78 -30.86 4.68
CA LEU C 161 1.79 -29.93 4.16
C LEU C 161 2.39 -30.39 2.85
N THR C 162 2.31 -31.69 2.53
CA THR C 162 2.88 -32.16 1.27
C THR C 162 2.00 -31.85 0.09
N ASN C 163 0.69 -31.73 0.34
CA ASN C 163 -0.28 -31.30 -0.66
C ASN C 163 -0.23 -29.78 -0.82
N ASN C 164 0.35 -29.28 -1.91
CA ASN C 164 0.38 -27.82 -2.05
C ASN C 164 -1.00 -27.22 -2.22
N ALA C 165 -2.02 -28.02 -2.56
CA ALA C 165 -3.36 -27.50 -2.71
C ALA C 165 -4.06 -27.22 -1.38
N LYS C 166 -3.54 -27.70 -0.24
CA LYS C 166 -4.18 -27.48 1.04
C LYS C 166 -3.71 -26.17 1.66
N THR C 167 -4.65 -25.38 2.14
CA THR C 167 -4.33 -24.09 2.75
C THR C 167 -3.48 -24.28 3.98
N ILE C 168 -2.46 -23.44 4.15
CA ILE C 168 -1.64 -23.41 5.37
C ILE C 168 -2.12 -22.26 6.25
N ILE C 169 -2.44 -22.56 7.51
CA ILE C 169 -2.79 -21.53 8.47
C ILE C 169 -1.59 -21.32 9.36
N VAL C 170 -1.07 -20.10 9.40
CA VAL C 170 0.02 -19.70 10.30
C VAL C 170 -0.61 -18.98 11.48
N HIS C 171 -0.32 -19.45 12.68
CA HIS C 171 -0.86 -18.86 13.91
C HIS C 171 0.26 -18.08 14.59
N LEU C 172 0.15 -16.76 14.62
CA LEU C 172 1.22 -15.94 15.19
C LEU C 172 1.16 -15.94 16.70
N ASN C 173 2.31 -15.71 17.35
CA ASN C 173 2.34 -15.49 18.79
C ASN C 173 2.46 -14.02 19.17
N GLU C 174 2.82 -13.14 18.24
CA GLU C 174 2.76 -11.71 18.41
C GLU C 174 1.90 -11.12 17.31
N SER C 175 0.99 -10.23 17.68
CA SER C 175 0.16 -9.63 16.65
C SER C 175 0.93 -8.51 15.96
N VAL C 176 0.57 -8.26 14.71
CA VAL C 176 1.10 -7.16 13.92
C VAL C 176 -0.05 -6.23 13.60
N ASN C 177 0.09 -4.98 14.01
CA ASN C 177 -0.95 -3.99 13.78
C ASN C 177 -1.09 -3.70 12.30
N ILE C 178 -2.32 -3.54 11.84
CA ILE C 178 -2.56 -3.03 10.49
C ILE C 178 -3.67 -2.00 10.59
N VAL C 179 -3.42 -0.80 10.07
CA VAL C 179 -4.36 0.32 10.15
C VAL C 179 -4.77 0.66 8.74
N CYS C 180 -6.07 0.53 8.46
CA CYS C 180 -6.60 0.80 7.13
C CYS C 180 -7.59 1.94 7.25
N THR C 181 -7.47 2.93 6.36
CA THR C 181 -8.31 4.11 6.44
C THR C 181 -8.67 4.60 5.06
N ARG C 182 -9.94 4.99 4.90
CA ARG C 182 -10.36 5.85 3.81
C ARG C 182 -10.50 7.25 4.38
N PRO C 183 -9.66 8.20 4.02
CA PRO C 183 -9.68 9.50 4.68
C PRO C 183 -10.85 10.35 4.20
N ASN C 184 -11.14 11.42 4.95
CA ASN C 184 -12.23 12.35 4.61
C ASN C 184 -11.96 13.29 3.42
N ASN C 193 -9.81 9.83 -4.54
CA ASN C 193 -11.01 9.03 -4.81
C ASN C 193 -11.81 8.85 -3.53
N ILE C 194 -13.11 8.68 -3.76
CA ILE C 194 -14.06 8.30 -2.72
C ILE C 194 -13.81 6.85 -2.32
N ARG C 195 -13.43 6.02 -3.30
CA ARG C 195 -13.05 4.61 -3.26
C ARG C 195 -11.62 4.35 -2.76
N GLN C 196 -10.75 5.35 -2.63
CA GLN C 196 -9.33 5.02 -2.46
C GLN C 196 -8.96 5.05 -0.99
N ALA C 197 -8.14 4.08 -0.57
CA ALA C 197 -7.75 3.97 0.83
C ALA C 197 -6.38 3.33 0.91
N HIS C 198 -5.85 3.25 2.13
CA HIS C 198 -4.53 2.67 2.31
C HIS C 198 -4.43 2.02 3.67
N CYS C 199 -3.54 1.04 3.80
CA CYS C 199 -3.23 0.42 5.09
C CYS C 199 -1.76 0.65 5.42
N ASN C 200 -1.47 0.85 6.70
CA ASN C 200 -0.11 1.05 7.15
C ASN C 200 0.30 -0.10 8.06
N ILE C 201 1.45 -0.70 7.76
CA ILE C 201 2.05 -1.72 8.61
C ILE C 201 3.48 -1.32 8.90
N ASN C 202 3.87 -1.39 10.16
CA ASN C 202 5.24 -1.09 10.56
C ASN C 202 6.17 -2.14 9.98
N GLU C 203 6.96 -1.79 8.96
CA GLU C 203 7.87 -2.74 8.32
C GLU C 203 8.76 -3.48 9.30
N SER C 204 9.02 -2.93 10.48
CA SER C 204 9.91 -3.62 11.41
C SER C 204 9.27 -4.83 12.10
N LYS C 205 8.10 -4.63 12.68
CA LYS C 205 7.27 -5.72 13.19
C LYS C 205 7.03 -6.79 12.12
N TRP C 206 6.61 -6.36 10.93
CA TRP C 206 6.33 -7.33 9.86
C TRP C 206 7.57 -8.12 9.50
N ASN C 207 8.67 -7.40 9.35
CA ASN C 207 10.00 -7.94 9.15
C ASN C 207 10.31 -9.04 10.17
N ASN C 208 10.08 -8.77 11.44
CA ASN C 208 10.48 -9.74 12.41
C ASN C 208 9.65 -11.00 12.23
N THR C 209 8.33 -10.79 12.12
CA THR C 209 7.41 -11.92 12.11
C THR C 209 7.64 -12.79 10.89
N LEU C 210 7.90 -12.20 9.72
CA LEU C 210 8.18 -13.09 8.60
C LEU C 210 9.52 -13.80 8.79
N GLN C 211 10.44 -13.21 9.55
CA GLN C 211 11.66 -13.94 9.92
C GLN C 211 11.33 -15.20 10.72
N LYS C 212 10.47 -15.08 11.73
CA LYS C 212 10.07 -16.24 12.53
C LYS C 212 9.14 -17.23 11.78
N VAL C 213 8.26 -16.72 10.92
CA VAL C 213 7.45 -17.63 10.12
C VAL C 213 8.35 -18.42 9.20
N GLY C 214 9.36 -17.77 8.60
CA GLY C 214 10.32 -18.49 7.78
C GLY C 214 11.06 -19.56 8.56
N GLU C 215 11.47 -19.26 9.81
CA GLU C 215 12.09 -20.32 10.63
C GLU C 215 11.18 -21.54 10.72
N GLU C 216 9.92 -21.35 11.10
CA GLU C 216 8.99 -22.48 11.28
C GLU C 216 8.75 -23.24 9.97
N LEU C 217 8.52 -22.49 8.89
CA LEU C 217 8.35 -23.15 7.61
C LEU C 217 9.60 -23.93 7.24
N ALA C 218 10.77 -23.46 7.71
CA ALA C 218 12.02 -24.14 7.36
C ALA C 218 12.14 -25.47 8.09
N LYS C 219 11.79 -25.47 9.38
CA LYS C 219 11.64 -26.74 10.08
C LYS C 219 10.85 -27.72 9.24
N HIS C 220 9.74 -27.27 8.62
CA HIS C 220 8.96 -28.27 7.88
C HIS C 220 9.46 -28.53 6.44
N PHE C 221 10.23 -27.64 5.84
CA PHE C 221 10.86 -27.86 4.54
C PHE C 221 12.34 -27.48 4.68
N PRO C 222 13.20 -28.44 5.06
CA PRO C 222 14.52 -28.04 5.59
C PRO C 222 15.63 -27.82 4.57
N SER C 223 15.57 -28.45 3.40
CA SER C 223 16.65 -28.19 2.45
C SER C 223 16.48 -26.85 1.75
N LYS C 224 15.29 -26.27 1.80
CA LYS C 224 14.88 -25.30 0.79
C LYS C 224 14.96 -23.85 1.28
N THR C 225 15.18 -22.95 0.31
CA THR C 225 14.97 -21.53 0.53
C THR C 225 13.47 -21.22 0.58
N ILE C 226 13.08 -20.34 1.52
CA ILE C 226 11.68 -20.02 1.78
C ILE C 226 11.39 -18.62 1.22
N LYS C 227 10.60 -18.56 0.15
CA LYS C 227 10.23 -17.29 -0.51
C LYS C 227 8.76 -16.95 -0.27
N PHE C 228 8.49 -15.67 0.03
CA PHE C 228 7.15 -15.12 0.08
C PHE C 228 6.93 -14.23 -1.14
N GLU C 229 5.85 -14.48 -1.89
CA GLU C 229 5.55 -13.71 -3.10
C GLU C 229 4.07 -13.36 -3.07
N PRO C 230 3.65 -12.35 -3.86
CA PRO C 230 2.23 -12.00 -3.86
C PRO C 230 1.40 -13.10 -4.49
N SER C 231 0.11 -13.02 -4.25
CA SER C 231 -0.82 -13.98 -4.83
C SER C 231 -0.80 -13.91 -6.34
N SER C 232 -0.71 -15.07 -6.97
CA SER C 232 -0.73 -15.17 -8.42
C SER C 232 -2.06 -14.74 -9.03
N GLY C 233 -3.08 -15.60 -8.99
CA GLY C 233 -4.31 -15.31 -9.69
C GLY C 233 -5.55 -15.62 -8.87
N GLY C 234 -6.68 -15.18 -9.40
CA GLY C 234 -7.97 -15.38 -8.76
C GLY C 234 -8.77 -14.12 -8.89
N ASP C 235 -9.94 -14.11 -8.24
CA ASP C 235 -10.68 -12.88 -8.16
C ASP C 235 -10.00 -11.93 -7.18
N LEU C 236 -10.32 -10.65 -7.31
CA LEU C 236 -9.71 -9.65 -6.45
C LEU C 236 -9.86 -10.01 -4.98
N GLU C 237 -10.90 -10.73 -4.61
CA GLU C 237 -11.12 -10.99 -3.19
C GLU C 237 -9.97 -11.80 -2.58
N ILE C 238 -9.30 -12.64 -3.38
CA ILE C 238 -8.24 -13.48 -2.86
C ILE C 238 -6.86 -13.03 -3.30
N THR C 239 -6.75 -12.30 -4.42
CA THR C 239 -5.45 -11.77 -4.81
C THR C 239 -5.09 -10.51 -4.05
N THR C 240 -6.04 -9.93 -3.30
CA THR C 240 -5.75 -8.84 -2.38
C THR C 240 -6.19 -9.29 -0.99
N HIS C 241 -5.80 -8.51 0.00
CA HIS C 241 -6.31 -8.73 1.35
C HIS C 241 -7.64 -8.00 1.40
N SER C 242 -8.75 -8.75 1.37
CA SER C 242 -10.07 -8.15 1.38
C SER C 242 -10.73 -8.41 2.72
N PHE C 243 -11.49 -7.44 3.17
CA PHE C 243 -12.11 -7.50 4.48
C PHE C 243 -13.20 -6.44 4.50
N ASN C 244 -14.08 -6.53 5.49
CA ASN C 244 -15.13 -5.55 5.67
C ASN C 244 -14.79 -4.67 6.87
N CYS C 245 -14.92 -3.36 6.66
CA CYS C 245 -14.60 -2.37 7.66
C CYS C 245 -15.73 -1.35 7.68
N ARG C 246 -16.47 -1.36 8.79
CA ARG C 246 -17.60 -0.48 9.13
C ARG C 246 -18.60 -0.49 7.99
N GLY C 247 -18.71 -1.68 7.42
CA GLY C 247 -19.71 -1.99 6.45
C GLY C 247 -19.20 -1.93 5.03
N GLU C 248 -18.04 -1.31 4.83
CA GLU C 248 -17.46 -1.10 3.52
C GLU C 248 -16.47 -2.22 3.22
N PHE C 249 -16.41 -2.64 1.95
CA PHE C 249 -15.55 -3.76 1.56
C PHE C 249 -14.24 -3.20 1.02
N PHE C 250 -13.14 -3.43 1.76
CA PHE C 250 -11.82 -3.00 1.35
C PHE C 250 -11.08 -4.10 0.61
N TYR C 251 -10.34 -3.72 -0.42
CA TYR C 251 -9.47 -4.62 -1.19
C TYR C 251 -8.09 -3.99 -1.19
N CYS C 252 -7.15 -4.57 -0.44
CA CYS C 252 -5.85 -3.98 -0.19
C CYS C 252 -4.72 -4.78 -0.83
N ASN C 253 -3.94 -4.12 -1.71
CA ASN C 253 -2.87 -4.78 -2.44
C ASN C 253 -1.75 -5.19 -1.49
N THR C 254 -1.31 -6.44 -1.56
CA THR C 254 -0.31 -6.93 -0.61
C THR C 254 1.02 -7.29 -1.26
N SER C 255 1.23 -6.89 -2.51
CA SER C 255 2.48 -7.25 -3.17
C SER C 255 3.71 -6.62 -2.52
N ASP C 256 3.56 -5.57 -1.73
CA ASP C 256 4.69 -5.10 -0.94
C ASP C 256 4.79 -5.80 0.40
N LEU C 257 3.85 -6.67 0.72
CA LEU C 257 3.81 -7.35 2.00
C LEU C 257 4.34 -8.77 1.92
N PHE C 258 3.81 -9.57 0.99
CA PHE C 258 4.27 -10.93 0.76
C PHE C 258 5.29 -10.85 -0.36
N ASN C 259 6.51 -10.52 0.03
CA ASN C 259 7.59 -10.11 -0.88
C ASN C 259 8.89 -10.10 -0.10
N GLY C 260 9.57 -11.24 -0.06
CA GLY C 260 10.72 -11.39 0.81
C GLY C 260 11.30 -12.78 0.70
N THR C 261 12.58 -12.91 1.07
CA THR C 261 13.30 -14.18 1.05
C THR C 261 13.91 -14.51 2.41
N TYR C 262 13.72 -15.76 2.84
CA TYR C 262 14.37 -16.34 4.03
C TYR C 262 15.40 -17.35 3.53
N ARG C 263 16.69 -16.98 3.59
CA ARG C 263 17.78 -17.73 2.96
C ARG C 263 18.59 -18.55 3.95
N ASN C 264 19.41 -17.89 4.77
CA ASN C 264 20.40 -18.62 5.55
C ASN C 264 20.11 -18.38 7.02
N GLY C 265 18.95 -18.82 7.49
CA GLY C 265 18.51 -18.37 8.79
C GLY C 265 18.22 -16.88 8.87
N THR C 266 18.19 -16.17 7.73
CA THR C 266 17.96 -14.73 7.71
C THR C 266 16.83 -14.37 6.74
N TYR C 267 15.96 -13.44 7.16
CA TYR C 267 14.87 -12.96 6.30
C TYR C 267 15.24 -11.62 5.66
N ASN C 268 15.19 -11.55 4.32
CA ASN C 268 15.30 -10.30 3.55
C ASN C 268 13.93 -9.84 3.08
N HIS C 269 13.54 -8.60 3.40
CA HIS C 269 12.32 -8.06 2.85
C HIS C 269 12.57 -7.33 1.53
N THR C 270 11.78 -7.68 0.52
CA THR C 270 11.91 -7.25 -0.87
C THR C 270 10.84 -6.26 -1.30
N GLY C 271 9.76 -6.10 -0.54
CA GLY C 271 8.75 -5.13 -0.91
C GLY C 271 9.15 -3.73 -0.49
N ARG C 272 8.53 -2.73 -1.10
CA ARG C 272 8.91 -1.36 -0.83
C ARG C 272 8.28 -0.86 0.46
N SER C 273 9.09 -0.20 1.30
CA SER C 273 8.62 0.55 2.43
C SER C 273 9.10 1.99 2.32
N SER C 274 8.63 2.85 3.23
CA SER C 274 9.05 4.24 3.25
C SER C 274 8.91 4.75 4.68
N ASN C 275 10.00 5.29 5.22
CA ASN C 275 10.00 5.70 6.62
C ASN C 275 9.67 4.54 7.55
N GLY C 276 10.10 3.33 7.16
CA GLY C 276 9.88 2.17 8.00
C GLY C 276 8.44 1.73 8.08
N THR C 277 7.66 1.99 7.02
CA THR C 277 6.24 1.69 6.95
C THR C 277 5.93 1.11 5.58
N ILE C 278 5.33 -0.09 5.57
CA ILE C 278 4.71 -0.61 4.36
C ILE C 278 3.32 -0.01 4.28
N THR C 279 2.98 0.52 3.12
CA THR C 279 1.66 1.09 2.92
C THR C 279 1.00 0.31 1.79
N LEU C 280 -0.11 -0.36 2.10
CA LEU C 280 -0.90 -1.03 1.08
C LEU C 280 -1.90 -0.07 0.47
N GLN C 281 -1.97 -0.07 -0.86
CA GLN C 281 -2.97 0.70 -1.59
C GLN C 281 -4.27 -0.11 -1.66
N CYS C 282 -5.38 0.49 -1.22
CA CYS C 282 -6.67 -0.19 -1.18
C CYS C 282 -7.72 0.50 -2.05
N LYS C 283 -8.76 -0.27 -2.35
CA LYS C 283 -9.96 0.24 -3.00
C LYS C 283 -11.18 -0.26 -2.23
N ILE C 284 -12.20 0.57 -2.11
CA ILE C 284 -13.50 0.16 -1.60
C ILE C 284 -14.38 -0.17 -2.80
N LYS C 285 -14.95 -1.36 -2.81
CA LYS C 285 -15.65 -1.84 -4.00
C LYS C 285 -17.11 -2.04 -3.68
N GLN C 286 -17.94 -1.98 -4.73
CA GLN C 286 -19.38 -2.16 -4.62
C GLN C 286 -19.83 -3.53 -5.12
N ILE C 287 -19.11 -4.10 -6.09
CA ILE C 287 -19.42 -5.41 -6.65
C ILE C 287 -18.53 -6.44 -5.99
N ILE C 288 -19.12 -7.37 -5.25
CA ILE C 288 -18.42 -8.31 -4.40
C ILE C 288 -18.67 -9.73 -4.89
N ASN C 289 -17.61 -10.52 -5.03
CA ASN C 289 -17.76 -11.96 -5.18
C ASN C 289 -17.99 -12.56 -3.79
N MET C 290 -19.13 -13.21 -3.60
CA MET C 290 -19.54 -13.58 -2.26
C MET C 290 -18.71 -14.74 -1.75
N TRP C 291 -18.40 -14.71 -0.45
CA TRP C 291 -17.76 -15.85 0.17
C TRP C 291 -18.76 -16.92 0.54
N GLN C 292 -20.03 -16.57 0.67
CA GLN C 292 -21.06 -17.49 1.15
C GLN C 292 -21.42 -18.55 0.13
N GLU C 293 -21.43 -18.18 -1.14
CA GLU C 293 -21.82 -19.05 -2.23
C GLU C 293 -21.24 -18.44 -3.49
N VAL C 294 -21.32 -19.19 -4.58
CA VAL C 294 -20.93 -18.64 -5.88
C VAL C 294 -21.98 -17.62 -6.31
N GLY C 295 -21.60 -16.35 -6.33
CA GLY C 295 -22.54 -15.32 -6.71
C GLY C 295 -21.85 -13.99 -6.53
N ARG C 296 -22.49 -12.94 -7.04
CA ARG C 296 -22.02 -11.59 -6.83
C ARG C 296 -23.06 -10.78 -6.06
N ALA C 297 -22.59 -9.81 -5.27
CA ALA C 297 -23.46 -8.93 -4.49
C ALA C 297 -23.07 -7.47 -4.73
N ILE C 298 -24.06 -6.59 -4.87
CA ILE C 298 -23.79 -5.19 -5.18
C ILE C 298 -24.29 -4.31 -4.04
N TYR C 299 -23.43 -3.40 -3.57
CA TYR C 299 -23.69 -2.56 -2.41
C TYR C 299 -23.67 -1.11 -2.83
N ALA C 300 -24.16 -0.24 -1.94
CA ALA C 300 -24.22 1.19 -2.24
C ALA C 300 -22.84 1.83 -2.08
N PRO C 301 -22.64 3.02 -2.67
CA PRO C 301 -21.35 3.71 -2.56
C PRO C 301 -20.96 3.98 -1.12
N PRO C 302 -19.70 4.32 -0.86
CA PRO C 302 -19.23 4.36 0.52
C PRO C 302 -19.89 5.50 1.31
N ILE C 303 -20.08 5.28 2.61
CA ILE C 303 -20.60 6.37 3.44
C ILE C 303 -19.50 7.45 3.51
N GLU C 304 -19.89 8.68 3.83
CA GLU C 304 -18.86 9.71 3.95
C GLU C 304 -18.23 9.74 5.33
N GLY C 305 -17.22 10.59 5.43
CA GLY C 305 -16.35 10.64 6.56
C GLY C 305 -15.13 9.76 6.36
N GLU C 306 -14.46 9.53 7.48
CA GLU C 306 -13.24 8.74 7.48
C GLU C 306 -13.57 7.34 7.93
N ILE C 307 -13.18 6.36 7.14
CA ILE C 307 -13.48 4.98 7.45
C ILE C 307 -12.16 4.32 7.85
N THR C 308 -12.03 3.97 9.13
CA THR C 308 -10.77 3.46 9.65
C THR C 308 -11.00 2.22 10.48
N CYS C 309 -10.20 1.17 10.24
CA CYS C 309 -10.16 0.00 11.10
C CYS C 309 -8.73 -0.19 11.55
N ASN C 310 -8.56 -0.39 12.86
CA ASN C 310 -7.27 -0.62 13.48
C ASN C 310 -7.30 -2.06 13.97
N SER C 311 -6.61 -2.95 13.27
CA SER C 311 -6.80 -4.37 13.53
C SER C 311 -5.46 -4.99 13.92
N ASN C 312 -5.52 -6.15 14.57
CA ASN C 312 -4.35 -6.97 14.82
C ASN C 312 -4.30 -8.07 13.77
N ILE C 313 -3.19 -8.18 13.03
CA ILE C 313 -2.95 -9.41 12.29
C ILE C 313 -2.53 -10.48 13.28
N THR C 314 -3.30 -11.56 13.37
CA THR C 314 -2.95 -12.64 14.27
C THR C 314 -2.66 -13.96 13.56
N GLY C 315 -2.74 -14.01 12.24
CA GLY C 315 -2.44 -15.23 11.52
C GLY C 315 -2.39 -14.93 10.04
N LEU C 316 -1.89 -15.91 9.29
CA LEU C 316 -1.81 -15.79 7.84
C LEU C 316 -2.43 -17.02 7.22
N LEU C 317 -2.94 -16.87 5.99
CA LEU C 317 -3.38 -17.99 5.18
C LEU C 317 -2.47 -18.05 3.96
N LEU C 318 -1.76 -19.16 3.79
CA LEU C 318 -0.75 -19.26 2.74
C LEU C 318 -1.02 -20.47 1.87
N LEU C 319 -0.46 -20.42 0.66
CA LEU C 319 -0.53 -21.50 -0.30
C LEU C 319 0.86 -21.70 -0.87
N ARG C 320 1.35 -22.94 -0.81
CA ARG C 320 2.66 -23.29 -1.38
C ARG C 320 2.55 -23.62 -2.85
N ASP C 321 3.54 -23.21 -3.62
CA ASP C 321 3.61 -23.66 -5.01
C ASP C 321 4.06 -25.11 -5.11
N ASP C 330 17.06 -25.64 -3.86
CA ASP C 330 15.76 -25.63 -4.42
C ASP C 330 14.85 -24.91 -3.44
N THR C 331 13.73 -24.39 -3.95
CA THR C 331 13.02 -23.32 -3.27
C THR C 331 11.57 -23.69 -3.04
N GLU C 332 11.04 -23.32 -1.87
CA GLU C 332 9.61 -23.34 -1.63
C GLU C 332 9.09 -21.92 -1.59
N THR C 333 7.96 -21.68 -2.26
CA THR C 333 7.39 -20.35 -2.41
C THR C 333 5.98 -20.35 -1.85
N PHE C 334 5.70 -19.38 -0.98
CA PHE C 334 4.41 -19.24 -0.32
C PHE C 334 3.76 -17.92 -0.72
N ARG C 335 2.51 -18.01 -1.19
CA ARG C 335 1.73 -16.83 -1.51
C ARG C 335 0.50 -16.76 -0.62
N PRO C 336 -0.05 -15.56 -0.40
CA PRO C 336 -1.23 -15.45 0.45
C PRO C 336 -2.42 -16.13 -0.22
N GLY C 337 -3.27 -16.70 0.61
CA GLY C 337 -4.44 -17.40 0.13
C GLY C 337 -5.71 -16.95 0.81
N GLY C 338 -6.71 -17.81 0.85
CA GLY C 338 -7.98 -17.50 1.44
C GLY C 338 -9.10 -17.71 0.45
N GLY C 339 -10.31 -17.42 0.91
CA GLY C 339 -11.52 -17.50 0.10
C GLY C 339 -12.56 -18.42 0.68
N ASP C 340 -12.14 -19.39 1.47
CA ASP C 340 -13.04 -20.32 2.13
C ASP C 340 -13.10 -19.89 3.59
N MET C 341 -14.16 -19.18 3.99
CA MET C 341 -14.19 -18.64 5.35
C MET C 341 -14.17 -19.73 6.41
N ARG C 342 -14.38 -20.99 6.04
CA ARG C 342 -14.26 -22.03 7.04
C ARG C 342 -12.85 -22.11 7.60
N ASP C 343 -11.83 -21.77 6.80
CA ASP C 343 -10.47 -21.76 7.34
C ASP C 343 -10.32 -20.68 8.41
N ASN C 344 -10.97 -19.53 8.23
CA ASN C 344 -10.99 -18.51 9.28
C ASN C 344 -11.60 -19.06 10.58
N TRP C 345 -12.76 -19.71 10.49
CA TRP C 345 -13.34 -20.27 11.72
C TRP C 345 -12.44 -21.34 12.32
N ARG C 346 -12.05 -22.31 11.50
CA ARG C 346 -11.04 -23.33 11.79
C ARG C 346 -9.84 -22.82 12.57
N SER C 347 -9.35 -21.62 12.25
CA SER C 347 -8.15 -21.13 12.91
C SER C 347 -8.36 -20.86 14.39
N GLU C 348 -9.61 -20.70 14.80
CA GLU C 348 -10.03 -20.42 16.16
C GLU C 348 -10.60 -21.66 16.84
N LEU C 349 -11.29 -22.51 16.09
CA LEU C 349 -11.92 -23.69 16.65
C LEU C 349 -11.02 -24.91 16.69
N TYR C 350 -9.75 -24.78 16.29
CA TYR C 350 -8.91 -25.96 16.09
C TYR C 350 -8.76 -26.78 17.37
N LYS C 351 -8.87 -26.16 18.53
CA LYS C 351 -8.54 -26.86 19.77
C LYS C 351 -9.76 -27.50 20.42
N TYR C 352 -10.88 -27.58 19.72
CA TYR C 352 -12.15 -27.94 20.32
C TYR C 352 -12.76 -29.13 19.57
N LYS C 353 -13.38 -30.02 20.34
CA LYS C 353 -14.16 -31.15 19.84
C LYS C 353 -15.43 -31.25 20.67
N VAL C 354 -16.53 -31.72 20.07
CA VAL C 354 -17.76 -32.03 20.80
C VAL C 354 -17.81 -33.53 21.07
N VAL C 355 -18.19 -33.94 22.30
CA VAL C 355 -18.14 -35.38 22.55
C VAL C 355 -19.48 -35.76 23.17
N GLU C 356 -19.76 -37.07 23.18
CA GLU C 356 -20.70 -37.75 24.08
C GLU C 356 -22.15 -37.39 23.75
N LYS D 6 -27.25 26.93 27.71
CA LYS D 6 -28.10 28.11 27.51
C LYS D 6 -29.61 27.78 27.70
N THR D 7 -29.94 26.48 27.63
CA THR D 7 -31.30 25.95 27.70
C THR D 7 -31.19 24.54 28.29
N THR D 8 -32.32 23.87 28.55
CA THR D 8 -32.25 22.50 29.06
C THR D 8 -32.36 21.50 27.90
N LEU D 9 -31.40 20.57 27.83
CA LEU D 9 -31.36 19.57 26.79
C LEU D 9 -32.13 18.32 27.18
N PHE D 10 -32.41 17.48 26.19
CA PHE D 10 -32.99 16.18 26.46
C PHE D 10 -32.04 15.10 25.95
N CYS D 11 -32.20 13.89 26.49
CA CYS D 11 -31.36 12.78 26.07
C CYS D 11 -32.15 11.86 25.14
N ALA D 12 -31.43 11.30 24.18
CA ALA D 12 -31.92 10.22 23.35
C ALA D 12 -31.07 8.99 23.63
N SER D 13 -31.70 7.84 23.64
CA SER D 13 -30.97 6.62 23.90
C SER D 13 -31.57 5.53 23.05
N ASP D 14 -30.91 4.39 23.06
CA ASP D 14 -31.36 3.27 22.24
C ASP D 14 -31.81 2.13 23.16
N ALA D 15 -32.35 2.48 24.32
CA ALA D 15 -32.68 1.50 25.36
C ALA D 15 -34.00 0.79 25.06
N LYS D 16 -34.15 -0.41 25.64
CA LYS D 16 -35.39 -1.17 25.54
C LYS D 16 -36.13 -1.08 26.86
N ALA D 17 -37.46 -1.05 26.77
CA ALA D 17 -38.26 -1.19 27.98
C ALA D 17 -38.23 -2.59 28.59
N TYR D 18 -37.44 -3.53 28.05
CA TYR D 18 -37.48 -4.93 28.48
C TYR D 18 -36.16 -5.43 29.04
N GLU D 19 -35.09 -4.67 28.89
CA GLU D 19 -33.92 -4.90 29.73
C GLU D 19 -34.32 -4.57 31.15
N LYS D 20 -33.93 -5.43 32.09
CA LYS D 20 -33.84 -4.95 33.46
C LYS D 20 -32.51 -4.32 33.78
N GLU D 21 -31.61 -4.21 32.81
CA GLU D 21 -30.38 -3.48 33.06
C GLU D 21 -30.77 -2.05 33.39
N VAL D 22 -30.16 -1.51 34.46
CA VAL D 22 -30.71 -0.30 35.06
C VAL D 22 -30.48 0.94 34.20
N HIS D 23 -29.39 1.00 33.42
CA HIS D 23 -29.28 2.13 32.49
C HIS D 23 -30.43 2.13 31.51
N ASN D 24 -30.79 0.94 30.99
CA ASN D 24 -31.92 0.83 30.06
C ASN D 24 -33.21 1.32 30.71
N VAL D 25 -33.49 0.86 31.94
CA VAL D 25 -34.72 1.27 32.63
C VAL D 25 -34.76 2.78 32.78
N TRP D 26 -33.67 3.35 33.30
CA TRP D 26 -33.64 4.79 33.52
C TRP D 26 -33.88 5.51 32.22
N ALA D 27 -33.20 5.06 31.15
CA ALA D 27 -33.27 5.77 29.88
C ALA D 27 -34.64 5.68 29.24
N THR D 28 -35.32 4.53 29.39
CA THR D 28 -36.67 4.45 28.83
C THR D 28 -37.62 5.37 29.60
N HIS D 29 -37.37 5.62 30.87
CA HIS D 29 -38.21 6.63 31.53
C HIS D 29 -37.78 8.05 31.19
N ALA D 30 -36.50 8.29 30.90
CA ALA D 30 -35.98 9.65 30.92
C ALA D 30 -35.61 10.18 29.55
N CYS D 31 -35.44 9.31 28.56
CA CYS D 31 -34.93 9.72 27.26
C CYS D 31 -35.91 9.33 26.16
N VAL D 32 -35.75 9.97 25.01
CA VAL D 32 -36.60 9.70 23.85
C VAL D 32 -35.78 8.81 22.93
N PRO D 33 -36.37 8.13 21.96
CA PRO D 33 -35.54 7.29 21.08
C PRO D 33 -34.71 8.15 20.14
N THR D 34 -33.68 7.53 19.60
CA THR D 34 -32.72 8.22 18.76
C THR D 34 -33.21 8.33 17.33
N ASP D 35 -32.82 9.41 16.66
CA ASP D 35 -33.08 9.56 15.24
C ASP D 35 -32.28 8.53 14.43
N PRO D 36 -32.95 7.78 13.57
CA PRO D 36 -32.23 6.79 12.76
C PRO D 36 -31.30 7.44 11.74
N ASN D 37 -31.60 8.63 11.25
CA ASN D 37 -30.57 9.43 10.57
C ASN D 37 -30.56 10.81 11.19
N PRO D 38 -29.53 11.14 11.99
CA PRO D 38 -29.34 12.52 12.42
C PRO D 38 -28.99 13.38 11.22
N GLN D 39 -29.38 14.66 11.32
CA GLN D 39 -28.93 15.71 10.41
C GLN D 39 -27.58 16.25 10.87
N GLU D 40 -26.72 16.64 9.92
CA GLU D 40 -25.50 17.36 10.21
C GLU D 40 -25.17 18.37 9.13
N MET D 41 -24.75 19.57 9.55
CA MET D 41 -24.50 20.71 8.67
C MET D 41 -23.10 21.26 8.92
N VAL D 42 -22.10 20.71 8.18
CA VAL D 42 -20.82 21.40 7.95
C VAL D 42 -20.96 22.90 7.75
N LEU D 43 -19.87 23.61 8.10
CA LEU D 43 -19.67 25.03 7.96
C LEU D 43 -18.18 25.37 8.17
N ALA D 44 -17.29 25.03 7.21
CA ALA D 44 -15.82 25.15 7.39
C ALA D 44 -15.29 26.60 7.33
N ASN D 45 -16.14 27.58 7.01
CA ASN D 45 -15.73 28.99 7.07
C ASN D 45 -15.85 29.57 8.49
N VAL D 46 -16.77 29.03 9.30
CA VAL D 46 -17.41 29.79 10.38
C VAL D 46 -16.41 30.22 11.44
N THR D 47 -15.69 29.26 12.01
CA THR D 47 -14.83 29.47 13.18
C THR D 47 -15.59 29.98 14.40
N GLU D 48 -15.70 29.13 15.44
CA GLU D 48 -16.25 29.53 16.72
C GLU D 48 -15.39 29.04 17.87
N ASN D 49 -15.72 29.59 19.04
CA ASN D 49 -14.98 29.42 20.27
C ASN D 49 -15.66 28.39 21.18
N PHE D 50 -14.89 27.45 21.69
CA PHE D 50 -15.40 26.49 22.66
C PHE D 50 -14.58 26.60 23.93
N ASN D 51 -15.17 26.17 25.05
CA ASN D 51 -14.40 26.03 26.28
C ASN D 51 -14.98 24.84 27.03
N MET D 52 -14.29 23.69 26.94
CA MET D 52 -14.82 22.47 27.53
C MET D 52 -14.87 22.56 29.04
N TRP D 53 -14.15 23.51 29.64
CA TRP D 53 -14.07 23.62 31.08
C TRP D 53 -15.19 24.46 31.65
N LYS D 54 -15.94 25.17 30.82
CA LYS D 54 -17.13 25.91 31.24
C LYS D 54 -18.17 25.60 30.17
N ASN D 55 -18.88 24.50 30.36
CA ASN D 55 -19.76 23.94 29.36
C ASN D 55 -20.95 23.42 30.11
N ASP D 56 -22.11 24.02 29.90
CA ASP D 56 -23.25 23.67 30.73
C ASP D 56 -23.81 22.31 30.38
N MET D 57 -23.47 21.80 29.19
CA MET D 57 -23.82 20.43 28.89
C MET D 57 -23.24 19.47 29.93
N VAL D 58 -22.04 19.77 30.44
CA VAL D 58 -21.41 18.92 31.43
C VAL D 58 -22.25 18.89 32.71
N GLU D 59 -22.82 20.03 33.08
CA GLU D 59 -23.63 20.11 34.29
C GLU D 59 -24.95 19.37 34.13
N GLN D 60 -25.67 19.57 33.00
CA GLN D 60 -26.81 18.67 32.79
C GLN D 60 -26.45 17.20 32.76
N MET D 61 -25.42 16.78 32.04
CA MET D 61 -25.15 15.35 32.06
C MET D 61 -24.87 14.86 33.47
N HIS D 62 -24.11 15.66 34.24
CA HIS D 62 -23.80 15.30 35.62
C HIS D 62 -25.06 15.07 36.41
N GLU D 63 -26.03 16.00 36.28
CA GLU D 63 -27.27 15.87 37.05
C GLU D 63 -28.01 14.63 36.64
N ASP D 64 -28.05 14.35 35.34
CA ASP D 64 -28.70 13.14 34.84
C ASP D 64 -28.08 11.89 35.46
N ILE D 65 -26.76 11.79 35.42
CA ILE D 65 -26.11 10.56 35.87
C ILE D 65 -26.25 10.41 37.37
N ILE D 66 -26.22 11.51 38.13
CA ILE D 66 -26.55 11.42 39.55
C ILE D 66 -27.92 10.82 39.72
N SER D 67 -28.88 11.27 38.91
CA SER D 67 -30.24 10.76 39.05
C SER D 67 -30.30 9.27 38.69
N LEU D 68 -29.62 8.89 37.60
CA LEU D 68 -29.54 7.50 37.18
C LEU D 68 -29.01 6.62 38.30
N TRP D 69 -27.89 7.03 38.91
CA TRP D 69 -27.30 6.22 39.97
C TRP D 69 -28.19 6.18 41.19
N ASP D 70 -28.91 7.27 41.47
CA ASP D 70 -29.80 7.31 42.63
C ASP D 70 -30.96 6.34 42.47
N GLU D 71 -31.46 6.19 41.25
CA GLU D 71 -32.55 5.26 41.03
C GLU D 71 -32.08 3.83 40.78
N SER D 72 -30.84 3.63 40.38
CA SER D 72 -30.36 2.32 39.93
C SER D 72 -29.46 1.61 40.93
N LEU D 73 -28.52 2.32 41.54
CA LEU D 73 -27.57 1.72 42.46
C LEU D 73 -27.89 2.23 43.86
N LYS D 74 -29.03 1.84 44.39
CA LYS D 74 -29.40 2.26 45.72
C LYS D 74 -28.53 1.58 46.75
N PRO D 75 -27.95 2.33 47.70
CA PRO D 75 -27.17 1.70 48.75
C PRO D 75 -28.06 1.21 49.88
N CYS D 76 -27.55 0.22 50.61
CA CYS D 76 -28.27 -0.20 51.80
C CYS D 76 -28.32 0.94 52.80
N VAL D 77 -27.25 1.70 52.91
CA VAL D 77 -27.18 2.84 53.83
C VAL D 77 -26.51 3.99 53.08
N LYS D 78 -27.07 5.17 53.20
CA LYS D 78 -26.41 6.37 52.72
C LYS D 78 -26.19 7.27 53.92
N LEU D 79 -24.94 7.68 54.16
CA LEU D 79 -24.62 8.65 55.20
C LEU D 79 -24.22 9.96 54.56
N THR D 80 -25.05 10.97 54.71
CA THR D 80 -24.69 12.32 54.30
C THR D 80 -24.86 13.26 55.48
N GLY D 81 -23.77 13.85 55.92
CA GLY D 81 -23.87 14.77 57.04
C GLY D 81 -24.29 14.00 58.26
N GLY D 82 -25.39 14.45 58.88
CA GLY D 82 -25.87 13.77 60.07
C GLY D 82 -26.78 12.60 59.77
N SER D 83 -27.56 12.69 58.70
CA SER D 83 -28.55 11.69 58.36
C SER D 83 -27.91 10.38 57.93
N ALA D 84 -28.67 9.30 58.10
CA ALA D 84 -28.38 8.00 57.48
C ALA D 84 -29.66 7.47 56.86
N ILE D 85 -29.68 7.27 55.54
CA ILE D 85 -30.91 6.84 54.87
C ILE D 85 -30.71 5.34 54.63
N THR D 86 -31.75 4.55 54.79
CA THR D 86 -31.65 3.11 54.61
C THR D 86 -32.65 2.72 53.53
N GLN D 87 -32.30 1.76 52.69
CA GLN D 87 -33.28 1.28 51.72
C GLN D 87 -32.85 -0.07 51.19
N ALA D 88 -33.80 -0.73 50.53
CA ALA D 88 -33.51 -1.98 49.84
C ALA D 88 -32.38 -1.78 48.86
N CYS D 89 -31.36 -2.64 48.92
CA CYS D 89 -30.20 -2.57 48.02
C CYS D 89 -30.04 -3.88 47.25
N PRO D 90 -31.00 -4.23 46.40
CA PRO D 90 -30.86 -5.46 45.61
C PRO D 90 -29.65 -5.38 44.70
N LYS D 91 -29.08 -6.55 44.41
CA LYS D 91 -28.12 -6.68 43.32
C LYS D 91 -28.84 -6.50 41.99
N VAL D 92 -28.24 -5.78 41.05
CA VAL D 92 -28.95 -5.44 39.83
C VAL D 92 -28.05 -5.78 38.65
N SER D 93 -28.60 -5.73 37.45
CA SER D 93 -27.73 -5.86 36.30
C SER D 93 -27.39 -4.46 35.84
N PHE D 94 -26.10 -4.22 35.64
CA PHE D 94 -25.54 -2.88 35.51
C PHE D 94 -24.52 -2.90 34.39
N ASP D 95 -24.82 -2.27 33.27
CA ASP D 95 -23.86 -2.15 32.19
C ASP D 95 -24.15 -0.88 31.39
N PRO D 96 -23.29 0.14 31.46
CA PRO D 96 -23.64 1.46 30.90
C PRO D 96 -23.99 1.40 29.43
N ILE D 97 -24.96 2.21 29.03
CA ILE D 97 -25.39 2.30 27.63
C ILE D 97 -25.12 3.70 27.18
N PRO D 98 -25.00 3.95 25.86
CA PRO D 98 -24.73 5.31 25.39
C PRO D 98 -25.95 6.19 25.50
N LEU D 99 -25.71 7.47 25.76
CA LEU D 99 -26.75 8.48 25.87
C LEU D 99 -26.38 9.62 24.94
N HIS D 100 -27.36 10.14 24.21
CA HIS D 100 -27.14 11.29 23.36
C HIS D 100 -27.78 12.50 24.00
N TYR D 101 -27.11 13.64 23.96
CA TYR D 101 -27.68 14.87 24.48
C TYR D 101 -28.12 15.73 23.31
N CYS D 102 -29.38 16.18 23.34
CA CYS D 102 -30.03 16.79 22.20
C CYS D 102 -30.50 18.19 22.53
N ALA D 103 -30.35 19.10 21.54
CA ALA D 103 -30.84 20.47 21.69
C ALA D 103 -32.34 20.51 21.39
N PRO D 104 -33.13 21.18 22.23
CA PRO D 104 -34.57 21.28 21.95
C PRO D 104 -34.83 22.26 20.82
N ALA D 105 -36.11 22.31 20.40
CA ALA D 105 -36.54 23.13 19.27
C ALA D 105 -36.10 24.58 19.43
N GLY D 106 -35.49 25.13 18.38
CA GLY D 106 -35.01 26.49 18.42
C GLY D 106 -33.55 26.60 18.82
N PHE D 107 -32.92 25.50 19.21
CA PHE D 107 -31.52 25.48 19.61
C PHE D 107 -30.80 24.46 18.76
N ALA D 108 -29.49 24.63 18.67
CA ALA D 108 -28.65 23.68 17.97
C ALA D 108 -27.47 23.32 18.85
N ILE D 109 -26.80 22.25 18.49
CA ILE D 109 -25.55 21.87 19.12
C ILE D 109 -24.48 22.05 18.05
N LEU D 110 -23.45 22.84 18.37
CA LEU D 110 -22.33 23.06 17.47
C LEU D 110 -21.23 22.06 17.79
N LYS D 111 -20.60 21.51 16.79
CA LYS D 111 -19.61 20.47 17.03
C LYS D 111 -18.34 20.90 16.36
N CYS D 112 -17.24 20.88 17.09
CA CYS D 112 -15.96 21.25 16.54
C CYS D 112 -15.38 20.05 15.82
N ASN D 113 -15.06 20.21 14.54
CA ASN D 113 -14.62 19.10 13.70
C ASN D 113 -13.10 18.97 13.58
N ASN D 114 -12.33 19.91 14.14
CA ASN D 114 -10.88 19.83 14.08
C ASN D 114 -10.39 18.64 14.93
N LYS D 115 -9.74 17.66 14.27
CA LYS D 115 -9.26 16.44 14.94
C LYS D 115 -8.38 16.72 16.14
N THR D 116 -7.66 17.84 16.15
CA THR D 116 -6.66 18.10 17.17
C THR D 116 -7.07 19.21 18.12
N PHE D 117 -8.32 19.63 18.05
CA PHE D 117 -8.85 20.63 18.98
C PHE D 117 -8.60 20.22 20.42
N ASN D 118 -8.01 21.12 21.20
CA ASN D 118 -7.65 20.75 22.56
C ASN D 118 -8.77 21.04 23.56
N GLY D 119 -9.92 21.50 23.09
CA GLY D 119 -11.08 21.72 23.93
C GLY D 119 -11.35 23.18 24.26
N THR D 120 -10.42 24.07 23.90
CA THR D 120 -10.39 25.46 24.29
C THR D 120 -9.98 26.33 23.12
N GLY D 121 -10.67 27.46 22.96
CA GLY D 121 -10.26 28.46 22.01
C GLY D 121 -11.03 28.37 20.71
N PRO D 122 -10.46 28.93 19.64
CA PRO D 122 -11.18 28.96 18.35
C PRO D 122 -11.04 27.66 17.58
N CYS D 123 -12.14 27.25 16.95
CA CYS D 123 -12.19 26.04 16.14
C CYS D 123 -12.72 26.42 14.75
N ARG D 124 -11.97 26.07 13.69
CA ARG D 124 -12.29 26.63 12.38
C ARG D 124 -13.39 25.83 11.66
N ASN D 125 -13.25 24.50 11.60
CA ASN D 125 -14.25 23.67 10.90
C ASN D 125 -15.31 23.20 11.90
N VAL D 126 -16.55 23.66 11.73
CA VAL D 126 -17.61 23.50 12.72
C VAL D 126 -18.87 22.97 12.03
N SER D 127 -19.60 22.08 12.70
CA SER D 127 -20.89 21.61 12.21
C SER D 127 -21.98 21.96 13.20
N THR D 128 -23.21 21.85 12.74
CA THR D 128 -24.36 21.96 13.63
C THR D 128 -25.14 20.65 13.56
N VAL D 129 -25.59 20.15 14.71
CA VAL D 129 -26.24 18.85 14.84
C VAL D 129 -27.39 18.97 15.84
N GLN D 130 -28.32 17.99 15.81
CA GLN D 130 -29.36 17.85 16.85
C GLN D 130 -28.80 17.36 18.18
N CYS D 131 -27.97 16.33 18.11
CA CYS D 131 -27.58 15.59 19.30
C CYS D 131 -26.10 15.26 19.24
N THR D 132 -25.52 15.09 20.42
CA THR D 132 -24.15 14.60 20.50
C THR D 132 -24.11 13.15 20.05
N HIS D 133 -22.90 12.62 19.89
CA HIS D 133 -22.77 11.19 19.71
C HIS D 133 -23.19 10.48 20.99
N GLY D 134 -23.15 9.15 20.96
CA GLY D 134 -23.60 8.38 22.10
C GLY D 134 -22.49 8.29 23.09
N ILE D 135 -22.76 8.70 24.33
CA ILE D 135 -21.74 8.76 25.37
C ILE D 135 -22.12 7.78 26.46
N LYS D 136 -21.27 6.81 26.74
CA LYS D 136 -21.50 5.92 27.88
C LYS D 136 -21.13 6.63 29.17
N PRO D 137 -22.02 6.75 30.14
CA PRO D 137 -21.64 7.48 31.36
C PRO D 137 -20.85 6.63 32.36
N VAL D 138 -19.56 6.43 32.07
CA VAL D 138 -18.74 5.51 32.85
C VAL D 138 -18.05 6.25 33.99
N VAL D 139 -18.38 5.87 35.22
CA VAL D 139 -17.85 6.49 36.42
C VAL D 139 -16.55 5.78 36.81
N SER D 140 -15.46 6.53 36.89
CA SER D 140 -14.18 5.95 37.27
C SER D 140 -13.20 7.06 37.64
N THR D 141 -12.12 6.69 38.29
CA THR D 141 -10.98 7.57 38.54
C THR D 141 -9.75 7.05 37.82
N GLN D 142 -8.74 7.93 37.68
CA GLN D 142 -7.42 7.65 37.11
C GLN D 142 -7.48 7.29 35.64
N LEU D 143 -8.33 6.35 35.25
CA LEU D 143 -8.38 5.93 33.85
C LEU D 143 -9.79 6.16 33.36
N LEU D 144 -9.91 6.73 32.15
CA LEU D 144 -11.19 6.89 31.50
C LEU D 144 -11.45 5.66 30.63
N LEU D 145 -12.60 5.01 30.81
CA LEU D 145 -12.88 3.72 30.23
C LEU D 145 -13.98 3.85 29.20
N ASN D 146 -13.82 3.18 28.06
CA ASN D 146 -14.92 2.98 27.12
C ASN D 146 -15.38 4.31 26.51
N GLY D 147 -14.51 5.30 26.40
CA GLY D 147 -14.82 6.51 25.67
C GLY D 147 -14.50 6.36 24.20
N SER D 148 -14.43 7.49 23.51
CA SER D 148 -14.09 7.47 22.09
C SER D 148 -12.70 8.04 21.88
N LEU D 149 -11.94 7.42 20.99
CA LEU D 149 -10.54 7.80 20.92
C LEU D 149 -10.37 9.06 20.07
N ALA D 150 -9.25 9.74 20.29
CA ALA D 150 -8.85 10.85 19.44
C ALA D 150 -8.54 10.34 18.05
N GLU D 151 -9.00 11.08 17.05
CA GLU D 151 -8.96 10.63 15.68
C GLU D 151 -7.54 10.61 15.14
N GLU D 152 -6.66 11.37 15.74
CA GLU D 152 -5.41 11.43 15.03
C GLU D 152 -4.30 11.28 16.06
N GLU D 153 -3.94 12.34 16.76
CA GLU D 153 -2.89 12.31 17.78
C GLU D 153 -3.43 12.56 19.18
N ILE D 154 -2.68 12.04 20.15
CA ILE D 154 -2.99 12.14 21.57
C ILE D 154 -3.11 13.61 21.93
N ILE D 155 -4.30 14.04 22.41
CA ILE D 155 -4.56 15.43 22.78
C ILE D 155 -4.43 15.56 24.28
N ILE D 156 -3.94 16.71 24.71
CA ILE D 156 -3.71 16.95 26.12
C ILE D 156 -4.55 18.17 26.46
N ARG D 157 -5.57 17.98 27.32
CA ARG D 157 -6.55 19.01 27.64
C ARG D 157 -6.38 19.45 29.08
N SER D 158 -6.50 20.74 29.32
CA SER D 158 -6.42 21.23 30.67
C SER D 158 -7.00 22.62 30.67
N GLU D 159 -7.62 22.98 31.79
CA GLU D 159 -8.11 24.34 31.89
C GLU D 159 -6.96 25.32 31.92
N ASN D 160 -5.78 24.85 32.33
CA ASN D 160 -4.61 25.70 32.54
C ASN D 160 -3.42 24.86 32.94
N LEU D 161 -2.56 24.51 31.97
CA LEU D 161 -1.45 23.60 32.24
C LEU D 161 -0.46 24.18 33.23
N THR D 162 -0.42 25.50 33.41
CA THR D 162 0.53 26.08 34.35
C THR D 162 0.06 25.92 35.79
N ASN D 163 -1.25 25.84 35.98
CA ASN D 163 -1.86 25.56 37.28
C ASN D 163 -1.77 24.07 37.58
N ASN D 164 -0.86 23.66 38.48
CA ASN D 164 -0.79 22.23 38.78
C ASN D 164 -2.06 21.70 39.44
N ALA D 165 -2.90 22.57 40.00
CA ALA D 165 -4.14 22.14 40.62
C ALA D 165 -5.23 21.75 39.62
N LYS D 166 -5.09 22.09 38.34
CA LYS D 166 -6.11 21.74 37.35
C LYS D 166 -5.87 20.36 36.78
N THR D 167 -6.93 19.56 36.71
CA THR D 167 -6.83 18.21 36.19
C THR D 167 -6.41 18.23 34.72
N ILE D 168 -5.50 17.33 34.35
CA ILE D 168 -5.12 17.14 32.94
C ILE D 168 -5.87 15.93 32.40
N ILE D 169 -6.57 16.11 31.28
CA ILE D 169 -7.22 15.00 30.60
C ILE D 169 -6.36 14.65 29.40
N VAL D 170 -5.90 13.40 29.34
CA VAL D 170 -5.16 12.86 28.20
C VAL D 170 -6.13 12.05 27.37
N HIS D 171 -6.25 12.37 26.10
CA HIS D 171 -7.15 11.68 25.17
C HIS D 171 -6.32 10.79 24.26
N LEU D 172 -6.44 9.48 24.42
CA LEU D 172 -5.61 8.56 23.65
C LEU D 172 -6.16 8.40 22.23
N ASN D 173 -5.27 8.06 21.28
CA ASN D 173 -5.71 7.68 19.93
C ASN D 173 -5.73 6.18 19.72
N GLU D 174 -5.09 5.39 20.58
CA GLU D 174 -5.22 3.94 20.60
C GLU D 174 -5.68 3.51 21.97
N SER D 175 -6.67 2.63 22.03
CA SER D 175 -7.13 2.18 23.32
C SER D 175 -6.19 1.11 23.84
N VAL D 176 -6.13 1.01 25.17
CA VAL D 176 -5.37 -0.02 25.87
C VAL D 176 -6.36 -0.86 26.64
N ASN D 177 -6.38 -2.15 26.36
CA ASN D 177 -7.29 -3.07 27.01
C ASN D 177 -6.95 -3.20 28.49
N ILE D 178 -7.97 -3.25 29.33
CA ILE D 178 -7.76 -3.62 30.73
C ILE D 178 -8.86 -4.59 31.11
N VAL D 179 -8.46 -5.74 31.65
CA VAL D 179 -9.37 -6.82 32.00
C VAL D 179 -9.33 -7.01 33.50
N CYS D 180 -10.46 -6.78 34.17
CA CYS D 180 -10.54 -6.90 35.62
C CYS D 180 -11.52 -8.00 35.95
N THR D 181 -11.12 -8.88 36.86
CA THR D 181 -11.95 -10.03 37.18
C THR D 181 -11.85 -10.35 38.66
N ARG D 182 -13.01 -10.68 39.25
CA ARG D 182 -13.06 -11.40 40.51
C ARG D 182 -13.39 -12.84 40.17
N PRO D 183 -12.48 -13.78 40.35
CA PRO D 183 -12.71 -15.16 39.88
C PRO D 183 -13.67 -15.89 40.81
N ASN D 184 -14.20 -17.02 40.33
CA ASN D 184 -15.12 -17.86 41.09
C ASN D 184 -14.50 -18.68 42.24
N ASN D 193 -9.89 -14.49 48.65
CA ASN D 193 -10.94 -13.62 49.19
C ASN D 193 -12.09 -13.54 48.22
N ILE D 194 -13.25 -13.28 48.83
CA ILE D 194 -14.48 -12.98 48.11
C ILE D 194 -14.37 -11.60 47.49
N ARG D 195 -13.68 -10.69 48.20
CA ARG D 195 -13.32 -9.31 47.88
C ARG D 195 -12.14 -9.16 46.92
N GLN D 196 -11.36 -10.20 46.64
CA GLN D 196 -10.07 -9.96 45.99
C GLN D 196 -10.19 -10.15 44.49
N ALA D 197 -9.55 -9.27 43.73
CA ALA D 197 -9.62 -9.33 42.28
C ALA D 197 -8.35 -8.76 41.68
N HIS D 198 -8.24 -8.82 40.36
CA HIS D 198 -7.04 -8.33 39.70
C HIS D 198 -7.38 -7.83 38.31
N CYS D 199 -6.56 -6.89 37.80
CA CYS D 199 -6.68 -6.44 36.42
C CYS D 199 -5.41 -6.76 35.67
N ASN D 200 -5.54 -7.11 34.39
CA ASN D 200 -4.40 -7.41 33.55
C ASN D 200 -4.29 -6.39 32.45
N ILE D 201 -3.10 -5.80 32.29
CA ILE D 201 -2.81 -4.91 31.18
C ILE D 201 -1.54 -5.40 30.50
N ASN D 202 -1.58 -5.48 29.17
CA ASN D 202 -0.41 -5.88 28.40
C ASN D 202 0.66 -4.81 28.53
N GLU D 203 1.74 -5.09 29.29
CA GLU D 203 2.81 -4.11 29.49
C GLU D 203 3.33 -3.51 28.19
N SER D 204 3.21 -4.19 27.07
CA SER D 204 3.75 -3.65 25.82
C SER D 204 2.93 -2.49 25.24
N LYS D 205 1.63 -2.70 25.09
CA LYS D 205 0.70 -1.63 24.75
C LYS D 205 0.80 -0.45 25.72
N TRP D 206 0.80 -0.73 27.02
CA TRP D 206 0.88 0.35 28.01
C TRP D 206 2.17 1.12 27.86
N ASN D 207 3.26 0.37 27.73
CA ASN D 207 4.59 0.89 27.43
C ASN D 207 4.57 1.85 26.25
N ASN D 208 3.93 1.45 25.17
CA ASN D 208 4.02 2.31 24.00
C ASN D 208 3.28 3.61 24.30
N THR D 209 2.07 3.47 24.84
CA THR D 209 1.20 4.62 25.02
C THR D 209 1.83 5.61 26.00
N LEU D 210 2.45 5.14 27.08
CA LEU D 210 3.09 6.13 27.95
C LEU D 210 4.29 6.76 27.25
N GLN D 211 4.91 6.05 26.32
CA GLN D 211 5.95 6.69 25.50
C GLN D 211 5.39 7.87 24.71
N LYS D 212 4.25 7.68 24.04
CA LYS D 212 3.61 8.77 23.29
C LYS D 212 3.00 9.87 24.18
N VAL D 213 2.43 9.49 25.32
CA VAL D 213 1.92 10.51 26.24
C VAL D 213 3.09 11.36 26.73
N GLY D 214 4.22 10.73 27.05
CA GLY D 214 5.40 11.49 27.42
C GLY D 214 5.86 12.44 26.33
N GLU D 215 5.84 11.99 25.06
CA GLU D 215 6.17 12.93 23.98
C GLU D 215 5.29 14.18 24.03
N GLU D 216 3.96 14.00 24.10
CA GLU D 216 3.05 15.14 24.10
C GLU D 216 3.24 16.04 25.32
N LEU D 217 3.36 15.43 26.50
CA LEU D 217 3.61 16.22 27.69
C LEU D 217 4.92 16.98 27.54
N ALA D 218 5.87 16.42 26.78
CA ALA D 218 7.17 17.08 26.64
C ALA D 218 7.07 18.31 25.75
N LYS D 219 6.32 18.20 24.66
CA LYS D 219 5.96 19.39 23.89
C LYS D 219 5.48 20.49 24.83
N HIS D 220 4.64 20.16 25.82
CA HIS D 220 4.14 21.25 26.66
C HIS D 220 5.07 21.65 27.81
N PHE D 221 6.00 20.78 28.24
CA PHE D 221 7.01 21.13 29.24
C PHE D 221 8.36 20.67 28.68
N PRO D 222 9.06 21.54 27.94
CA PRO D 222 10.14 21.04 27.06
C PRO D 222 11.52 20.87 27.70
N SER D 223 11.84 21.63 28.74
CA SER D 223 13.16 21.42 29.32
C SER D 223 13.22 20.17 30.18
N LYS D 224 12.07 19.64 30.60
CA LYS D 224 12.01 18.81 31.78
C LYS D 224 11.92 17.31 31.45
N THR D 225 12.42 16.51 32.40
CA THR D 225 12.15 15.07 32.43
C THR D 225 10.71 14.84 32.88
N ILE D 226 10.03 13.89 32.23
CA ILE D 226 8.62 13.59 32.46
C ILE D 226 8.52 12.28 33.24
N LYS D 227 8.11 12.35 34.52
CA LYS D 227 7.96 11.19 35.39
C LYS D 227 6.50 10.89 35.67
N PHE D 228 6.14 9.59 35.62
CA PHE D 228 4.84 9.09 36.06
C PHE D 228 5.02 8.35 37.37
N GLU D 229 4.25 8.72 38.40
CA GLU D 229 4.35 8.09 39.72
C GLU D 229 2.94 7.81 40.21
N PRO D 230 2.78 6.91 41.20
CA PRO D 230 1.44 6.62 41.69
C PRO D 230 0.86 7.80 42.43
N SER D 231 -0.45 7.76 42.61
CA SER D 231 -1.13 8.81 43.35
C SER D 231 -0.63 8.89 44.77
N SER D 232 -0.34 10.12 45.21
CA SER D 232 0.13 10.37 46.57
C SER D 232 -0.95 10.07 47.61
N GLY D 233 -1.92 10.97 47.80
CA GLY D 233 -2.87 10.80 48.89
C GLY D 233 -4.31 11.07 48.47
N GLY D 234 -5.21 10.74 49.38
CA GLY D 234 -6.62 10.93 49.17
C GLY D 234 -7.35 9.72 49.69
N ASP D 235 -8.67 9.69 49.44
CA ASP D 235 -9.41 8.49 49.74
C ASP D 235 -9.08 7.42 48.71
N LEU D 236 -9.36 6.17 49.08
CA LEU D 236 -9.06 5.06 48.20
C LEU D 236 -9.66 5.28 46.81
N GLU D 237 -10.77 5.98 46.72
CA GLU D 237 -11.42 6.11 45.41
C GLU D 237 -10.54 6.80 44.39
N ILE D 238 -9.64 7.69 44.83
CA ILE D 238 -8.80 8.43 43.91
C ILE D 238 -7.35 7.96 43.95
N THR D 239 -6.89 7.36 45.04
CA THR D 239 -5.54 6.80 45.06
C THR D 239 -5.46 5.46 44.37
N THR D 240 -6.59 4.85 44.04
CA THR D 240 -6.62 3.66 43.20
C THR D 240 -7.48 3.97 41.98
N HIS D 241 -7.44 3.07 41.01
CA HIS D 241 -8.35 3.18 39.88
C HIS D 241 -9.63 2.50 40.33
N SER D 242 -10.66 3.30 40.63
CA SER D 242 -11.92 2.76 41.10
C SER D 242 -12.97 2.91 40.03
N PHE D 243 -13.84 1.92 39.97
CA PHE D 243 -14.85 1.88 38.92
C PHE D 243 -15.90 0.86 39.37
N ASN D 244 -17.05 0.89 38.70
CA ASN D 244 -18.11 -0.06 38.98
C ASN D 244 -18.17 -1.08 37.85
N CYS D 245 -18.23 -2.35 38.24
CA CYS D 245 -18.25 -3.46 37.30
C CYS D 245 -19.34 -4.43 37.76
N ARG D 246 -20.41 -4.49 36.94
CA ARG D 246 -21.58 -5.37 37.09
C ARG D 246 -22.18 -5.19 38.47
N GLY D 247 -22.08 -3.95 38.91
CA GLY D 247 -22.72 -3.48 40.12
C GLY D 247 -21.78 -3.43 41.29
N GLU D 248 -20.62 -4.07 41.18
CA GLU D 248 -19.65 -4.16 42.25
C GLU D 248 -18.61 -3.06 42.10
N PHE D 249 -18.13 -2.51 43.22
CA PHE D 249 -17.19 -1.40 43.19
C PHE D 249 -15.79 -1.95 43.34
N PHE D 250 -14.99 -1.85 42.27
CA PHE D 250 -13.60 -2.28 42.28
C PHE D 250 -12.66 -1.14 42.63
N TYR D 251 -11.62 -1.44 43.40
CA TYR D 251 -10.56 -0.51 43.74
C TYR D 251 -9.26 -1.19 43.37
N CYS D 252 -8.60 -0.73 42.30
CA CYS D 252 -7.44 -1.40 41.71
C CYS D 252 -6.17 -0.58 41.88
N ASN D 253 -5.15 -1.17 42.52
CA ASN D 253 -3.90 -0.49 42.80
C ASN D 253 -3.15 -0.24 41.50
N THR D 254 -2.69 1.00 41.28
CA THR D 254 -2.04 1.35 40.02
C THR D 254 -0.58 1.72 40.17
N SER D 255 0.03 1.43 41.31
CA SER D 255 1.42 1.82 41.50
C SER D 255 2.37 1.07 40.57
N ASP D 256 1.97 -0.05 39.99
CA ASP D 256 2.79 -0.65 38.95
C ASP D 256 2.46 -0.10 37.57
N LEU D 257 1.47 0.77 37.47
CA LEU D 257 1.02 1.30 36.19
C LEU D 257 1.55 2.71 35.95
N PHE D 258 1.35 3.62 36.90
CA PHE D 258 1.88 4.98 36.81
C PHE D 258 3.20 4.97 37.55
N ASN D 259 4.24 4.55 36.83
CA ASN D 259 5.54 4.20 37.40
C ASN D 259 6.53 4.05 36.25
N GLY D 260 7.16 5.14 35.86
CA GLY D 260 7.97 5.16 34.65
C GLY D 260 8.56 6.52 34.43
N THR D 261 9.66 6.55 33.65
CA THR D 261 10.35 7.80 33.30
C THR D 261 10.50 7.95 31.79
N TYR D 262 10.18 9.15 31.29
CA TYR D 262 10.43 9.58 29.91
C TYR D 262 11.57 10.60 29.94
N ARG D 263 12.76 10.17 29.51
CA ARG D 263 14.01 10.93 29.66
C ARG D 263 14.46 11.62 28.38
N ASN D 264 14.98 10.82 27.44
CA ASN D 264 15.66 11.43 26.30
C ASN D 264 14.92 11.05 25.03
N GLY D 265 13.67 11.48 24.91
CA GLY D 265 12.83 10.91 23.88
C GLY D 265 12.52 9.45 24.07
N THR D 266 12.85 8.85 25.23
CA THR D 266 12.63 7.44 25.49
C THR D 266 11.88 7.24 26.79
N TYR D 267 10.91 6.31 26.79
CA TYR D 267 10.14 5.96 27.99
C TYR D 267 10.70 4.67 28.64
N ASN D 268 11.08 4.75 29.92
CA ASN D 268 11.43 3.59 30.75
C ASN D 268 10.28 3.25 31.68
N HIS D 269 9.80 2.00 31.64
CA HIS D 269 8.80 1.57 32.62
C HIS D 269 9.47 0.97 33.85
N THR D 270 9.04 1.45 35.02
CA THR D 270 9.61 1.17 36.33
C THR D 270 8.73 0.27 37.20
N GLY D 271 7.46 0.08 36.83
CA GLY D 271 6.62 -0.79 37.61
C GLY D 271 6.86 -2.24 37.25
N ARG D 272 6.45 -3.15 38.15
CA ARG D 272 6.73 -4.56 37.92
C ARG D 272 5.71 -5.17 36.96
N SER D 273 6.21 -5.93 36.00
CA SER D 273 5.39 -6.79 35.16
C SER D 273 5.88 -8.22 35.29
N SER D 274 5.14 -9.16 34.67
CA SER D 274 5.51 -10.57 34.67
C SER D 274 4.92 -11.21 33.43
N ASN D 275 5.77 -11.85 32.64
CA ASN D 275 5.32 -12.42 31.36
C ASN D 275 4.72 -11.33 30.46
N GLY D 276 5.26 -10.12 30.55
CA GLY D 276 4.78 -9.04 29.70
C GLY D 276 3.39 -8.54 30.04
N THR D 277 3.00 -8.66 31.31
CA THR D 277 1.68 -8.29 31.80
C THR D 277 1.82 -7.56 33.11
N ILE D 278 1.27 -6.34 33.18
CA ILE D 278 1.07 -5.66 34.46
C ILE D 278 -0.22 -6.19 35.05
N THR D 279 -0.18 -6.60 36.31
CA THR D 279 -1.37 -7.07 36.99
C THR D 279 -1.63 -6.16 38.17
N LEU D 280 -2.77 -5.48 38.15
CA LEU D 280 -3.18 -4.67 39.28
C LEU D 280 -3.94 -5.52 40.29
N GLN D 281 -3.59 -5.37 41.56
CA GLN D 281 -4.30 -6.02 42.65
C GLN D 281 -5.51 -5.16 43.03
N CYS D 282 -6.70 -5.75 43.05
CA CYS D 282 -7.93 -5.03 43.35
C CYS D 282 -8.65 -5.57 44.56
N LYS D 283 -9.54 -4.73 45.11
CA LYS D 283 -10.46 -5.12 46.15
C LYS D 283 -11.86 -4.65 45.76
N ILE D 284 -12.87 -5.45 46.07
CA ILE D 284 -14.27 -5.03 45.96
C ILE D 284 -14.71 -4.55 47.32
N LYS D 285 -15.24 -3.33 47.38
CA LYS D 285 -15.52 -2.71 48.67
C LYS D 285 -17.01 -2.48 48.81
N GLN D 286 -17.45 -2.39 50.07
CA GLN D 286 -18.85 -2.16 50.41
C GLN D 286 -19.11 -0.73 50.86
N ILE D 287 -18.11 -0.09 51.49
CA ILE D 287 -18.22 1.29 51.96
C ILE D 287 -17.58 2.19 50.92
N ILE D 288 -18.37 3.06 50.31
CA ILE D 288 -17.97 3.88 49.18
C ILE D 288 -18.05 5.34 49.58
N ASN D 289 -16.98 6.10 49.27
CA ASN D 289 -17.08 7.55 49.29
C ASN D 289 -17.73 8.02 48.00
N MET D 290 -18.88 8.70 48.11
CA MET D 290 -19.69 8.94 46.93
C MET D 290 -19.06 10.00 46.06
N TRP D 291 -19.18 9.82 44.74
CA TRP D 291 -18.77 10.86 43.82
C TRP D 291 -19.83 11.93 43.66
N GLN D 292 -21.08 11.61 44.00
CA GLN D 292 -22.20 12.52 43.76
C GLN D 292 -22.20 13.70 44.72
N GLU D 293 -21.81 13.46 45.96
CA GLU D 293 -21.82 14.46 47.01
C GLU D 293 -20.88 13.96 48.08
N VAL D 294 -20.59 14.83 49.05
CA VAL D 294 -19.81 14.41 50.21
C VAL D 294 -20.67 13.48 51.05
N GLY D 295 -20.31 12.21 51.10
CA GLY D 295 -21.09 11.26 51.88
C GLY D 295 -20.50 9.89 51.63
N ARG D 296 -20.94 8.94 52.44
CA ARG D 296 -20.59 7.54 52.25
C ARG D 296 -21.82 6.71 51.95
N ALA D 297 -21.63 5.64 51.17
CA ALA D 297 -22.70 4.71 50.81
C ALA D 297 -22.27 3.28 51.09
N ILE D 298 -23.16 2.46 51.62
CA ILE D 298 -22.83 1.09 51.99
C ILE D 298 -23.67 0.11 51.18
N TYR D 299 -23.02 -0.86 50.56
CA TYR D 299 -23.63 -1.82 49.65
C TYR D 299 -23.50 -3.22 50.20
N ALA D 300 -24.25 -4.16 49.62
CA ALA D 300 -24.21 -5.53 50.08
C ALA D 300 -22.97 -6.26 49.57
N PRO D 301 -22.60 -7.37 50.19
CA PRO D 301 -21.41 -8.13 49.76
C PRO D 301 -21.51 -8.57 48.31
N PRO D 302 -20.40 -9.00 47.71
CA PRO D 302 -20.40 -9.19 46.25
C PRO D 302 -21.28 -10.38 45.86
N ILE D 303 -21.88 -10.30 44.67
CA ILE D 303 -22.64 -11.44 44.17
C ILE D 303 -21.64 -12.57 43.88
N GLU D 304 -22.11 -13.81 43.85
CA GLU D 304 -21.18 -14.88 43.52
C GLU D 304 -21.03 -15.09 42.03
N GLY D 305 -20.11 -15.98 41.71
CA GLY D 305 -19.65 -16.19 40.37
C GLY D 305 -18.43 -15.36 40.07
N GLU D 306 -18.15 -15.26 38.78
CA GLU D 306 -16.99 -14.55 38.31
C GLU D 306 -17.44 -13.18 37.82
N ILE D 307 -16.80 -12.13 38.33
CA ILE D 307 -17.17 -10.78 37.98
C ILE D 307 -16.06 -10.23 37.10
N THR D 308 -16.35 -10.02 35.82
CA THR D 308 -15.31 -9.62 34.88
C THR D 308 -15.79 -8.47 34.02
N CYS D 309 -14.94 -7.45 33.87
CA CYS D 309 -15.18 -6.36 32.92
C CYS D 309 -13.97 -6.28 32.02
N ASN D 310 -14.23 -6.23 30.71
CA ASN D 310 -13.20 -6.13 29.69
C ASN D 310 -13.37 -4.74 29.07
N SER D 311 -12.50 -3.81 29.42
CA SER D 311 -12.75 -2.42 29.06
C SER D 311 -11.61 -1.91 28.20
N ASN D 312 -11.87 -0.83 27.48
CA ASN D 312 -10.83 -0.08 26.77
C ASN D 312 -10.44 1.12 27.62
N ILE D 313 -9.15 1.27 27.95
CA ILE D 313 -8.68 2.56 28.44
C ILE D 313 -8.59 3.49 27.25
N THR D 314 -9.33 4.59 27.29
CA THR D 314 -9.28 5.56 26.20
C THR D 314 -8.78 6.94 26.63
N GLY D 315 -8.43 7.12 27.90
CA GLY D 315 -7.91 8.40 28.33
C GLY D 315 -7.38 8.25 29.74
N LEU D 316 -6.66 9.28 30.18
CA LEU D 316 -6.13 9.32 31.53
C LEU D 316 -6.51 10.64 32.17
N LEU D 317 -6.60 10.63 33.50
CA LEU D 317 -6.75 11.85 34.29
C LEU D 317 -5.49 12.00 35.14
N LEU D 318 -4.75 13.09 34.95
CA LEU D 318 -3.46 13.25 35.61
C LEU D 318 -3.43 14.56 36.37
N LEU D 319 -2.52 14.61 37.34
CA LEU D 319 -2.26 15.80 38.14
C LEU D 319 -0.76 16.00 38.21
N ARG D 320 -0.31 17.19 37.86
CA ARG D 320 1.11 17.56 37.93
C ARG D 320 1.49 18.03 39.32
N ASP D 321 2.67 17.68 39.78
CA ASP D 321 3.18 18.25 41.01
C ASP D 321 3.65 19.70 40.80
N ASP D 330 15.56 19.55 35.42
CA ASP D 330 14.51 19.64 36.37
C ASP D 330 13.33 18.87 35.81
N THR D 331 12.43 18.44 36.70
CA THR D 331 11.53 17.34 36.41
C THR D 331 10.09 17.75 36.61
N GLU D 332 9.21 17.28 35.73
CA GLU D 332 7.78 17.34 35.95
C GLU D 332 7.27 15.94 36.24
N THR D 333 6.41 15.83 37.26
CA THR D 333 5.91 14.54 37.73
C THR D 333 4.39 14.54 37.66
N PHE D 334 3.83 13.50 37.03
CA PHE D 334 2.40 13.33 36.84
C PHE D 334 1.91 12.11 37.59
N ARG D 335 0.88 12.29 38.41
CA ARG D 335 0.23 11.19 39.08
C ARG D 335 -1.22 11.07 38.65
N PRO D 336 -1.81 9.89 38.75
CA PRO D 336 -3.21 9.74 38.34
C PRO D 336 -4.11 10.53 39.27
N GLY D 337 -5.18 11.04 38.69
CA GLY D 337 -6.13 11.84 39.45
C GLY D 337 -7.55 11.38 39.26
N GLY D 338 -8.50 12.27 39.44
CA GLY D 338 -9.91 11.95 39.32
C GLY D 338 -10.64 12.31 40.59
N GLY D 339 -11.95 12.03 40.58
CA GLY D 339 -12.82 12.24 41.71
C GLY D 339 -13.99 13.15 41.39
N ASP D 340 -13.84 14.01 40.41
CA ASP D 340 -14.90 14.89 39.97
C ASP D 340 -15.43 14.32 38.66
N MET D 341 -16.57 13.61 38.71
CA MET D 341 -17.03 12.94 37.50
C MET D 341 -17.35 13.91 36.36
N ARG D 342 -17.41 15.20 36.64
CA ARG D 342 -17.63 16.12 35.54
C ARG D 342 -16.46 16.09 34.56
N ASP D 343 -15.25 15.79 35.02
CA ASP D 343 -14.14 15.67 34.08
C ASP D 343 -14.33 14.47 33.15
N ASN D 344 -14.90 13.38 33.65
CA ASN D 344 -15.27 12.25 32.78
C ASN D 344 -16.25 12.69 31.70
N TRP D 345 -17.32 13.39 32.08
CA TRP D 345 -18.27 13.85 31.04
C TRP D 345 -17.60 14.81 30.07
N ARG D 346 -16.96 15.84 30.61
CA ARG D 346 -16.09 16.77 29.89
C ARG D 346 -15.20 16.14 28.83
N SER D 347 -14.64 14.96 29.13
CA SER D 347 -13.72 14.35 28.17
C SER D 347 -14.40 13.93 26.88
N GLU D 348 -15.72 13.78 26.92
CA GLU D 348 -16.56 13.39 25.79
C GLU D 348 -17.30 14.57 25.18
N LEU D 349 -17.71 15.53 26.02
CA LEU D 349 -18.49 16.66 25.56
C LEU D 349 -17.63 17.83 25.10
N TYR D 350 -16.31 17.69 25.08
CA TYR D 350 -15.44 18.84 24.87
C TYR D 350 -15.70 19.53 23.53
N LYS D 351 -16.17 18.79 22.53
CA LYS D 351 -16.26 19.33 21.19
C LYS D 351 -17.62 19.95 20.89
N TYR D 352 -18.46 20.16 21.91
CA TYR D 352 -19.85 20.50 21.70
C TYR D 352 -20.18 21.78 22.46
N LYS D 353 -21.01 22.61 21.84
CA LYS D 353 -21.58 23.83 22.42
C LYS D 353 -23.05 23.89 22.03
N VAL D 354 -23.89 24.46 22.90
CA VAL D 354 -25.30 24.76 22.57
C VAL D 354 -25.42 26.21 22.16
N VAL D 355 -26.17 26.51 21.08
CA VAL D 355 -26.19 27.91 20.67
C VAL D 355 -27.67 28.28 20.46
N GLU D 356 -27.92 29.60 20.39
CA GLU D 356 -29.09 30.22 19.78
C GLU D 356 -30.36 29.95 20.58
#